data_4TVW
#
_entry.id   4TVW
#
_cell.length_a   91.354
_cell.length_b   99.932
_cell.length_c   107.284
_cell.angle_alpha   90.00
_cell.angle_beta   105.79
_cell.angle_gamma   90.00
#
_symmetry.space_group_name_H-M   'P 1 21 1'
#
loop_
_entity.id
_entity.type
_entity.pdbx_description
1 polymer 'Lipoate-protein ligase A'
2 non-polymer "5'-O-{[5-(7-hydroxy-3-oxo-3H-phenoxazin-2-yl)pentanoyl]sulfamoyl}adenosine"
#
_entity_poly.entity_id   1
_entity_poly.type   'polypeptide(L)'
_entity_poly.pdbx_seq_one_letter_code
;GSHMSTLRLLISDSYDPWFNLAVAECIFRQMPATQRVLFLWRNADTVVIGRAQNPWKECNTRRMEEDNVRLARRSSGGGA
VFHDLGNTCFTFMAGKPEYDKTISTSIVLNALNALGVSAEASGRNDLVVKTVEGDRKVSGSAYRETKDRGAHGGTLLLNA
DLSRLANYLNPDKKKLAAKGITSVRSRVTNLTELLPGITHEQVCEAITEAFFAHYGERVEAEIISPNKTPDLPNFAETFA
RQSSWEWNFGQAPAFSHLLDERFTWGGVELHFDVEKGHITRAQVFTDSLNPAPLEALAGRLQGCLYRADMLQQECEALLV
DFPEQEKELRELSAWMAGAVR
;
_entity_poly.pdbx_strand_id   A,B,C,D
#
loop_
_chem_comp.id
_chem_comp.type
_chem_comp.name
_chem_comp.formula
37P non-polymer 5'-O-{[5-(7-hydroxy-3-oxo-3H-phenoxazin-2-yl)pentanoyl]sulfamoyl}adenosine 'C27 H27 N7 O10 S'
#
# COMPACT_ATOMS: atom_id res chain seq x y z
N SER A 5 30.92 -5.78 46.05
CA SER A 5 31.28 -4.51 45.42
C SER A 5 30.23 -4.08 44.41
N THR A 6 30.44 -2.92 43.80
CA THR A 6 29.48 -2.36 42.86
C THR A 6 29.97 -2.46 41.41
N LEU A 7 31.27 -2.67 41.24
CA LEU A 7 31.86 -2.72 39.90
C LEU A 7 32.11 -4.15 39.44
N ARG A 8 32.35 -4.31 38.14
CA ARG A 8 32.74 -5.59 37.58
C ARG A 8 33.60 -5.39 36.33
N LEU A 9 34.80 -5.95 36.33
CA LEU A 9 35.70 -5.81 35.20
C LEU A 9 35.92 -7.15 34.50
N LEU A 10 35.63 -7.20 33.21
CA LEU A 10 35.78 -8.42 32.43
C LEU A 10 36.73 -8.22 31.26
N ILE A 11 37.71 -9.11 31.13
CA ILE A 11 38.61 -9.08 29.98
C ILE A 11 38.40 -10.35 29.14
N SER A 12 38.19 -10.17 27.84
CA SER A 12 38.01 -11.30 26.95
C SER A 12 39.32 -11.67 26.27
N ASP A 13 39.68 -12.95 26.34
CA ASP A 13 40.86 -13.46 25.64
C ASP A 13 40.42 -14.23 24.40
N SER A 14 39.17 -14.02 23.99
CA SER A 14 38.62 -14.63 22.79
C SER A 14 38.50 -13.58 21.68
N TYR A 15 38.72 -14.00 20.45
CA TYR A 15 38.67 -13.07 19.32
C TYR A 15 37.46 -13.33 18.44
N ASP A 16 36.70 -14.37 18.80
CA ASP A 16 35.45 -14.69 18.12
C ASP A 16 34.44 -13.58 18.40
N PRO A 17 34.06 -12.83 17.35
CA PRO A 17 33.13 -11.70 17.52
C PRO A 17 31.76 -12.16 18.01
N TRP A 18 31.38 -13.37 17.62
CA TRP A 18 30.12 -13.96 18.09
C TRP A 18 30.20 -14.24 19.58
N PHE A 19 31.35 -14.74 20.02
CA PHE A 19 31.57 -15.11 21.40
C PHE A 19 31.43 -13.92 22.34
N ASN A 20 32.19 -12.87 22.06
CA ASN A 20 32.20 -11.69 22.92
C ASN A 20 30.84 -11.02 23.01
N LEU A 21 30.11 -10.98 21.89
CA LEU A 21 28.76 -10.43 21.87
C LEU A 21 27.84 -11.28 22.74
N ALA A 22 27.99 -12.59 22.65
CA ALA A 22 27.20 -13.51 23.46
C ALA A 22 27.47 -13.32 24.95
N VAL A 23 28.69 -12.92 25.28
CA VAL A 23 29.06 -12.63 26.67
C VAL A 23 28.31 -11.39 27.18
N ALA A 24 28.38 -10.31 26.42
CA ALA A 24 27.65 -9.10 26.73
C ALA A 24 26.16 -9.38 26.83
N GLU A 25 25.63 -10.08 25.82
CA GLU A 25 24.22 -10.46 25.78
C GLU A 25 23.83 -11.27 27.02
N CYS A 26 24.79 -11.96 27.62
CA CYS A 26 24.53 -12.74 28.83
C CYS A 26 24.88 -11.96 30.10
N ILE A 27 25.81 -11.02 29.99
CA ILE A 27 26.12 -10.14 31.11
C ILE A 27 25.03 -9.07 31.26
N PHE A 28 24.53 -8.58 30.12
CA PHE A 28 23.53 -7.52 30.12
C PHE A 28 22.25 -7.92 30.86
N ARG A 29 21.88 -9.19 30.78
CA ARG A 29 20.68 -9.68 31.45
C ARG A 29 20.98 -10.13 32.88
N GLN A 30 22.07 -10.89 33.04
CA GLN A 30 22.47 -11.43 34.34
C GLN A 30 22.83 -10.33 35.34
N MET A 31 23.26 -9.18 34.82
CA MET A 31 23.73 -8.07 35.64
C MET A 31 22.74 -7.64 36.72
N PRO A 32 23.22 -7.59 37.98
CA PRO A 32 22.43 -7.02 39.07
C PRO A 32 22.21 -5.54 38.81
N ALA A 33 21.00 -5.04 39.07
CA ALA A 33 20.63 -3.67 38.70
C ALA A 33 21.53 -2.57 39.29
N THR A 34 22.14 -2.86 40.44
CA THR A 34 22.98 -1.88 41.12
C THR A 34 24.42 -1.89 40.63
N GLN A 35 24.74 -2.80 39.71
CA GLN A 35 26.12 -3.01 39.28
C GLN A 35 26.54 -2.05 38.16
N ARG A 36 27.84 -1.80 38.07
CA ARG A 36 28.40 -0.97 37.00
C ARG A 36 29.54 -1.74 36.32
N VAL A 37 29.30 -2.18 35.09
CA VAL A 37 30.20 -3.12 34.41
C VAL A 37 31.06 -2.46 33.32
N LEU A 38 32.35 -2.80 33.32
CA LEU A 38 33.22 -2.50 32.18
C LEU A 38 33.61 -3.81 31.52
N PHE A 39 33.51 -3.85 30.19
CA PHE A 39 33.89 -5.04 29.42
C PHE A 39 34.93 -4.64 28.38
N LEU A 40 36.10 -5.27 28.44
CA LEU A 40 37.17 -4.98 27.50
C LEU A 40 37.47 -6.19 26.62
N TRP A 41 37.44 -5.98 25.30
CA TRP A 41 37.54 -7.09 24.35
C TRP A 41 38.08 -6.67 22.98
N ARG A 42 38.51 -7.67 22.21
CA ARG A 42 39.00 -7.46 20.84
C ARG A 42 38.29 -8.41 19.89
N ASN A 43 38.38 -8.11 18.59
CA ASN A 43 37.85 -9.01 17.57
C ASN A 43 38.77 -9.10 16.36
N ALA A 44 39.00 -10.32 15.89
CA ALA A 44 39.88 -10.54 14.76
C ALA A 44 39.12 -10.63 13.45
N ASP A 45 39.40 -9.70 12.54
CA ASP A 45 38.80 -9.69 11.21
C ASP A 45 37.29 -9.90 11.22
N THR A 46 36.55 -8.85 11.59
CA THR A 46 35.09 -8.87 11.48
C THR A 46 34.42 -7.55 11.08
N VAL A 47 33.31 -7.63 10.36
CA VAL A 47 32.49 -6.47 10.12
C VAL A 47 31.25 -6.53 11.01
N VAL A 48 31.14 -5.58 11.94
CA VAL A 48 30.05 -5.57 12.91
C VAL A 48 28.98 -4.54 12.56
N ILE A 49 27.75 -5.03 12.36
CA ILE A 49 26.63 -4.18 11.97
C ILE A 49 25.61 -4.03 13.10
N GLY A 50 24.78 -2.99 13.03
CA GLY A 50 23.77 -2.73 14.05
C GLY A 50 22.49 -3.51 13.82
N ARG A 51 21.64 -3.56 14.84
CA ARG A 51 20.40 -4.34 14.82
C ARG A 51 19.50 -4.05 13.62
N ALA A 52 19.47 -2.78 13.20
CA ALA A 52 18.54 -2.35 12.17
C ALA A 52 19.22 -2.16 10.80
N GLN A 53 20.28 -2.91 10.54
CA GLN A 53 21.04 -2.75 9.30
C GLN A 53 20.92 -3.91 8.31
N ASN A 54 21.23 -3.60 7.05
CA ASN A 54 21.19 -4.59 5.97
C ASN A 54 22.62 -4.91 5.53
N PRO A 55 23.09 -6.13 5.84
CA PRO A 55 24.48 -6.53 5.61
C PRO A 55 24.93 -6.39 4.15
N TRP A 56 24.14 -6.89 3.21
CA TRP A 56 24.47 -6.81 1.79
C TRP A 56 24.57 -5.36 1.31
N LYS A 57 23.88 -4.47 2.00
CA LYS A 57 23.78 -3.07 1.61
C LYS A 57 24.83 -2.22 2.33
N GLU A 58 25.21 -2.64 3.54
CA GLU A 58 26.10 -1.84 4.38
C GLU A 58 27.57 -2.22 4.26
N CYS A 59 27.85 -3.46 3.88
CA CYS A 59 29.24 -3.92 3.74
C CYS A 59 29.40 -4.93 2.61
N ASN A 60 30.64 -5.14 2.20
CA ASN A 60 30.94 -6.07 1.11
C ASN A 60 30.89 -7.51 1.60
N THR A 61 29.68 -8.03 1.75
CA THR A 61 29.46 -9.38 2.26
C THR A 61 30.05 -10.48 1.38
N ARG A 62 30.26 -10.16 0.10
CA ARG A 62 30.85 -11.12 -0.83
C ARG A 62 32.36 -11.20 -0.66
N ARG A 63 33.03 -10.05 -0.58
CA ARG A 63 34.47 -9.98 -0.38
C ARG A 63 34.88 -10.64 0.93
N MET A 64 34.06 -10.44 1.96
CA MET A 64 34.28 -11.03 3.27
C MET A 64 34.24 -12.55 3.21
N GLU A 65 33.30 -13.09 2.43
CA GLU A 65 33.14 -14.53 2.30
C GLU A 65 34.36 -15.15 1.62
N GLU A 66 34.87 -14.48 0.60
CA GLU A 66 36.07 -14.94 -0.10
C GLU A 66 37.25 -14.95 0.85
N ASP A 67 37.28 -13.99 1.78
CA ASP A 67 38.44 -13.78 2.63
C ASP A 67 38.22 -14.28 4.07
N ASN A 68 37.15 -15.04 4.28
CA ASN A 68 36.81 -15.56 5.61
C ASN A 68 36.71 -14.50 6.71
N VAL A 69 36.14 -13.35 6.37
CA VAL A 69 35.91 -12.30 7.36
C VAL A 69 34.48 -12.36 7.89
N ARG A 70 34.35 -12.62 9.19
CA ARG A 70 33.06 -12.89 9.81
C ARG A 70 32.17 -11.65 9.86
N LEU A 71 30.86 -11.86 9.81
CA LEU A 71 29.90 -10.79 9.96
C LEU A 71 29.13 -10.95 11.25
N ALA A 72 29.00 -9.87 12.03
CA ALA A 72 28.30 -9.94 13.30
C ALA A 72 27.31 -8.80 13.45
N ARG A 73 26.07 -9.14 13.81
CA ARG A 73 25.04 -8.15 14.06
C ARG A 73 24.91 -7.87 15.56
N ARG A 74 25.44 -6.74 16.00
CA ARG A 74 25.39 -6.38 17.42
C ARG A 74 23.99 -5.95 17.86
N SER A 75 23.66 -6.24 19.11
CA SER A 75 22.32 -6.00 19.65
C SER A 75 22.01 -4.51 19.78
N SER A 76 23.05 -3.68 19.72
CA SER A 76 22.88 -2.23 19.80
C SER A 76 22.72 -1.71 18.38
N GLY A 77 22.72 -0.39 18.24
CA GLY A 77 22.36 0.27 16.99
C GLY A 77 23.60 0.73 16.24
N GLY A 78 23.53 1.92 15.66
CA GLY A 78 24.67 2.49 14.96
C GLY A 78 24.84 1.96 13.55
N GLY A 79 26.04 2.15 12.99
CA GLY A 79 26.32 1.75 11.62
C GLY A 79 27.26 0.56 11.52
N ALA A 80 27.80 0.34 10.31
CA ALA A 80 28.69 -0.79 10.08
C ALA A 80 30.15 -0.41 10.31
N VAL A 81 30.87 -1.21 11.09
CA VAL A 81 32.29 -0.98 11.36
C VAL A 81 33.13 -2.26 11.19
N PHE A 82 34.43 -2.08 10.94
CA PHE A 82 35.33 -3.21 10.74
C PHE A 82 36.22 -3.46 11.96
N HIS A 83 36.23 -4.70 12.44
CA HIS A 83 37.05 -5.06 13.58
C HIS A 83 38.28 -5.86 13.15
N ASP A 84 39.38 -5.65 13.88
CA ASP A 84 40.68 -6.19 13.52
C ASP A 84 41.40 -6.18 14.86
N LEU A 85 42.49 -6.91 14.99
CA LEU A 85 43.15 -7.13 16.30
C LEU A 85 43.79 -5.82 16.79
N GLY A 86 43.92 -4.84 15.89
CA GLY A 86 44.35 -3.51 16.28
C GLY A 86 43.18 -2.60 16.60
N ASN A 87 42.02 -3.20 16.87
CA ASN A 87 40.81 -2.44 17.21
C ASN A 87 40.26 -2.86 18.58
N THR A 88 40.36 -1.96 19.56
CA THR A 88 39.95 -2.25 20.93
C THR A 88 38.48 -1.91 21.17
N CYS A 89 37.75 -2.84 21.77
CA CYS A 89 36.33 -2.63 22.08
C CYS A 89 36.09 -2.55 23.59
N PHE A 90 35.27 -1.59 23.99
CA PHE A 90 34.85 -1.45 25.38
C PHE A 90 33.32 -1.47 25.47
N THR A 91 32.80 -1.76 26.65
CA THR A 91 31.36 -1.77 26.86
C THR A 91 31.02 -1.45 28.31
N PHE A 92 30.44 -0.27 28.54
CA PHE A 92 30.04 0.12 29.88
C PHE A 92 28.57 -0.24 30.13
N MET A 93 28.31 -0.95 31.22
CA MET A 93 26.93 -1.33 31.53
C MET A 93 26.52 -0.84 32.90
N ALA A 94 25.44 -0.06 32.94
CA ALA A 94 24.92 0.47 34.20
C ALA A 94 23.42 0.20 34.33
N GLY A 95 22.83 0.72 35.41
CA GLY A 95 21.40 0.62 35.62
C GLY A 95 20.76 1.99 35.66
N LYS A 96 19.49 2.07 35.30
CA LYS A 96 18.76 3.33 35.34
C LYS A 96 18.30 3.63 36.77
N PRO A 97 18.21 4.92 37.12
CA PRO A 97 18.48 6.10 36.27
C PRO A 97 19.91 6.60 36.39
N GLU A 98 20.79 5.81 36.99
CA GLU A 98 22.19 6.21 37.13
C GLU A 98 22.91 6.21 35.78
N TYR A 99 22.45 5.36 34.87
CA TYR A 99 23.06 5.19 33.56
C TYR A 99 23.08 6.45 32.71
N ASP A 100 24.27 6.81 32.23
CA ASP A 100 24.44 7.93 31.31
C ASP A 100 25.60 7.66 30.37
N LYS A 101 25.35 7.75 29.06
CA LYS A 101 26.35 7.45 28.05
C LYS A 101 27.45 8.52 27.97
N THR A 102 27.18 9.69 28.55
CA THR A 102 28.16 10.77 28.56
C THR A 102 29.25 10.48 29.59
N ILE A 103 28.86 9.84 30.69
CA ILE A 103 29.81 9.43 31.72
C ILE A 103 30.88 8.50 31.13
N SER A 104 30.42 7.44 30.47
CA SER A 104 31.30 6.45 29.87
C SER A 104 32.25 7.10 28.86
N THR A 105 31.71 7.96 28.01
CA THR A 105 32.49 8.67 27.00
C THR A 105 33.62 9.47 27.65
N SER A 106 33.29 10.15 28.75
CA SER A 106 34.27 10.94 29.47
C SER A 106 35.35 10.06 30.10
N ILE A 107 34.95 8.89 30.60
CA ILE A 107 35.90 7.94 31.16
C ILE A 107 36.94 7.54 30.11
N VAL A 108 36.46 7.15 28.93
CA VAL A 108 37.33 6.84 27.81
C VAL A 108 38.16 8.05 27.42
N LEU A 109 37.50 9.20 27.31
CA LEU A 109 38.17 10.46 26.96
C LEU A 109 39.30 10.82 27.92
N ASN A 110 39.00 10.77 29.22
CA ASN A 110 40.00 11.02 30.24
C ASN A 110 41.16 10.03 30.14
N ALA A 111 40.82 8.78 29.87
CA ALA A 111 41.81 7.71 29.70
C ALA A 111 42.75 8.00 28.53
N LEU A 112 42.16 8.47 27.43
CA LEU A 112 42.93 8.83 26.24
C LEU A 112 43.91 9.97 26.56
N ASN A 113 43.44 10.98 27.29
CA ASN A 113 44.26 12.10 27.69
C ASN A 113 45.39 11.66 28.63
N ALA A 114 45.13 10.61 29.40
CA ALA A 114 46.15 10.07 30.28
C ALA A 114 47.26 9.40 29.47
N LEU A 115 46.93 9.02 28.24
CA LEU A 115 47.88 8.37 27.35
C LEU A 115 48.68 9.38 26.52
N GLY A 116 48.15 10.60 26.40
CA GLY A 116 48.85 11.64 25.68
C GLY A 116 48.23 11.99 24.34
N VAL A 117 46.98 11.60 24.14
CA VAL A 117 46.24 11.98 22.93
C VAL A 117 45.08 12.90 23.27
N SER A 118 44.90 13.94 22.46
CA SER A 118 43.92 14.98 22.74
C SER A 118 42.74 14.97 21.76
N ALA A 119 41.71 14.19 22.09
CA ALA A 119 40.53 14.07 21.23
C ALA A 119 39.27 14.47 21.97
N GLU A 120 38.22 14.75 21.21
CA GLU A 120 36.93 15.13 21.78
C GLU A 120 35.80 14.49 20.97
N ALA A 121 34.74 14.09 21.66
CA ALA A 121 33.60 13.46 21.00
C ALA A 121 32.86 14.45 20.12
N SER A 122 32.27 13.96 19.03
CA SER A 122 31.47 14.78 18.14
C SER A 122 30.32 13.97 17.58
N GLY A 123 29.58 14.57 16.65
CA GLY A 123 28.46 13.91 15.99
C GLY A 123 27.47 13.32 16.97
N ARG A 124 27.09 12.07 16.73
CA ARG A 124 26.16 11.36 17.60
C ARG A 124 26.92 10.46 18.54
N ASN A 125 27.97 9.83 18.02
CA ASN A 125 28.80 8.92 18.83
C ASN A 125 30.26 8.78 18.37
N ASP A 126 30.77 9.75 17.61
CA ASP A 126 32.16 9.75 17.19
C ASP A 126 33.15 10.21 18.26
N LEU A 127 34.44 10.03 17.95
CA LEU A 127 35.53 10.50 18.78
C LEU A 127 36.67 10.89 17.86
N VAL A 128 36.84 12.19 17.62
CA VAL A 128 37.72 12.67 16.56
C VAL A 128 38.98 13.39 17.06
N VAL A 129 40.14 13.02 16.51
CA VAL A 129 41.40 13.67 16.82
C VAL A 129 41.74 14.76 15.80
N LYS A 130 42.45 15.80 16.24
CA LYS A 130 42.92 16.84 15.32
C LYS A 130 44.27 16.44 14.72
N THR A 131 44.29 16.23 13.40
CA THR A 131 45.52 15.86 12.71
C THR A 131 45.97 16.92 11.71
N VAL A 132 47.09 16.66 11.07
CA VAL A 132 47.60 17.55 10.03
C VAL A 132 46.63 17.58 8.84
N GLU A 133 46.03 16.43 8.55
CA GLU A 133 45.07 16.32 7.46
C GLU A 133 43.69 16.80 7.90
N GLY A 134 43.60 17.24 9.15
CA GLY A 134 42.35 17.76 9.68
C GLY A 134 41.74 16.88 10.75
N ASP A 135 40.42 16.80 10.76
CA ASP A 135 39.71 15.99 11.73
C ASP A 135 39.62 14.53 11.27
N ARG A 136 40.03 13.61 12.14
CA ARG A 136 40.00 12.18 11.84
C ARG A 136 39.32 11.37 12.95
N LYS A 137 38.51 10.40 12.54
CA LYS A 137 37.76 9.57 13.49
C LYS A 137 38.58 8.38 13.98
N VAL A 138 38.70 8.24 15.28
CA VAL A 138 39.47 7.13 15.85
C VAL A 138 38.58 6.21 16.69
N SER A 139 37.29 6.54 16.73
CA SER A 139 36.34 5.74 17.47
C SER A 139 34.90 6.05 17.11
N GLY A 140 34.03 5.07 17.29
CA GLY A 140 32.60 5.26 17.19
C GLY A 140 31.97 4.50 18.34
N SER A 141 30.65 4.48 18.41
CA SER A 141 29.96 3.74 19.47
C SER A 141 28.49 3.49 19.15
N ALA A 142 27.84 2.66 19.97
CA ALA A 142 26.42 2.38 19.83
C ALA A 142 25.87 1.99 21.19
N TYR A 143 24.59 2.27 21.42
CA TYR A 143 24.01 2.08 22.75
C TYR A 143 22.82 1.12 22.74
N ARG A 144 22.45 0.64 23.92
CA ARG A 144 21.27 -0.22 24.06
C ARG A 144 20.66 -0.03 25.44
N GLU A 145 19.34 0.14 25.49
CA GLU A 145 18.64 0.36 26.75
C GLU A 145 17.40 -0.52 26.88
N THR A 146 16.96 -0.72 28.12
CA THR A 146 15.65 -1.30 28.39
C THR A 146 15.03 -0.44 29.48
N LYS A 147 14.08 -1.00 30.22
CA LYS A 147 13.39 -0.25 31.26
C LYS A 147 14.23 0.19 32.46
N ASP A 148 15.34 -0.51 32.69
CA ASP A 148 16.12 -0.27 33.91
C ASP A 148 17.63 -0.30 33.69
N ARG A 149 18.06 -0.82 32.54
CA ARG A 149 19.49 -1.01 32.28
C ARG A 149 20.00 -0.17 31.10
N GLY A 150 21.30 -0.19 30.89
CA GLY A 150 21.92 0.54 29.80
C GLY A 150 23.25 -0.06 29.40
N ALA A 151 23.69 0.23 28.17
CA ALA A 151 24.94 -0.32 27.66
C ALA A 151 25.55 0.55 26.58
N HIS A 152 26.73 1.11 26.85
CA HIS A 152 27.44 1.92 25.87
C HIS A 152 28.71 1.20 25.41
N GLY A 153 28.62 0.53 24.26
CA GLY A 153 29.76 -0.12 23.68
C GLY A 153 30.37 0.73 22.57
N GLY A 154 31.69 0.64 22.40
CA GLY A 154 32.38 1.42 21.39
C GLY A 154 33.68 0.80 20.94
N THR A 155 34.35 1.45 20.00
CA THR A 155 35.63 0.98 19.49
C THR A 155 36.76 1.97 19.76
N LEU A 156 37.95 1.60 19.30
CA LEU A 156 39.12 2.48 19.35
C LEU A 156 40.15 1.98 18.33
N LEU A 157 40.35 2.77 17.28
CA LEU A 157 41.26 2.40 16.20
C LEU A 157 42.72 2.58 16.61
N LEU A 158 43.31 1.52 17.18
CA LEU A 158 44.70 1.54 17.61
C LEU A 158 45.63 1.24 16.44
N ASN A 159 45.59 0.00 15.95
CA ASN A 159 46.37 -0.38 14.77
C ASN A 159 45.65 -1.40 13.90
N ALA A 160 44.51 -0.99 13.36
CA ALA A 160 43.76 -1.84 12.44
C ALA A 160 44.28 -1.66 11.02
N ASP A 161 43.97 -2.62 10.15
CA ASP A 161 44.33 -2.51 8.75
C ASP A 161 43.33 -1.62 8.04
N LEU A 162 43.69 -0.35 7.85
CA LEU A 162 42.80 0.62 7.21
C LEU A 162 42.47 0.24 5.77
N SER A 163 43.33 -0.56 5.15
CA SER A 163 43.11 -1.00 3.78
C SER A 163 41.94 -1.96 3.72
N ARG A 164 41.96 -2.98 4.58
CA ARG A 164 40.89 -3.96 4.65
C ARG A 164 39.61 -3.34 5.19
N LEU A 165 39.76 -2.24 5.92
CA LEU A 165 38.62 -1.48 6.42
C LEU A 165 37.83 -0.92 5.23
N ALA A 166 38.54 -0.28 4.31
CA ALA A 166 37.90 0.28 3.14
C ALA A 166 37.40 -0.81 2.19
N ASN A 167 38.18 -1.88 2.07
CA ASN A 167 37.89 -2.94 1.10
C ASN A 167 36.59 -3.69 1.38
N TYR A 168 36.25 -3.83 2.66
CA TYR A 168 35.09 -4.62 3.08
C TYR A 168 33.87 -3.78 3.38
N LEU A 169 34.09 -2.49 3.61
CA LEU A 169 32.98 -1.58 3.90
C LEU A 169 32.53 -0.85 2.62
N ASN A 170 33.11 -1.25 1.49
CA ASN A 170 32.71 -0.71 0.20
C ASN A 170 31.97 -1.76 -0.61
N PRO A 171 30.64 -1.84 -0.42
CA PRO A 171 29.83 -2.93 -0.97
C PRO A 171 29.71 -2.88 -2.50
N ASP A 172 29.46 -4.04 -3.10
CA ASP A 172 29.24 -4.13 -4.54
C ASP A 172 28.02 -3.30 -4.89
N LYS A 173 28.08 -2.57 -6.00
CA LYS A 173 26.95 -1.75 -6.44
C LYS A 173 25.84 -2.78 -6.63
N LYS A 174 24.81 -2.69 -5.80
CA LYS A 174 23.66 -3.58 -5.87
C LYS A 174 22.48 -2.64 -6.04
N LYS A 175 21.41 -3.12 -6.67
CA LYS A 175 20.18 -2.34 -6.79
C LYS A 175 19.21 -2.69 -5.67
N LEU A 176 19.23 -1.89 -4.60
CA LEU A 176 18.46 -2.20 -3.40
C LEU A 176 17.53 -1.07 -2.96
N ALA A 177 16.28 -1.43 -2.71
CA ALA A 177 15.34 -0.56 -2.01
C ALA A 177 15.16 -1.13 -0.61
N ALA A 178 15.93 -0.62 0.35
CA ALA A 178 16.01 -1.25 1.67
C ALA A 178 15.63 -0.33 2.82
N LYS A 179 14.83 -0.87 3.74
CA LYS A 179 14.52 -0.19 4.99
C LYS A 179 15.68 -0.37 5.96
N GLY A 180 15.73 0.46 6.99
CA GLY A 180 16.76 0.32 8.02
C GLY A 180 17.69 1.50 8.14
N ILE A 181 18.69 1.37 9.00
CA ILE A 181 19.68 2.42 9.22
C ILE A 181 20.91 2.23 8.32
N THR A 182 21.37 3.32 7.71
CA THR A 182 22.57 3.26 6.87
C THR A 182 23.76 3.85 7.62
N SER A 183 24.96 3.39 7.27
CA SER A 183 26.18 3.84 7.94
C SER A 183 26.54 5.28 7.55
N VAL A 184 27.18 5.99 8.47
CA VAL A 184 27.63 7.35 8.22
C VAL A 184 29.14 7.34 7.99
N ARG A 185 29.55 7.36 6.73
CA ARG A 185 30.96 7.23 6.37
C ARG A 185 31.79 8.41 6.85
N SER A 186 32.84 8.12 7.61
CA SER A 186 33.73 9.16 8.15
C SER A 186 35.19 8.85 7.81
N ARG A 187 36.04 9.86 7.87
CA ARG A 187 37.48 9.66 7.64
C ARG A 187 38.15 9.21 8.94
N VAL A 188 38.97 8.16 8.85
CA VAL A 188 39.56 7.57 10.06
C VAL A 188 41.08 7.53 10.05
N THR A 189 41.66 7.30 11.22
CA THR A 189 43.11 7.15 11.35
C THR A 189 43.44 6.28 12.55
N ASN A 190 44.69 5.84 12.64
CA ASN A 190 45.12 5.02 13.77
C ASN A 190 45.88 5.82 14.82
N LEU A 191 45.61 5.51 16.08
CA LEU A 191 46.25 6.18 17.21
C LEU A 191 47.76 5.96 17.20
N THR A 192 48.19 4.90 16.53
CA THR A 192 49.62 4.56 16.46
C THR A 192 50.37 5.60 15.61
N GLU A 193 49.62 6.37 14.82
CA GLU A 193 50.19 7.49 14.08
C GLU A 193 50.39 8.68 15.02
N LEU A 194 49.77 8.62 16.18
CA LEU A 194 49.83 9.69 17.17
C LEU A 194 50.72 9.33 18.35
N LEU A 195 50.55 8.11 18.86
CA LEU A 195 51.38 7.59 19.95
C LEU A 195 52.05 6.29 19.50
N PRO A 196 53.10 6.40 18.68
CA PRO A 196 53.79 5.28 18.01
C PRO A 196 54.07 4.09 18.92
N GLY A 197 53.37 2.98 18.66
CA GLY A 197 53.58 1.76 19.42
C GLY A 197 52.54 1.53 20.50
N ILE A 198 51.49 2.34 20.49
CA ILE A 198 50.39 2.15 21.45
C ILE A 198 49.74 0.79 21.25
N THR A 199 49.66 0.01 22.33
CA THR A 199 49.13 -1.35 22.25
C THR A 199 47.75 -1.47 22.89
N HIS A 200 47.14 -2.64 22.75
CA HIS A 200 45.82 -2.90 23.31
C HIS A 200 45.87 -2.94 24.84
N GLU A 201 46.97 -3.47 25.37
CA GLU A 201 47.13 -3.61 26.81
C GLU A 201 47.30 -2.25 27.48
N GLN A 202 48.08 -1.37 26.85
CA GLN A 202 48.29 -0.02 27.34
C GLN A 202 46.98 0.75 27.43
N VAL A 203 46.12 0.57 26.42
CA VAL A 203 44.82 1.23 26.35
C VAL A 203 43.87 0.71 27.41
N CYS A 204 43.79 -0.61 27.54
CA CYS A 204 42.94 -1.23 28.54
C CYS A 204 43.20 -0.69 29.94
N GLU A 205 44.47 -0.51 30.29
CA GLU A 205 44.83 0.05 31.58
C GLU A 205 44.23 1.44 31.76
N ALA A 206 44.43 2.31 30.77
CA ALA A 206 43.90 3.66 30.79
C ALA A 206 42.39 3.67 31.03
N ILE A 207 41.66 2.96 30.16
CA ILE A 207 40.21 2.86 30.28
C ILE A 207 39.81 2.24 31.63
N THR A 208 40.59 1.28 32.10
CA THR A 208 40.35 0.67 33.40
C THR A 208 40.64 1.65 34.54
N GLU A 209 41.80 2.29 34.50
CA GLU A 209 42.19 3.22 35.55
C GLU A 209 41.28 4.45 35.61
N ALA A 210 40.82 4.90 34.44
CA ALA A 210 39.87 6.01 34.39
C ALA A 210 38.50 5.55 34.90
N PHE A 211 38.19 4.28 34.67
CA PHE A 211 36.96 3.68 35.18
C PHE A 211 37.02 3.55 36.70
N PHE A 212 38.16 3.09 37.20
CA PHE A 212 38.35 2.96 38.64
C PHE A 212 38.38 4.31 39.34
N ALA A 213 38.83 5.34 38.62
CA ALA A 213 38.95 6.68 39.18
C ALA A 213 37.59 7.35 39.37
N HIS A 214 36.81 7.41 38.31
CA HIS A 214 35.51 8.08 38.33
C HIS A 214 34.51 7.41 39.28
N TYR A 215 34.83 6.19 39.69
CA TYR A 215 33.94 5.45 40.59
C TYR A 215 34.54 5.25 41.98
N GLY A 216 35.84 5.46 42.11
CA GLY A 216 36.50 5.45 43.40
C GLY A 216 36.79 4.07 43.97
N GLU A 217 36.40 3.03 43.25
CA GLU A 217 36.64 1.66 43.70
C GLU A 217 37.68 0.96 42.83
N ARG A 218 38.00 -0.29 43.19
CA ARG A 218 38.84 -1.16 42.38
C ARG A 218 38.33 -2.60 42.47
N VAL A 219 38.60 -3.38 41.44
CA VAL A 219 38.29 -4.81 41.47
C VAL A 219 39.27 -5.61 40.61
N GLU A 220 39.53 -6.85 41.01
CA GLU A 220 40.35 -7.73 40.21
C GLU A 220 39.60 -8.13 38.94
N ALA A 221 40.27 -8.01 37.80
CA ALA A 221 39.65 -8.34 36.52
C ALA A 221 39.35 -9.83 36.41
N GLU A 222 38.19 -10.17 35.88
CA GLU A 222 37.82 -11.57 35.64
C GLU A 222 38.08 -11.91 34.17
N ILE A 223 38.95 -12.90 33.94
CA ILE A 223 39.34 -13.23 32.57
C ILE A 223 38.46 -14.34 31.99
N ILE A 224 38.03 -14.15 30.75
CA ILE A 224 37.27 -15.17 30.02
C ILE A 224 38.18 -15.94 29.06
N SER A 225 38.03 -17.26 29.03
CA SER A 225 38.82 -18.10 28.15
C SER A 225 37.99 -18.53 26.94
N PRO A 226 38.63 -18.63 25.77
CA PRO A 226 37.95 -19.08 24.56
C PRO A 226 37.71 -20.60 24.54
N ASN A 227 38.56 -21.34 25.23
CA ASN A 227 38.48 -22.80 25.23
C ASN A 227 37.56 -23.33 26.32
N LYS A 228 36.57 -22.53 26.70
CA LYS A 228 35.64 -22.91 27.75
C LYS A 228 34.38 -22.05 27.69
N THR A 229 33.22 -22.71 27.73
CA THR A 229 31.94 -22.02 27.80
C THR A 229 31.80 -21.33 29.14
N PRO A 230 31.76 -19.98 29.14
CA PRO A 230 31.68 -19.20 30.39
C PRO A 230 30.44 -19.57 31.17
N ASP A 231 30.52 -19.52 32.50
CA ASP A 231 29.37 -19.86 33.34
C ASP A 231 28.38 -18.70 33.35
N LEU A 232 27.48 -18.70 32.37
CA LEU A 232 26.49 -17.64 32.23
C LEU A 232 25.11 -18.21 31.89
N PRO A 233 24.04 -17.50 32.29
CA PRO A 233 22.67 -17.95 32.02
C PRO A 233 22.35 -18.08 30.53
N ASN A 234 22.04 -19.30 30.10
CA ASN A 234 21.67 -19.57 28.71
C ASN A 234 22.69 -19.09 27.66
N PHE A 235 23.98 -19.21 28.00
CA PHE A 235 25.04 -18.82 27.08
C PHE A 235 25.01 -19.69 25.83
N ALA A 236 24.92 -21.00 26.03
CA ALA A 236 24.94 -21.96 24.93
C ALA A 236 23.87 -21.68 23.88
N GLU A 237 22.71 -21.21 24.33
CA GLU A 237 21.63 -20.84 23.42
C GLU A 237 21.92 -19.48 22.78
N THR A 238 22.46 -18.57 23.58
CA THR A 238 22.79 -17.22 23.12
C THR A 238 23.86 -17.26 22.04
N PHE A 239 25.01 -17.84 22.37
CA PHE A 239 26.13 -17.92 21.44
C PHE A 239 25.76 -18.67 20.16
N ALA A 240 24.83 -19.62 20.28
CA ALA A 240 24.35 -20.36 19.12
C ALA A 240 23.55 -19.47 18.19
N ARG A 241 22.57 -18.74 18.73
CA ARG A 241 21.72 -17.87 17.92
C ARG A 241 22.51 -16.69 17.36
N GLN A 242 23.36 -16.12 18.19
CA GLN A 242 24.21 -14.99 17.79
C GLN A 242 25.09 -15.36 16.59
N SER A 243 25.45 -16.63 16.50
CA SER A 243 26.32 -17.11 15.43
C SER A 243 25.57 -17.49 14.16
N SER A 244 24.25 -17.65 14.28
CA SER A 244 23.43 -18.12 13.16
C SER A 244 23.38 -17.14 11.98
N TRP A 245 23.14 -17.68 10.79
CA TRP A 245 22.89 -16.87 9.62
C TRP A 245 21.55 -16.15 9.79
N GLU A 246 20.60 -16.81 10.44
CA GLU A 246 19.26 -16.27 10.63
C GLU A 246 19.22 -14.99 11.47
N TRP A 247 20.27 -14.75 12.23
CA TRP A 247 20.35 -13.53 13.02
C TRP A 247 21.18 -12.46 12.34
N ASN A 248 22.43 -12.78 12.02
CA ASN A 248 23.34 -11.84 11.39
C ASN A 248 22.80 -11.31 10.07
N PHE A 249 22.21 -12.21 9.27
CA PHE A 249 21.75 -11.88 7.93
C PHE A 249 20.23 -11.81 7.88
N GLY A 250 19.58 -12.78 8.52
CA GLY A 250 18.13 -12.87 8.50
C GLY A 250 17.43 -11.68 9.12
N GLN A 251 17.95 -11.19 10.25
CA GLN A 251 17.33 -10.08 10.96
C GLN A 251 17.62 -8.72 10.33
N ALA A 252 17.75 -8.72 9.01
CA ALA A 252 17.86 -7.47 8.26
C ALA A 252 16.45 -6.95 7.95
N PRO A 253 16.28 -5.62 8.01
CA PRO A 253 14.99 -4.99 7.70
C PRO A 253 14.46 -5.40 6.34
N ALA A 254 13.14 -5.38 6.16
CA ALA A 254 12.52 -5.73 4.89
C ALA A 254 13.11 -4.90 3.75
N PHE A 255 13.40 -5.55 2.63
CA PHE A 255 14.00 -4.86 1.49
C PHE A 255 13.66 -5.48 0.15
N SER A 256 14.16 -4.87 -0.92
CA SER A 256 13.98 -5.40 -2.27
C SER A 256 15.24 -5.29 -3.12
N HIS A 257 15.42 -6.24 -4.03
CA HIS A 257 16.63 -6.32 -4.84
C HIS A 257 16.28 -6.46 -6.32
N LEU A 258 16.86 -5.60 -7.15
CA LEU A 258 16.67 -5.68 -8.60
C LEU A 258 17.91 -6.23 -9.29
N LEU A 259 17.73 -7.34 -10.01
CA LEU A 259 18.83 -8.05 -10.64
C LEU A 259 18.69 -7.96 -12.15
N ASP A 260 19.81 -7.97 -12.87
CA ASP A 260 19.78 -7.93 -14.33
C ASP A 260 21.06 -8.49 -14.96
N GLU A 261 20.90 -9.12 -16.12
CA GLU A 261 22.02 -9.68 -16.86
C GLU A 261 21.62 -9.99 -18.31
N ARG A 262 22.52 -9.72 -19.25
CA ARG A 262 22.23 -10.00 -20.66
C ARG A 262 22.92 -11.27 -21.13
N PHE A 263 22.19 -12.38 -21.13
CA PHE A 263 22.73 -13.63 -21.65
C PHE A 263 22.57 -13.67 -23.17
N THR A 264 23.24 -14.62 -23.81
CA THR A 264 23.18 -14.73 -25.27
C THR A 264 21.82 -15.25 -25.73
N TRP A 265 21.12 -15.92 -24.83
CA TRP A 265 19.79 -16.46 -25.11
C TRP A 265 18.69 -15.49 -24.68
N GLY A 266 19.07 -14.27 -24.34
CA GLY A 266 18.12 -13.26 -23.92
C GLY A 266 18.57 -12.52 -22.67
N GLY A 267 17.86 -11.44 -22.33
CA GLY A 267 18.13 -10.71 -21.10
C GLY A 267 17.15 -11.12 -20.01
N VAL A 268 17.60 -11.07 -18.76
CA VAL A 268 16.75 -11.44 -17.64
C VAL A 268 16.81 -10.39 -16.53
N GLU A 269 15.65 -10.03 -15.99
CA GLU A 269 15.56 -9.08 -14.90
C GLU A 269 14.72 -9.68 -13.78
N LEU A 270 15.20 -9.59 -12.55
CA LEU A 270 14.52 -10.19 -11.40
C LEU A 270 14.21 -9.17 -10.30
N HIS A 271 13.00 -9.20 -9.76
CA HIS A 271 12.67 -8.36 -8.61
C HIS A 271 12.43 -9.23 -7.38
N PHE A 272 13.21 -8.98 -6.33
CA PHE A 272 13.13 -9.79 -5.11
C PHE A 272 12.56 -9.01 -3.93
N ASP A 273 11.42 -9.46 -3.41
CA ASP A 273 10.91 -8.94 -2.14
C ASP A 273 11.39 -9.85 -1.01
N VAL A 274 12.27 -9.33 -0.16
CA VAL A 274 12.87 -10.12 0.90
C VAL A 274 12.46 -9.67 2.29
N GLU A 275 12.13 -10.64 3.14
CA GLU A 275 11.70 -10.36 4.51
C GLU A 275 12.16 -11.48 5.43
N LYS A 276 12.85 -11.11 6.50
CA LYS A 276 13.46 -12.08 7.41
C LYS A 276 14.38 -13.06 6.68
N GLY A 277 15.08 -12.57 5.68
CA GLY A 277 16.00 -13.38 4.92
C GLY A 277 15.33 -14.25 3.87
N HIS A 278 14.01 -14.11 3.75
CA HIS A 278 13.25 -14.95 2.82
C HIS A 278 12.64 -14.15 1.68
N ILE A 279 12.75 -14.70 0.47
CA ILE A 279 12.09 -14.12 -0.70
C ILE A 279 10.59 -14.34 -0.61
N THR A 280 9.85 -13.27 -0.32
CA THR A 280 8.41 -13.36 -0.21
C THR A 280 7.74 -13.29 -1.58
N ARG A 281 8.51 -12.80 -2.56
CA ARG A 281 8.02 -12.64 -3.93
C ARG A 281 9.15 -12.48 -4.94
N ALA A 282 9.09 -13.25 -6.02
CA ALA A 282 10.03 -13.10 -7.12
C ALA A 282 9.30 -12.83 -8.44
N GLN A 283 9.75 -11.82 -9.17
CA GLN A 283 9.16 -11.50 -10.47
C GLN A 283 10.23 -11.47 -11.56
N VAL A 284 9.94 -12.12 -12.69
CA VAL A 284 10.90 -12.22 -13.78
C VAL A 284 10.48 -11.37 -14.98
N PHE A 285 11.44 -10.66 -15.57
CA PHE A 285 11.20 -9.89 -16.79
C PHE A 285 12.22 -10.25 -17.85
N THR A 286 11.78 -10.89 -18.92
CA THR A 286 12.71 -11.38 -19.93
C THR A 286 12.20 -11.27 -21.36
N ASP A 287 13.12 -11.38 -22.31
CA ASP A 287 12.79 -11.38 -23.73
C ASP A 287 13.29 -12.67 -24.35
N SER A 288 13.40 -13.71 -23.53
CA SER A 288 13.87 -15.02 -23.98
C SER A 288 12.79 -15.74 -24.78
N LEU A 289 13.22 -16.52 -25.75
CA LEU A 289 12.30 -17.20 -26.67
C LEU A 289 11.65 -18.41 -26.00
N ASN A 290 12.21 -18.83 -24.87
CA ASN A 290 11.62 -19.90 -24.08
C ASN A 290 11.49 -19.46 -22.63
N PRO A 291 10.51 -18.57 -22.36
CA PRO A 291 10.36 -17.93 -21.04
C PRO A 291 9.57 -18.76 -20.05
N ALA A 292 8.98 -19.85 -20.52
CA ALA A 292 8.19 -20.73 -19.66
C ALA A 292 8.90 -21.22 -18.38
N PRO A 293 10.17 -21.67 -18.50
CA PRO A 293 10.85 -22.11 -17.27
C PRO A 293 11.19 -20.95 -16.35
N LEU A 294 11.47 -19.78 -16.91
CA LEU A 294 11.82 -18.62 -16.09
C LEU A 294 10.61 -18.07 -15.33
N GLU A 295 9.44 -18.07 -15.97
CA GLU A 295 8.21 -17.66 -15.32
C GLU A 295 7.82 -18.70 -14.27
N ALA A 296 8.31 -19.93 -14.46
CA ALA A 296 8.08 -21.01 -13.51
C ALA A 296 9.00 -20.86 -12.30
N LEU A 297 10.24 -20.42 -12.55
CA LEU A 297 11.21 -20.17 -11.49
C LEU A 297 10.69 -19.09 -10.54
N ALA A 298 10.04 -18.07 -11.10
CA ALA A 298 9.51 -16.96 -10.33
C ALA A 298 8.59 -17.44 -9.21
N GLY A 299 7.87 -18.53 -9.47
CA GLY A 299 6.98 -19.10 -8.48
C GLY A 299 7.72 -20.00 -7.49
N ARG A 300 8.71 -20.72 -7.98
CA ARG A 300 9.45 -21.66 -7.14
C ARG A 300 10.30 -20.98 -6.08
N LEU A 301 10.48 -19.67 -6.20
CA LEU A 301 11.26 -18.91 -5.22
C LEU A 301 10.39 -18.37 -4.10
N GLN A 302 9.12 -18.78 -4.07
CA GLN A 302 8.20 -18.40 -3.02
C GLN A 302 8.69 -18.94 -1.67
N GLY A 303 9.31 -18.06 -0.88
CA GLY A 303 9.79 -18.43 0.44
C GLY A 303 11.23 -18.87 0.52
N CYS A 304 11.89 -18.97 -0.64
CA CYS A 304 13.29 -19.41 -0.69
C CYS A 304 14.22 -18.44 0.05
N LEU A 305 15.29 -18.98 0.62
CA LEU A 305 16.26 -18.16 1.35
C LEU A 305 16.93 -17.15 0.43
N TYR A 306 17.17 -15.94 0.94
CA TYR A 306 17.99 -14.98 0.22
C TYR A 306 19.45 -15.36 0.39
N ARG A 307 19.83 -16.48 -0.21
CA ARG A 307 21.18 -17.02 -0.10
C ARG A 307 21.52 -17.84 -1.34
N ALA A 308 22.79 -17.85 -1.71
CA ALA A 308 23.23 -18.42 -2.98
C ALA A 308 23.10 -19.93 -3.08
N ASP A 309 23.11 -20.63 -1.94
CA ASP A 309 23.05 -22.08 -1.94
C ASP A 309 21.63 -22.64 -2.11
N MET A 310 20.64 -21.85 -1.70
CA MET A 310 19.24 -22.28 -1.77
C MET A 310 18.61 -21.91 -3.10
N LEU A 311 19.13 -20.84 -3.72
CA LEU A 311 18.66 -20.44 -5.03
C LEU A 311 19.10 -21.47 -6.06
N GLN A 312 20.32 -21.99 -5.91
CA GLN A 312 20.85 -22.98 -6.82
C GLN A 312 20.15 -24.33 -6.63
N GLN A 313 19.69 -24.60 -5.42
CA GLN A 313 18.88 -25.78 -5.16
C GLN A 313 17.63 -25.74 -6.03
N GLU A 314 16.92 -24.61 -5.99
CA GLU A 314 15.68 -24.42 -6.73
C GLU A 314 15.90 -24.44 -8.24
N CYS A 315 17.10 -24.06 -8.65
CA CYS A 315 17.45 -24.05 -10.08
C CYS A 315 17.78 -25.45 -10.58
N GLU A 316 18.49 -26.22 -9.77
CA GLU A 316 18.82 -27.59 -10.12
C GLU A 316 17.61 -28.49 -9.92
N ALA A 317 16.57 -27.95 -9.29
CA ALA A 317 15.30 -28.63 -9.16
C ALA A 317 14.42 -28.33 -10.36
N LEU A 318 14.74 -27.25 -11.05
CA LEU A 318 13.99 -26.81 -12.23
C LEU A 318 14.43 -27.57 -13.48
N LEU A 319 15.71 -27.94 -13.51
CA LEU A 319 16.29 -28.65 -14.64
C LEU A 319 15.55 -29.96 -14.94
N VAL A 320 15.02 -30.58 -13.89
CA VAL A 320 14.27 -31.82 -14.01
C VAL A 320 13.04 -31.62 -14.90
N ASP A 321 12.27 -30.59 -14.61
CA ASP A 321 11.03 -30.33 -15.33
C ASP A 321 11.27 -29.68 -16.70
N PHE A 322 12.41 -29.01 -16.85
CA PHE A 322 12.74 -28.34 -18.11
C PHE A 322 14.15 -28.74 -18.58
N PRO A 323 14.29 -29.98 -19.06
CA PRO A 323 15.60 -30.54 -19.42
C PRO A 323 16.21 -29.92 -20.67
N GLU A 324 15.37 -29.40 -21.56
CA GLU A 324 15.84 -28.82 -22.81
C GLU A 324 16.69 -27.56 -22.59
N GLN A 325 16.29 -26.75 -21.62
CA GLN A 325 17.03 -25.53 -21.30
C GLN A 325 18.02 -25.73 -20.16
N GLU A 326 18.76 -26.83 -20.19
CA GLU A 326 19.74 -27.12 -19.15
C GLU A 326 20.90 -26.11 -19.20
N LYS A 327 21.40 -25.86 -20.41
CA LYS A 327 22.49 -24.90 -20.61
C LYS A 327 22.10 -23.52 -20.11
N GLU A 328 20.96 -23.03 -20.57
CA GLU A 328 20.51 -21.68 -20.24
C GLU A 328 20.29 -21.50 -18.74
N LEU A 329 19.70 -22.52 -18.10
CA LEU A 329 19.38 -22.44 -16.68
C LEU A 329 20.62 -22.47 -15.77
N ARG A 330 21.66 -23.19 -16.17
CA ARG A 330 22.88 -23.25 -15.39
C ARG A 330 23.63 -21.92 -15.41
N GLU A 331 23.59 -21.23 -16.55
CA GLU A 331 24.14 -19.89 -16.66
C GLU A 331 23.38 -18.96 -15.74
N LEU A 332 22.06 -19.16 -15.68
CA LEU A 332 21.18 -18.36 -14.87
C LEU A 332 21.47 -18.54 -13.38
N SER A 333 21.49 -19.79 -12.93
CA SER A 333 21.79 -20.12 -11.54
C SER A 333 23.17 -19.62 -11.12
N ALA A 334 24.11 -19.63 -12.07
CA ALA A 334 25.46 -19.15 -11.81
C ALA A 334 25.47 -17.65 -11.53
N TRP A 335 24.69 -16.90 -12.31
CA TRP A 335 24.62 -15.45 -12.15
C TRP A 335 23.79 -15.05 -10.93
N MET A 336 22.67 -15.74 -10.72
CA MET A 336 21.75 -15.42 -9.64
C MET A 336 22.41 -15.60 -8.27
N ALA A 337 23.31 -16.57 -8.19
CA ALA A 337 23.98 -16.89 -6.93
C ALA A 337 25.07 -15.88 -6.60
N GLY A 338 25.66 -15.29 -7.63
CA GLY A 338 26.75 -14.35 -7.45
C GLY A 338 26.29 -12.93 -7.14
N ALA A 339 25.03 -12.64 -7.39
CA ALA A 339 24.50 -11.31 -7.18
C ALA A 339 23.94 -11.14 -5.77
N VAL A 340 23.79 -12.26 -5.05
CA VAL A 340 23.17 -12.22 -3.73
C VAL A 340 24.14 -12.56 -2.59
N ARG A 341 25.45 -12.53 -2.89
CA ARG A 341 26.46 -12.82 -1.89
C ARG A 341 26.84 -11.60 -1.06
N SER B 5 -2.27 41.17 -37.92
CA SER B 5 -1.29 41.53 -36.91
C SER B 5 -0.95 40.35 -36.01
N THR B 6 0.17 40.45 -35.29
CA THR B 6 0.66 39.34 -34.48
C THR B 6 0.10 39.38 -33.06
N LEU B 7 -0.38 40.55 -32.64
CA LEU B 7 -0.82 40.73 -31.26
C LEU B 7 -2.34 40.71 -31.14
N ARG B 8 -2.83 40.41 -29.94
CA ARG B 8 -4.26 40.51 -29.65
C ARG B 8 -4.51 41.00 -28.22
N LEU B 9 -5.26 42.09 -28.10
CA LEU B 9 -5.56 42.68 -26.80
C LEU B 9 -7.04 42.53 -26.47
N LEU B 10 -7.34 42.04 -25.26
CA LEU B 10 -8.72 41.84 -24.84
C LEU B 10 -9.01 42.43 -23.47
N ILE B 11 -10.14 43.10 -23.36
CA ILE B 11 -10.59 43.66 -22.08
C ILE B 11 -11.94 43.06 -21.72
N SER B 12 -12.03 42.45 -20.53
CA SER B 12 -13.27 41.85 -20.08
C SER B 12 -14.08 42.81 -19.19
N ASP B 13 -15.39 42.87 -19.43
CA ASP B 13 -16.28 43.68 -18.61
C ASP B 13 -17.21 42.78 -17.81
N SER B 14 -16.77 41.54 -17.61
CA SER B 14 -17.48 40.59 -16.77
C SER B 14 -16.71 40.41 -15.48
N TYR B 15 -17.44 40.31 -14.37
CA TYR B 15 -16.80 40.14 -13.07
C TYR B 15 -17.04 38.72 -12.57
N ASP B 16 -17.58 37.88 -13.46
CA ASP B 16 -17.77 36.46 -13.18
C ASP B 16 -16.43 35.77 -13.36
N PRO B 17 -15.91 35.17 -12.27
CA PRO B 17 -14.61 34.48 -12.32
C PRO B 17 -14.67 33.27 -13.24
N TRP B 18 -15.83 32.61 -13.28
CA TRP B 18 -16.02 31.45 -14.14
C TRP B 18 -16.04 31.85 -15.62
N PHE B 19 -16.60 33.03 -15.89
CA PHE B 19 -16.72 33.54 -17.26
C PHE B 19 -15.35 33.87 -17.83
N ASN B 20 -14.57 34.62 -17.07
CA ASN B 20 -13.26 35.08 -17.53
C ASN B 20 -12.29 33.93 -17.81
N LEU B 21 -12.28 32.93 -16.92
CA LEU B 21 -11.45 31.75 -17.12
C LEU B 21 -11.89 30.98 -18.36
N ALA B 22 -13.20 30.93 -18.60
CA ALA B 22 -13.75 30.26 -19.77
C ALA B 22 -13.30 30.93 -21.06
N VAL B 23 -13.03 32.24 -20.98
CA VAL B 23 -12.50 32.97 -22.13
C VAL B 23 -11.04 32.61 -22.38
N ALA B 24 -10.23 32.65 -21.33
CA ALA B 24 -8.83 32.26 -21.40
C ALA B 24 -8.70 30.82 -21.90
N GLU B 25 -9.48 29.93 -21.30
CA GLU B 25 -9.50 28.52 -21.69
C GLU B 25 -9.88 28.35 -23.16
N CYS B 26 -10.63 29.31 -23.70
CA CYS B 26 -11.09 29.23 -25.08
C CYS B 26 -10.19 29.93 -26.09
N ILE B 27 -9.48 30.96 -25.64
CA ILE B 27 -8.53 31.63 -26.54
C ILE B 27 -7.14 31.02 -26.38
N PHE B 28 -6.98 30.14 -25.41
CA PHE B 28 -5.71 29.43 -25.25
C PHE B 28 -5.62 28.33 -26.29
N ARG B 29 -6.75 27.72 -26.61
CA ARG B 29 -6.81 26.67 -27.62
C ARG B 29 -7.01 27.27 -29.01
N GLN B 30 -7.79 28.33 -29.09
CA GLN B 30 -8.13 28.97 -30.36
C GLN B 30 -6.94 29.72 -30.96
N MET B 31 -6.04 30.16 -30.09
CA MET B 31 -4.90 30.99 -30.48
C MET B 31 -4.07 30.41 -31.62
N PRO B 32 -3.92 31.17 -32.72
CA PRO B 32 -2.98 30.82 -33.77
C PRO B 32 -1.57 30.83 -33.20
N ALA B 33 -0.75 29.86 -33.60
CA ALA B 33 0.56 29.64 -32.99
C ALA B 33 1.49 30.86 -32.99
N THR B 34 1.29 31.75 -33.96
CA THR B 34 2.16 32.91 -34.12
C THR B 34 1.71 34.12 -33.31
N GLN B 35 0.59 33.99 -32.62
CA GLN B 35 -0.01 35.13 -31.92
C GLN B 35 0.62 35.37 -30.55
N ARG B 36 0.53 36.62 -30.07
CA ARG B 36 0.99 36.99 -28.75
C ARG B 36 -0.12 37.76 -28.04
N VAL B 37 -0.75 37.12 -27.06
CA VAL B 37 -1.99 37.64 -26.49
C VAL B 37 -1.82 38.31 -25.12
N LEU B 38 -2.42 39.48 -24.96
CA LEU B 38 -2.64 40.08 -23.65
C LEU B 38 -4.12 40.02 -23.32
N PHE B 39 -4.45 39.61 -22.10
CA PHE B 39 -5.83 39.51 -21.65
C PHE B 39 -5.97 40.21 -20.30
N LEU B 40 -6.77 41.27 -20.27
CA LEU B 40 -6.95 42.05 -19.05
C LEU B 40 -8.37 41.89 -18.51
N TRP B 41 -8.49 41.71 -17.20
CA TRP B 41 -9.76 41.34 -16.59
C TRP B 41 -9.82 41.59 -15.08
N ARG B 42 -11.03 41.52 -14.54
CA ARG B 42 -11.27 41.65 -13.11
C ARG B 42 -12.30 40.63 -12.66
N ASN B 43 -12.29 40.29 -11.38
CA ASN B 43 -13.30 39.44 -10.80
C ASN B 43 -13.75 39.99 -9.46
N ALA B 44 -15.05 39.88 -9.17
CA ALA B 44 -15.58 40.39 -7.91
C ALA B 44 -15.81 39.27 -6.90
N ASP B 45 -15.15 39.40 -5.74
CA ASP B 45 -15.29 38.45 -4.61
C ASP B 45 -15.10 36.94 -4.77
N THR B 46 -13.93 36.54 -5.28
CA THR B 46 -13.65 35.12 -5.50
C THR B 46 -12.33 34.63 -4.94
N VAL B 47 -12.31 33.36 -4.51
CA VAL B 47 -11.07 32.71 -4.15
C VAL B 47 -10.62 31.80 -5.30
N VAL B 48 -9.46 32.10 -5.87
CA VAL B 48 -8.99 31.34 -7.03
C VAL B 48 -7.87 30.39 -6.63
N ILE B 49 -8.09 29.09 -6.85
CA ILE B 49 -7.12 28.07 -6.47
C ILE B 49 -6.51 27.39 -7.70
N GLY B 50 -5.35 26.74 -7.50
CA GLY B 50 -4.67 26.06 -8.58
C GLY B 50 -5.32 24.73 -8.96
N ARG B 51 -4.93 24.20 -10.11
CA ARG B 51 -5.48 22.96 -10.63
C ARG B 51 -5.32 21.79 -9.67
N ALA B 52 -4.16 21.75 -8.99
CA ALA B 52 -3.84 20.64 -8.10
C ALA B 52 -4.00 21.02 -6.63
N GLN B 53 -5.01 21.83 -6.34
CA GLN B 53 -5.24 22.28 -4.97
C GLN B 53 -6.51 21.74 -4.33
N ASN B 54 -6.55 21.78 -3.00
CA ASN B 54 -7.71 21.34 -2.23
C ASN B 54 -8.44 22.53 -1.67
N PRO B 55 -9.66 22.80 -2.19
CA PRO B 55 -10.44 23.99 -1.80
C PRO B 55 -10.70 24.04 -0.31
N TRP B 56 -11.19 22.93 0.27
CA TRP B 56 -11.50 22.88 1.70
C TRP B 56 -10.26 23.11 2.57
N LYS B 57 -9.09 22.81 2.02
CA LYS B 57 -7.84 22.89 2.75
C LYS B 57 -7.14 24.24 2.55
N GLU B 58 -7.30 24.81 1.37
CA GLU B 58 -6.57 26.03 1.02
C GLU B 58 -7.30 27.33 1.36
N CYS B 59 -8.63 27.26 1.43
CA CYS B 59 -9.43 28.44 1.75
C CYS B 59 -10.61 28.09 2.65
N ASN B 60 -11.22 29.12 3.23
CA ASN B 60 -12.38 28.95 4.10
C ASN B 60 -13.66 28.78 3.29
N THR B 61 -13.84 27.57 2.75
CA THR B 61 -14.95 27.28 1.86
C THR B 61 -16.32 27.42 2.52
N ARG B 62 -16.36 27.41 3.85
CA ARG B 62 -17.62 27.57 4.57
C ARG B 62 -18.04 29.04 4.66
N ARG B 63 -17.12 29.89 5.10
CA ARG B 63 -17.38 31.31 5.26
C ARG B 63 -17.57 31.98 3.90
N MET B 64 -17.16 31.29 2.83
CA MET B 64 -17.38 31.74 1.47
C MET B 64 -18.82 31.46 1.04
N GLU B 65 -19.34 30.31 1.45
CA GLU B 65 -20.70 29.93 1.11
C GLU B 65 -21.72 30.81 1.83
N GLU B 66 -21.44 31.12 3.09
CA GLU B 66 -22.29 32.01 3.88
C GLU B 66 -22.38 33.39 3.25
N ASP B 67 -21.27 33.82 2.63
CA ASP B 67 -21.12 35.19 2.17
C ASP B 67 -21.21 35.35 0.65
N ASN B 68 -21.62 34.29 -0.04
CA ASN B 68 -21.73 34.31 -1.51
C ASN B 68 -20.46 34.74 -2.23
N VAL B 69 -19.32 34.25 -1.76
CA VAL B 69 -18.05 34.45 -2.45
C VAL B 69 -17.68 33.23 -3.27
N ARG B 70 -17.61 33.41 -4.58
CA ARG B 70 -17.46 32.29 -5.51
C ARG B 70 -16.09 31.64 -5.40
N LEU B 71 -16.03 30.35 -5.73
CA LEU B 71 -14.77 29.62 -5.77
C LEU B 71 -14.45 29.22 -7.21
N ALA B 72 -13.24 29.51 -7.65
CA ALA B 72 -12.83 29.16 -9.00
C ALA B 72 -11.50 28.43 -9.00
N ARG B 73 -11.43 27.34 -9.75
CA ARG B 73 -10.19 26.58 -9.89
C ARG B 73 -9.56 26.85 -11.25
N ARG B 74 -8.46 27.58 -11.26
CA ARG B 74 -7.81 27.95 -12.52
C ARG B 74 -7.04 26.78 -13.12
N SER B 75 -6.91 26.78 -14.45
CA SER B 75 -6.27 25.70 -15.19
C SER B 75 -4.76 25.71 -15.02
N SER B 76 -4.23 26.81 -14.49
CA SER B 76 -2.80 26.93 -14.23
C SER B 76 -2.56 26.46 -12.80
N GLY B 77 -1.32 26.61 -12.33
CA GLY B 77 -0.89 26.08 -11.06
C GLY B 77 -0.96 27.11 -9.95
N GLY B 78 0.12 27.24 -9.19
CA GLY B 78 0.19 28.25 -8.14
C GLY B 78 -0.60 27.91 -6.90
N GLY B 79 -0.86 28.94 -6.07
CA GLY B 79 -1.55 28.74 -4.81
C GLY B 79 -2.95 29.33 -4.79
N ALA B 80 -3.46 29.61 -3.59
CA ALA B 80 -4.79 30.17 -3.45
C ALA B 80 -4.75 31.68 -3.20
N VAL B 81 -5.50 32.42 -4.00
CA VAL B 81 -5.59 33.88 -3.84
C VAL B 81 -7.05 34.36 -3.83
N PHE B 82 -7.25 35.57 -3.31
CA PHE B 82 -8.59 36.16 -3.25
C PHE B 82 -8.71 37.36 -4.18
N HIS B 83 -9.79 37.40 -4.96
CA HIS B 83 -10.03 38.47 -5.93
C HIS B 83 -11.22 39.35 -5.54
N ASP B 84 -11.09 40.66 -5.73
CA ASP B 84 -12.25 41.56 -5.80
C ASP B 84 -12.00 42.65 -6.84
N LEU B 85 -12.93 43.58 -6.98
CA LEU B 85 -12.84 44.59 -8.04
C LEU B 85 -11.69 45.59 -7.86
N GLY B 86 -10.90 45.38 -6.80
CA GLY B 86 -9.69 46.14 -6.59
C GLY B 86 -8.47 45.31 -6.98
N ASN B 87 -8.72 44.11 -7.46
CA ASN B 87 -7.66 43.21 -7.92
C ASN B 87 -7.68 43.06 -9.43
N THR B 88 -6.60 43.54 -10.07
CA THR B 88 -6.50 43.47 -11.53
C THR B 88 -5.69 42.26 -11.99
N CYS B 89 -6.25 41.48 -12.91
CA CYS B 89 -5.56 40.31 -13.44
C CYS B 89 -5.08 40.54 -14.86
N PHE B 90 -3.95 39.95 -15.21
CA PHE B 90 -3.44 39.98 -16.57
C PHE B 90 -3.11 38.58 -17.04
N THR B 91 -3.05 38.37 -18.34
CA THR B 91 -2.73 37.07 -18.90
C THR B 91 -1.94 37.23 -20.20
N PHE B 92 -0.72 36.73 -20.21
CA PHE B 92 0.10 36.78 -21.42
C PHE B 92 0.18 35.40 -22.07
N MET B 93 -0.34 35.30 -23.28
CA MET B 93 -0.30 34.04 -24.01
C MET B 93 0.62 34.13 -25.23
N ALA B 94 1.73 33.42 -25.18
CA ALA B 94 2.68 33.39 -26.29
C ALA B 94 2.75 32.01 -26.91
N GLY B 95 3.67 31.84 -27.86
CA GLY B 95 3.87 30.56 -28.51
C GLY B 95 5.31 30.09 -28.37
N LYS B 96 5.49 28.80 -28.15
CA LYS B 96 6.82 28.21 -28.03
C LYS B 96 7.51 28.19 -29.39
N PRO B 97 8.84 28.38 -29.40
CA PRO B 97 9.69 28.59 -28.23
C PRO B 97 9.89 30.06 -27.89
N GLU B 98 9.10 30.94 -28.48
CA GLU B 98 9.20 32.38 -28.21
C GLU B 98 8.77 32.70 -26.77
N TYR B 99 7.84 31.91 -26.25
CA TYR B 99 7.28 32.11 -24.92
C TYR B 99 8.32 32.06 -23.80
N ASP B 100 8.27 33.07 -22.93
CA ASP B 100 9.09 33.11 -21.73
C ASP B 100 8.40 33.97 -20.68
N LYS B 101 8.18 33.40 -19.50
CA LYS B 101 7.44 34.09 -18.44
C LYS B 101 8.20 35.28 -17.86
N THR B 102 9.50 35.33 -18.11
CA THR B 102 10.32 36.45 -17.63
C THR B 102 10.07 37.69 -18.49
N ILE B 103 9.67 37.46 -19.73
CA ILE B 103 9.31 38.55 -20.64
C ILE B 103 8.09 39.30 -20.12
N SER B 104 7.02 38.57 -19.86
CA SER B 104 5.77 39.14 -19.37
C SER B 104 5.97 39.86 -18.03
N THR B 105 6.75 39.24 -17.16
CA THR B 105 7.06 39.82 -15.85
C THR B 105 7.74 41.17 -15.99
N SER B 106 8.67 41.28 -16.95
CA SER B 106 9.36 42.52 -17.21
C SER B 106 8.42 43.59 -17.78
N ILE B 107 7.51 43.16 -18.66
CA ILE B 107 6.52 44.05 -19.24
C ILE B 107 5.66 44.67 -18.14
N VAL B 108 5.18 43.81 -17.24
CA VAL B 108 4.41 44.25 -16.07
C VAL B 108 5.25 45.17 -15.19
N LEU B 109 6.48 44.78 -14.92
CA LEU B 109 7.39 45.58 -14.09
C LEU B 109 7.67 46.95 -14.70
N ASN B 110 7.97 46.98 -15.99
CA ASN B 110 8.19 48.24 -16.71
C ASN B 110 6.97 49.15 -16.58
N ALA B 111 5.79 48.55 -16.68
CA ALA B 111 4.53 49.26 -16.55
C ALA B 111 4.40 49.91 -15.17
N LEU B 112 4.83 49.18 -14.15
CA LEU B 112 4.78 49.67 -12.78
C LEU B 112 5.72 50.86 -12.57
N ASN B 113 6.92 50.77 -13.11
CA ASN B 113 7.88 51.86 -13.02
C ASN B 113 7.41 53.08 -13.82
N ALA B 114 6.59 52.84 -14.83
CA ALA B 114 6.03 53.92 -15.63
C ALA B 114 4.90 54.62 -14.87
N LEU B 115 4.46 54.00 -13.78
CA LEU B 115 3.37 54.53 -12.98
C LEU B 115 3.86 55.21 -11.71
N GLY B 116 5.14 55.06 -11.40
CA GLY B 116 5.74 55.74 -10.27
C GLY B 116 5.98 54.84 -9.07
N VAL B 117 6.01 53.54 -9.28
CA VAL B 117 6.28 52.59 -8.20
C VAL B 117 7.46 51.68 -8.53
N SER B 118 8.31 51.42 -7.55
CA SER B 118 9.47 50.55 -7.73
C SER B 118 9.21 49.17 -7.14
N ALA B 119 9.20 48.16 -8.00
CA ALA B 119 8.97 46.79 -7.56
C ALA B 119 10.09 45.87 -8.07
N GLU B 120 10.06 44.61 -7.64
CA GLU B 120 11.01 43.62 -8.11
C GLU B 120 10.46 42.21 -7.94
N ALA B 121 10.74 41.34 -8.91
CA ALA B 121 10.25 39.97 -8.88
C ALA B 121 11.10 39.09 -7.97
N SER B 122 10.46 38.41 -7.03
CA SER B 122 11.13 37.46 -6.16
C SER B 122 10.41 36.12 -6.18
N GLY B 123 10.89 35.18 -5.38
CA GLY B 123 10.28 33.86 -5.29
C GLY B 123 10.18 33.17 -6.64
N ARG B 124 9.15 32.35 -6.80
CA ARG B 124 8.90 31.65 -8.05
C ARG B 124 8.01 32.52 -8.93
N ASN B 125 7.08 33.23 -8.29
CA ASN B 125 6.15 34.11 -9.00
C ASN B 125 5.63 35.33 -8.23
N ASP B 126 6.37 35.77 -7.20
CA ASP B 126 6.01 36.98 -6.46
C ASP B 126 6.36 38.28 -7.16
N LEU B 127 5.83 39.38 -6.61
CA LEU B 127 6.14 40.73 -7.06
C LEU B 127 6.06 41.65 -5.84
N VAL B 128 7.21 41.98 -5.28
CA VAL B 128 7.27 42.59 -3.95
C VAL B 128 7.80 44.02 -3.97
N VAL B 129 7.18 44.89 -3.18
CA VAL B 129 7.61 46.29 -3.06
C VAL B 129 8.16 46.61 -1.68
N LYS B 130 9.16 47.50 -1.63
CA LYS B 130 9.73 47.93 -0.35
C LYS B 130 8.85 48.99 0.31
N THR B 131 8.39 48.71 1.51
CA THR B 131 7.63 49.68 2.30
C THR B 131 8.28 49.92 3.65
N VAL B 132 7.66 50.78 4.47
CA VAL B 132 8.20 51.10 5.79
C VAL B 132 8.08 49.92 6.74
N GLU B 133 7.18 49.00 6.42
CA GLU B 133 6.99 47.80 7.24
C GLU B 133 7.82 46.66 6.66
N GLY B 134 8.64 46.98 5.67
CA GLY B 134 9.47 45.99 5.02
C GLY B 134 8.94 45.62 3.65
N ASP B 135 9.42 44.50 3.12
CA ASP B 135 8.98 44.02 1.81
C ASP B 135 7.52 43.57 1.83
N ARG B 136 6.80 43.84 0.76
CA ARG B 136 5.40 43.47 0.65
C ARG B 136 5.04 43.00 -0.75
N LYS B 137 4.30 41.91 -0.85
CA LYS B 137 3.90 41.36 -2.13
C LYS B 137 2.67 42.09 -2.67
N VAL B 138 2.74 42.50 -3.93
CA VAL B 138 1.63 43.21 -4.58
C VAL B 138 1.08 42.42 -5.76
N SER B 139 1.56 41.18 -5.91
CA SER B 139 1.11 40.33 -7.01
C SER B 139 1.61 38.91 -6.86
N GLY B 140 0.89 37.98 -7.47
CA GLY B 140 1.31 36.60 -7.56
C GLY B 140 0.93 36.10 -8.94
N SER B 141 1.57 35.04 -9.40
CA SER B 141 1.27 34.51 -10.73
C SER B 141 1.36 33.00 -10.81
N ALA B 142 0.82 32.45 -11.89
CA ALA B 142 0.87 31.01 -12.13
C ALA B 142 0.84 30.78 -13.64
N TYR B 143 1.52 29.74 -14.10
CA TYR B 143 1.71 29.54 -15.53
C TYR B 143 1.10 28.24 -16.05
N ARG B 144 0.97 28.15 -17.37
CA ARG B 144 0.44 26.95 -18.00
C ARG B 144 1.08 26.76 -19.38
N GLU B 145 1.54 25.54 -19.64
CA GLU B 145 2.22 25.24 -20.91
C GLU B 145 1.68 23.97 -21.54
N THR B 146 1.98 23.80 -22.83
CA THR B 146 1.66 22.56 -23.54
C THR B 146 2.79 22.65 -24.57
N LYS B 147 2.66 21.89 -25.65
CA LYS B 147 3.73 21.46 -26.55
C LYS B 147 4.20 22.63 -27.42
N ASP B 148 3.42 23.70 -27.44
CA ASP B 148 3.70 24.80 -28.36
C ASP B 148 3.34 26.15 -27.73
N ARG B 149 2.36 26.14 -26.84
CA ARG B 149 1.87 27.37 -26.23
C ARG B 149 2.29 27.61 -24.77
N GLY B 150 2.04 28.82 -24.29
CA GLY B 150 2.36 29.17 -22.91
C GLY B 150 1.48 30.29 -22.40
N ALA B 151 1.17 30.26 -21.11
CA ALA B 151 0.31 31.28 -20.52
C ALA B 151 0.84 31.77 -19.17
N HIS B 152 1.15 33.06 -19.11
CA HIS B 152 1.54 33.68 -17.85
C HIS B 152 0.43 34.60 -17.35
N GLY B 153 -0.32 34.13 -16.36
CA GLY B 153 -1.37 34.93 -15.76
C GLY B 153 -1.02 35.29 -14.33
N GLY B 154 -1.39 36.51 -13.93
CA GLY B 154 -1.10 36.98 -12.58
C GLY B 154 -2.03 38.07 -12.12
N THR B 155 -1.88 38.51 -10.88
CA THR B 155 -2.74 39.55 -10.32
C THR B 155 -2.00 40.86 -10.07
N LEU B 156 -2.72 41.82 -9.50
CA LEU B 156 -2.16 43.11 -9.07
C LEU B 156 -3.09 43.73 -8.04
N LEU B 157 -2.61 43.83 -6.80
CA LEU B 157 -3.43 44.35 -5.71
C LEU B 157 -3.47 45.88 -5.70
N LEU B 158 -4.49 46.44 -6.33
CA LEU B 158 -4.68 47.88 -6.41
C LEU B 158 -5.39 48.37 -5.14
N ASN B 159 -6.65 48.00 -4.99
CA ASN B 159 -7.41 48.31 -3.79
C ASN B 159 -8.35 47.17 -3.40
N ALA B 160 -7.79 46.12 -2.83
CA ALA B 160 -8.57 44.99 -2.36
C ALA B 160 -8.97 45.18 -0.91
N ASP B 161 -10.01 44.45 -0.47
CA ASP B 161 -10.40 44.46 0.93
C ASP B 161 -9.56 43.42 1.66
N LEU B 162 -8.43 43.86 2.19
CA LEU B 162 -7.48 42.97 2.86
C LEU B 162 -8.10 42.24 4.05
N SER B 163 -9.15 42.83 4.63
CA SER B 163 -9.87 42.20 5.72
C SER B 163 -10.59 40.94 5.22
N ARG B 164 -11.25 41.06 4.07
CA ARG B 164 -12.00 39.96 3.49
C ARG B 164 -11.05 38.93 2.89
N LEU B 165 -9.85 39.38 2.54
CA LEU B 165 -8.79 38.53 2.02
C LEU B 165 -8.36 37.50 3.08
N ALA B 166 -7.82 38.01 4.19
CA ALA B 166 -7.32 37.15 5.26
C ALA B 166 -8.42 36.31 5.90
N ASN B 167 -9.66 36.76 5.74
CA ASN B 167 -10.80 36.06 6.34
C ASN B 167 -11.11 34.74 5.63
N TYR B 168 -11.21 34.79 4.30
CA TYR B 168 -11.56 33.60 3.51
C TYR B 168 -10.36 32.72 3.23
N LEU B 169 -9.17 33.27 3.44
CA LEU B 169 -7.94 32.51 3.21
C LEU B 169 -7.40 31.95 4.53
N ASN B 170 -8.24 31.95 5.55
CA ASN B 170 -7.91 31.33 6.83
C ASN B 170 -8.91 30.24 7.14
N PRO B 171 -8.74 29.05 6.52
CA PRO B 171 -9.72 27.97 6.55
C PRO B 171 -9.99 27.45 7.95
N ASP B 172 -11.18 26.86 8.14
CA ASP B 172 -11.52 26.26 9.42
C ASP B 172 -10.59 25.10 9.69
N LYS B 173 -10.27 24.87 10.95
CA LYS B 173 -9.32 23.82 11.32
C LYS B 173 -9.90 22.41 11.12
N LYS B 174 -9.63 21.85 9.95
CA LYS B 174 -10.08 20.49 9.61
C LYS B 174 -8.91 19.52 9.73
N LYS B 175 -9.21 18.26 10.04
CA LYS B 175 -8.17 17.24 10.07
C LYS B 175 -8.02 16.59 8.70
N LEU B 176 -6.96 16.99 7.98
CA LEU B 176 -6.80 16.55 6.60
C LEU B 176 -5.43 15.94 6.30
N ALA B 177 -5.46 14.82 5.58
CA ALA B 177 -4.26 14.25 4.99
C ALA B 177 -4.43 14.36 3.48
N ALA B 178 -3.97 15.48 2.93
CA ALA B 178 -4.31 15.86 1.56
C ALA B 178 -3.14 15.93 0.60
N LYS B 179 -3.28 15.24 -0.53
CA LYS B 179 -2.34 15.37 -1.63
C LYS B 179 -2.53 16.73 -2.29
N GLY B 180 -1.55 17.15 -3.09
CA GLY B 180 -1.68 18.39 -3.84
C GLY B 180 -0.80 19.52 -3.35
N ILE B 181 -0.87 20.64 -4.06
CA ILE B 181 -0.08 21.83 -3.73
C ILE B 181 -0.76 22.63 -2.63
N THR B 182 0.05 23.23 -1.76
CA THR B 182 -0.47 24.14 -0.74
C THR B 182 -0.06 25.57 -1.06
N SER B 183 -0.82 26.53 -0.53
CA SER B 183 -0.53 27.94 -0.76
C SER B 183 0.70 28.38 0.04
N VAL B 184 1.39 29.39 -0.46
CA VAL B 184 2.55 29.95 0.21
C VAL B 184 2.20 31.34 0.74
N ARG B 185 1.79 31.39 2.01
CA ARG B 185 1.29 32.63 2.60
C ARG B 185 2.38 33.70 2.70
N SER B 186 1.97 34.96 2.52
CA SER B 186 2.88 36.09 2.60
C SER B 186 2.08 37.32 3.04
N ARG B 187 2.73 38.24 3.76
CA ARG B 187 2.09 39.51 4.05
C ARG B 187 1.89 40.22 2.73
N VAL B 188 0.77 40.93 2.58
CA VAL B 188 0.48 41.64 1.32
C VAL B 188 0.12 43.11 1.55
N THR B 189 0.00 43.87 0.46
CA THR B 189 -0.35 45.29 0.55
C THR B 189 -1.02 45.82 -0.70
N ASN B 190 -1.55 47.04 -0.61
CA ASN B 190 -2.22 47.68 -1.74
C ASN B 190 -1.42 48.78 -2.39
N LEU B 191 -1.45 48.83 -3.73
CA LEU B 191 -0.75 49.85 -4.50
C LEU B 191 -1.32 51.25 -4.23
N THR B 192 -2.55 51.29 -3.74
CA THR B 192 -3.21 52.57 -3.46
C THR B 192 -2.57 53.28 -2.27
N GLU B 193 -1.75 52.54 -1.51
CA GLU B 193 -1.02 53.11 -0.38
C GLU B 193 0.29 53.75 -0.83
N LEU B 194 0.74 53.37 -2.02
CA LEU B 194 1.97 53.91 -2.59
C LEU B 194 1.66 55.01 -3.59
N LEU B 195 0.65 54.75 -4.42
CA LEU B 195 0.20 55.72 -5.41
C LEU B 195 -1.29 55.98 -5.22
N PRO B 196 -1.63 56.92 -4.32
CA PRO B 196 -3.01 57.18 -3.90
C PRO B 196 -3.95 57.50 -5.06
N GLY B 197 -4.97 56.67 -5.26
CA GLY B 197 -5.96 56.91 -6.28
C GLY B 197 -5.74 56.09 -7.54
N ILE B 198 -4.79 55.17 -7.49
CA ILE B 198 -4.53 54.30 -8.65
C ILE B 198 -5.75 53.46 -8.99
N THR B 199 -6.21 53.57 -10.23
CA THR B 199 -7.40 52.84 -10.67
C THR B 199 -7.01 51.67 -11.59
N HIS B 200 -7.96 50.77 -11.80
CA HIS B 200 -7.75 49.59 -12.66
C HIS B 200 -7.53 50.02 -14.11
N GLU B 201 -8.12 51.14 -14.48
CA GLU B 201 -8.03 51.65 -15.84
C GLU B 201 -6.63 52.16 -16.15
N GLN B 202 -6.04 52.89 -15.21
CA GLN B 202 -4.69 53.43 -15.36
C GLN B 202 -3.65 52.32 -15.46
N VAL B 203 -3.86 51.27 -14.66
CA VAL B 203 -2.97 50.10 -14.65
C VAL B 203 -2.97 49.43 -16.00
N CYS B 204 -4.16 49.24 -16.57
CA CYS B 204 -4.30 48.61 -17.88
C CYS B 204 -3.58 49.41 -18.97
N GLU B 205 -3.58 50.74 -18.84
CA GLU B 205 -2.80 51.58 -19.75
C GLU B 205 -1.33 51.22 -19.66
N ALA B 206 -0.80 51.23 -18.44
CA ALA B 206 0.59 50.88 -18.20
C ALA B 206 0.94 49.49 -18.75
N ILE B 207 0.14 48.50 -18.40
CA ILE B 207 0.35 47.12 -18.85
C ILE B 207 0.19 46.99 -20.37
N THR B 208 -0.70 47.78 -20.95
CA THR B 208 -0.87 47.77 -22.40
C THR B 208 0.27 48.52 -23.10
N GLU B 209 0.55 49.75 -22.67
CA GLU B 209 1.56 50.58 -23.32
C GLU B 209 2.98 50.01 -23.19
N ALA B 210 3.19 49.16 -22.19
CA ALA B 210 4.46 48.46 -22.05
C ALA B 210 4.44 47.21 -22.93
N PHE B 211 3.27 46.60 -23.04
CA PHE B 211 3.06 45.46 -23.94
C PHE B 211 3.17 45.91 -25.39
N PHE B 212 2.69 47.12 -25.67
CA PHE B 212 2.78 47.70 -27.00
C PHE B 212 4.20 48.14 -27.32
N ALA B 213 4.98 48.46 -26.29
CA ALA B 213 6.33 48.97 -26.47
C ALA B 213 7.31 47.84 -26.75
N HIS B 214 7.32 46.83 -25.88
CA HIS B 214 8.24 45.72 -25.99
C HIS B 214 8.06 44.93 -27.29
N TYR B 215 6.94 45.13 -27.97
CA TYR B 215 6.65 44.40 -29.20
C TYR B 215 6.65 45.28 -30.45
N GLY B 216 6.68 46.60 -30.26
CA GLY B 216 6.75 47.53 -31.37
C GLY B 216 5.49 47.65 -32.20
N GLU B 217 4.39 47.08 -31.70
CA GLU B 217 3.11 47.16 -32.39
C GLU B 217 2.01 47.73 -31.49
N ARG B 218 0.85 48.00 -32.10
CA ARG B 218 -0.34 48.41 -31.37
C ARG B 218 -1.56 47.76 -32.02
N VAL B 219 -2.57 47.45 -31.22
CA VAL B 219 -3.84 46.96 -31.74
C VAL B 219 -5.03 47.53 -30.99
N GLU B 220 -6.15 47.70 -31.68
CA GLU B 220 -7.38 48.15 -31.05
C GLU B 220 -7.88 47.02 -30.14
N ALA B 221 -8.15 47.37 -28.89
CA ALA B 221 -8.60 46.39 -27.91
C ALA B 221 -10.00 45.87 -28.23
N GLU B 222 -10.18 44.56 -28.14
CA GLU B 222 -11.49 43.95 -28.31
C GLU B 222 -12.13 43.80 -26.93
N ILE B 223 -13.39 44.20 -26.80
CA ILE B 223 -14.04 44.22 -25.49
C ILE B 223 -15.19 43.21 -25.40
N ILE B 224 -15.14 42.39 -24.35
CA ILE B 224 -16.12 41.32 -24.16
C ILE B 224 -17.29 41.74 -23.25
N SER B 225 -18.51 41.43 -23.68
CA SER B 225 -19.71 41.77 -22.92
C SER B 225 -20.16 40.59 -22.06
N PRO B 226 -20.66 40.87 -20.85
CA PRO B 226 -21.16 39.83 -19.94
C PRO B 226 -22.53 39.29 -20.36
N ASN B 227 -23.35 40.14 -20.98
CA ASN B 227 -24.69 39.75 -21.39
C ASN B 227 -24.70 39.15 -22.79
N LYS B 228 -23.60 38.48 -23.16
CA LYS B 228 -23.42 38.00 -24.53
C LYS B 228 -22.41 36.86 -24.56
N THR B 229 -22.84 35.69 -25.04
CA THR B 229 -21.94 34.55 -25.19
C THR B 229 -20.92 34.83 -26.29
N PRO B 230 -19.65 35.03 -25.90
CA PRO B 230 -18.59 35.43 -26.85
C PRO B 230 -18.43 34.42 -27.98
N ASP B 231 -18.01 34.89 -29.15
CA ASP B 231 -17.84 33.99 -30.29
C ASP B 231 -16.54 33.20 -30.16
N LEU B 232 -16.60 32.10 -29.42
CA LEU B 232 -15.42 31.28 -29.18
C LEU B 232 -15.72 29.78 -29.32
N PRO B 233 -14.72 29.00 -29.77
CA PRO B 233 -14.87 27.55 -29.95
C PRO B 233 -15.27 26.84 -28.66
N ASN B 234 -16.47 26.24 -28.65
CA ASN B 234 -16.97 25.49 -27.51
C ASN B 234 -17.00 26.25 -26.18
N PHE B 235 -17.42 27.52 -26.23
CA PHE B 235 -17.52 28.33 -25.03
C PHE B 235 -18.62 27.82 -24.11
N ALA B 236 -19.73 27.41 -24.71
CA ALA B 236 -20.88 26.91 -23.96
C ALA B 236 -20.51 25.72 -23.09
N GLU B 237 -19.76 24.78 -23.66
CA GLU B 237 -19.32 23.60 -22.91
C GLU B 237 -18.26 23.97 -21.88
N THR B 238 -17.43 24.96 -22.22
CA THR B 238 -16.35 25.39 -21.34
C THR B 238 -16.85 26.13 -20.11
N PHE B 239 -17.60 27.21 -20.34
CA PHE B 239 -18.15 28.01 -19.26
C PHE B 239 -19.05 27.19 -18.34
N ALA B 240 -19.59 26.10 -18.85
CA ALA B 240 -20.42 25.20 -18.06
C ALA B 240 -19.56 24.35 -17.12
N ARG B 241 -18.47 23.79 -17.64
CA ARG B 241 -17.61 22.93 -16.82
C ARG B 241 -16.82 23.74 -15.80
N GLN B 242 -16.41 24.94 -16.20
CA GLN B 242 -15.68 25.84 -15.32
C GLN B 242 -16.56 26.26 -14.14
N SER B 243 -17.86 26.23 -14.35
CA SER B 243 -18.82 26.66 -13.32
C SER B 243 -19.28 25.50 -12.46
N SER B 244 -19.05 24.28 -12.92
CA SER B 244 -19.53 23.09 -12.22
C SER B 244 -18.85 22.89 -10.87
N TRP B 245 -19.52 22.15 -9.98
CA TRP B 245 -18.93 21.76 -8.72
C TRP B 245 -17.89 20.66 -8.97
N GLU B 246 -18.18 19.82 -9.96
CA GLU B 246 -17.33 18.67 -10.28
C GLU B 246 -15.94 19.06 -10.79
N TRP B 247 -15.77 20.32 -11.18
CA TRP B 247 -14.47 20.81 -11.57
C TRP B 247 -13.80 21.59 -10.44
N ASN B 248 -14.47 22.65 -9.99
CA ASN B 248 -13.94 23.52 -8.94
C ASN B 248 -13.62 22.78 -7.65
N PHE B 249 -14.50 21.86 -7.28
CA PHE B 249 -14.37 21.12 -6.03
C PHE B 249 -14.02 19.66 -6.27
N GLY B 250 -14.58 19.10 -7.35
CA GLY B 250 -14.39 17.69 -7.67
C GLY B 250 -12.94 17.34 -7.96
N GLN B 251 -12.32 18.05 -8.90
CA GLN B 251 -10.95 17.78 -9.33
C GLN B 251 -9.99 18.23 -8.23
N ALA B 252 -10.22 17.76 -7.01
CA ALA B 252 -9.30 18.03 -5.90
C ALA B 252 -8.48 16.76 -5.76
N PRO B 253 -7.15 16.92 -5.55
CA PRO B 253 -6.23 15.80 -5.33
C PRO B 253 -6.73 14.88 -4.22
N ALA B 254 -6.57 13.56 -4.41
CA ALA B 254 -7.09 12.57 -3.46
C ALA B 254 -6.65 12.84 -2.02
N PHE B 255 -7.59 12.78 -1.09
CA PHE B 255 -7.28 13.07 0.30
C PHE B 255 -8.11 12.26 1.27
N SER B 256 -7.91 12.53 2.56
CA SER B 256 -8.69 11.89 3.61
C SER B 256 -9.01 12.87 4.73
N HIS B 257 -10.20 12.71 5.31
CA HIS B 257 -10.68 13.67 6.30
C HIS B 257 -11.11 12.94 7.57
N LEU B 258 -10.62 13.42 8.72
CA LEU B 258 -10.98 12.85 10.01
C LEU B 258 -11.98 13.72 10.75
N LEU B 259 -13.13 13.14 11.09
CA LEU B 259 -14.21 13.86 11.74
C LEU B 259 -14.41 13.32 13.15
N ASP B 260 -14.86 14.19 14.07
CA ASP B 260 -15.11 13.76 15.44
C ASP B 260 -16.07 14.70 16.18
N GLU B 261 -16.88 14.13 17.06
CA GLU B 261 -17.85 14.91 17.84
C GLU B 261 -18.32 14.15 19.07
N ARG B 262 -18.65 14.88 20.14
CA ARG B 262 -19.17 14.27 21.36
C ARG B 262 -20.67 14.51 21.49
N PHE B 263 -21.47 13.51 21.14
CA PHE B 263 -22.91 13.58 21.37
C PHE B 263 -23.21 13.03 22.77
N THR B 264 -24.38 13.38 23.30
CA THR B 264 -24.77 12.93 24.64
C THR B 264 -24.99 11.43 24.66
N TRP B 265 -25.37 10.88 23.51
CA TRP B 265 -25.62 9.45 23.38
C TRP B 265 -24.36 8.67 23.00
N GLY B 266 -23.22 9.37 23.00
CA GLY B 266 -21.94 8.76 22.68
C GLY B 266 -21.09 9.62 21.76
N GLY B 267 -19.82 9.27 21.64
CA GLY B 267 -18.92 9.98 20.75
C GLY B 267 -18.79 9.29 19.40
N VAL B 268 -18.68 10.09 18.34
CA VAL B 268 -18.56 9.54 16.99
C VAL B 268 -17.32 10.07 16.27
N GLU B 269 -16.58 9.18 15.62
CA GLU B 269 -15.40 9.55 14.85
C GLU B 269 -15.48 8.97 13.45
N LEU B 270 -15.31 9.81 12.44
CA LEU B 270 -15.46 9.38 11.05
C LEU B 270 -14.18 9.55 10.20
N HIS B 271 -13.87 8.55 9.39
CA HIS B 271 -12.75 8.64 8.47
C HIS B 271 -13.23 8.54 7.03
N PHE B 272 -12.99 9.60 6.26
CA PHE B 272 -13.44 9.65 4.87
C PHE B 272 -12.26 9.57 3.90
N ASP B 273 -12.32 8.62 2.98
CA ASP B 273 -11.40 8.60 1.84
C ASP B 273 -12.07 9.29 0.66
N VAL B 274 -11.47 10.38 0.20
CA VAL B 274 -12.07 11.19 -0.86
C VAL B 274 -11.28 11.17 -2.15
N GLU B 275 -11.97 10.95 -3.26
CA GLU B 275 -11.34 10.90 -4.58
C GLU B 275 -12.32 11.39 -5.64
N LYS B 276 -11.88 12.38 -6.42
CA LYS B 276 -12.74 13.03 -7.41
C LYS B 276 -14.01 13.63 -6.79
N GLY B 277 -13.91 14.00 -5.52
CA GLY B 277 -15.05 14.56 -4.82
C GLY B 277 -15.97 13.51 -4.21
N HIS B 278 -15.64 12.24 -4.42
CA HIS B 278 -16.46 11.13 -3.92
C HIS B 278 -15.84 10.44 -2.70
N ILE B 279 -16.69 9.99 -1.80
CA ILE B 279 -16.25 9.18 -0.66
C ILE B 279 -16.08 7.73 -1.11
N THR B 280 -14.82 7.31 -1.27
CA THR B 280 -14.52 5.97 -1.72
C THR B 280 -14.62 4.97 -0.57
N ARG B 281 -14.53 5.48 0.65
CA ARG B 281 -14.58 4.64 1.84
C ARG B 281 -14.89 5.44 3.10
N ALA B 282 -15.87 4.98 3.87
CA ALA B 282 -16.20 5.61 5.14
C ALA B 282 -16.10 4.61 6.28
N GLN B 283 -15.29 4.94 7.28
CA GLN B 283 -15.17 4.11 8.48
C GLN B 283 -15.66 4.90 9.69
N VAL B 284 -16.36 4.23 10.60
CA VAL B 284 -16.88 4.89 11.79
C VAL B 284 -16.32 4.28 13.07
N PHE B 285 -15.95 5.14 14.02
CA PHE B 285 -15.43 4.69 15.30
C PHE B 285 -16.25 5.30 16.44
N THR B 286 -16.99 4.46 17.16
CA THR B 286 -17.91 4.98 18.17
C THR B 286 -18.00 4.13 19.42
N ASP B 287 -18.47 4.77 20.50
CA ASP B 287 -18.73 4.08 21.76
C ASP B 287 -20.21 4.21 22.12
N SER B 288 -21.05 4.36 21.09
CA SER B 288 -22.48 4.48 21.27
C SER B 288 -23.12 3.15 21.65
N LEU B 289 -24.17 3.22 22.47
CA LEU B 289 -24.85 2.03 22.96
C LEU B 289 -25.65 1.36 21.85
N ASN B 290 -25.92 2.12 20.78
CA ASN B 290 -26.60 1.58 19.60
C ASN B 290 -25.79 1.90 18.34
N PRO B 291 -24.73 1.11 18.09
CA PRO B 291 -23.77 1.36 17.01
C PRO B 291 -24.18 0.77 15.66
N ALA B 292 -25.11 -0.19 15.67
CA ALA B 292 -25.57 -0.83 14.44
C ALA B 292 -26.00 0.11 13.30
N PRO B 293 -26.77 1.17 13.61
CA PRO B 293 -27.12 2.09 12.51
C PRO B 293 -25.94 2.90 12.00
N LEU B 294 -24.98 3.18 12.88
CA LEU B 294 -23.79 3.94 12.47
C LEU B 294 -22.86 3.11 11.59
N GLU B 295 -22.74 1.82 11.92
CA GLU B 295 -21.95 0.90 11.09
C GLU B 295 -22.66 0.64 9.77
N ALA B 296 -23.96 0.89 9.76
CA ALA B 296 -24.75 0.77 8.53
C ALA B 296 -24.52 2.00 7.64
N LEU B 297 -24.42 3.16 8.26
CA LEU B 297 -24.20 4.41 7.53
C LEU B 297 -22.88 4.39 6.78
N ALA B 298 -21.83 3.95 7.44
CA ALA B 298 -20.49 3.93 6.88
C ALA B 298 -20.41 3.15 5.56
N GLY B 299 -21.32 2.19 5.39
CA GLY B 299 -21.35 1.42 4.17
C GLY B 299 -22.18 2.05 3.08
N ARG B 300 -23.06 2.98 3.47
CA ARG B 300 -23.93 3.64 2.50
C ARG B 300 -23.31 4.92 1.95
N LEU B 301 -22.22 5.36 2.57
CA LEU B 301 -21.49 6.53 2.08
C LEU B 301 -20.50 6.13 0.99
N GLN B 302 -20.53 4.85 0.62
CA GLN B 302 -19.69 4.32 -0.45
C GLN B 302 -20.03 5.00 -1.78
N GLY B 303 -19.16 5.88 -2.23
CA GLY B 303 -19.37 6.56 -3.50
C GLY B 303 -20.18 7.85 -3.37
N CYS B 304 -20.63 8.13 -2.15
CA CYS B 304 -21.40 9.34 -1.88
C CYS B 304 -20.57 10.60 -2.13
N LEU B 305 -21.23 11.71 -2.43
CA LEU B 305 -20.54 12.97 -2.70
C LEU B 305 -19.93 13.55 -1.43
N TYR B 306 -18.69 14.04 -1.52
CA TYR B 306 -18.11 14.80 -0.41
C TYR B 306 -18.75 16.19 -0.38
N ARG B 307 -20.03 16.21 0.01
CA ARG B 307 -20.80 17.46 0.05
C ARG B 307 -21.95 17.28 1.04
N ALA B 308 -22.40 18.39 1.64
CA ALA B 308 -23.41 18.36 2.70
C ALA B 308 -24.76 17.82 2.25
N ASP B 309 -25.27 18.34 1.14
CA ASP B 309 -26.61 18.00 0.68
C ASP B 309 -26.81 16.51 0.36
N MET B 310 -25.73 15.84 -0.05
CA MET B 310 -25.81 14.43 -0.42
C MET B 310 -25.56 13.50 0.77
N LEU B 311 -24.86 14.01 1.78
CA LEU B 311 -24.63 13.25 3.00
C LEU B 311 -25.92 13.14 3.80
N GLN B 312 -26.67 14.25 3.84
CA GLN B 312 -27.90 14.30 4.62
C GLN B 312 -28.99 13.45 3.99
N GLN B 313 -28.94 13.30 2.67
CA GLN B 313 -29.84 12.40 1.97
C GLN B 313 -29.66 10.98 2.47
N GLU B 314 -28.41 10.54 2.56
CA GLU B 314 -28.08 9.19 3.01
C GLU B 314 -28.53 8.91 4.44
N CYS B 315 -28.49 9.92 5.29
CA CYS B 315 -28.95 9.78 6.67
C CYS B 315 -30.46 9.77 6.75
N GLU B 316 -31.09 10.62 5.94
CA GLU B 316 -32.55 10.74 5.94
C GLU B 316 -33.20 9.46 5.43
N ALA B 317 -32.47 8.71 4.60
CA ALA B 317 -32.95 7.43 4.11
C ALA B 317 -32.55 6.30 5.07
N LEU B 318 -31.68 6.62 6.02
CA LEU B 318 -31.27 5.66 7.03
C LEU B 318 -32.28 5.64 8.18
N LEU B 319 -32.95 6.77 8.38
CA LEU B 319 -33.99 6.90 9.40
C LEU B 319 -35.09 5.88 9.17
N VAL B 320 -35.32 5.57 7.90
CA VAL B 320 -36.32 4.59 7.49
C VAL B 320 -36.04 3.22 8.10
N ASP B 321 -34.78 2.78 8.02
CA ASP B 321 -34.41 1.45 8.48
C ASP B 321 -34.17 1.39 9.99
N PHE B 322 -33.85 2.53 10.60
CA PHE B 322 -33.60 2.58 12.04
C PHE B 322 -34.42 3.70 12.67
N PRO B 323 -35.76 3.52 12.74
CA PRO B 323 -36.66 4.57 13.19
C PRO B 323 -36.53 4.88 14.68
N GLU B 324 -35.95 3.94 15.44
CA GLU B 324 -35.81 4.11 16.88
C GLU B 324 -34.76 5.17 17.22
N GLN B 325 -33.73 5.28 16.41
CA GLN B 325 -32.69 6.29 16.62
C GLN B 325 -32.85 7.49 15.68
N GLU B 326 -34.09 7.98 15.57
CA GLU B 326 -34.36 9.15 14.74
C GLU B 326 -33.68 10.40 15.30
N LYS B 327 -33.81 10.59 16.61
CA LYS B 327 -33.20 11.72 17.30
C LYS B 327 -31.69 11.76 17.14
N GLU B 328 -31.05 10.60 17.31
CA GLU B 328 -29.60 10.49 17.23
C GLU B 328 -29.05 10.82 15.84
N LEU B 329 -29.59 10.14 14.82
CA LEU B 329 -29.14 10.32 13.44
C LEU B 329 -29.32 11.75 12.93
N ARG B 330 -30.37 12.43 13.39
CA ARG B 330 -30.61 13.80 12.98
C ARG B 330 -29.58 14.76 13.55
N GLU B 331 -29.06 14.44 14.73
CA GLU B 331 -27.96 15.21 15.31
C GLU B 331 -26.69 14.89 14.56
N LEU B 332 -26.55 13.64 14.15
CA LEU B 332 -25.39 13.17 13.40
C LEU B 332 -25.30 13.87 12.06
N SER B 333 -26.34 13.71 11.25
CA SER B 333 -26.44 14.33 9.94
C SER B 333 -26.29 15.86 9.98
N ALA B 334 -26.72 16.46 11.09
CA ALA B 334 -26.57 17.89 11.28
C ALA B 334 -25.09 18.27 11.35
N TRP B 335 -24.35 17.56 12.19
CA TRP B 335 -22.93 17.82 12.37
C TRP B 335 -22.10 17.46 11.15
N MET B 336 -22.35 16.29 10.60
CA MET B 336 -21.58 15.76 9.47
C MET B 336 -21.61 16.71 8.29
N ALA B 337 -22.76 17.34 8.07
CA ALA B 337 -22.92 18.28 6.96
C ALA B 337 -22.22 19.59 7.24
N GLY B 338 -22.07 19.93 8.51
CA GLY B 338 -21.41 21.17 8.90
C GLY B 338 -19.90 21.05 8.87
N ALA B 339 -19.40 19.82 8.93
CA ALA B 339 -17.97 19.57 8.96
C ALA B 339 -17.35 19.60 7.57
N VAL B 340 -18.15 19.35 6.55
CA VAL B 340 -17.64 19.22 5.19
C VAL B 340 -17.93 20.45 4.31
N ARG B 341 -18.15 21.59 4.95
CA ARG B 341 -18.41 22.83 4.20
C ARG B 341 -17.13 23.62 3.92
N SER C 5 -6.58 -48.46 7.85
CA SER C 5 -7.22 -48.80 9.12
C SER C 5 -8.55 -48.07 9.22
N THR C 6 -9.19 -48.18 10.38
CA THR C 6 -10.47 -47.53 10.61
C THR C 6 -10.52 -46.54 11.77
N LEU C 7 -10.41 -47.06 12.99
CA LEU C 7 -10.42 -46.23 14.19
C LEU C 7 -9.02 -45.98 14.72
N ARG C 8 -8.69 -44.72 14.92
CA ARG C 8 -7.36 -44.34 15.43
C ARG C 8 -7.48 -43.34 16.57
N LEU C 9 -6.96 -43.71 17.74
CA LEU C 9 -7.04 -42.83 18.91
C LEU C 9 -5.67 -42.25 19.25
N LEU C 10 -5.64 -40.95 19.50
CA LEU C 10 -4.39 -40.25 19.80
C LEU C 10 -4.49 -39.41 21.08
N ILE C 11 -3.55 -39.60 21.98
CA ILE C 11 -3.49 -38.82 23.22
C ILE C 11 -2.24 -37.95 23.24
N SER C 12 -2.42 -36.64 23.37
CA SER C 12 -1.30 -35.71 23.40
C SER C 12 -0.80 -35.46 24.81
N ASP C 13 0.49 -35.66 25.03
CA ASP C 13 1.12 -35.35 26.31
C ASP C 13 1.93 -34.06 26.18
N SER C 14 1.53 -33.21 25.24
CA SER C 14 2.16 -31.92 25.04
C SER C 14 1.14 -30.81 25.27
N TYR C 15 1.55 -29.77 26.00
CA TYR C 15 0.65 -28.67 26.34
C TYR C 15 0.91 -27.46 25.46
N ASP C 16 1.75 -27.65 24.45
CA ASP C 16 2.06 -26.62 23.48
C ASP C 16 0.94 -26.55 22.45
N PRO C 17 0.19 -25.44 22.44
CA PRO C 17 -0.95 -25.27 21.53
C PRO C 17 -0.53 -25.29 20.07
N TRP C 18 0.66 -24.77 19.78
CA TRP C 18 1.21 -24.80 18.44
C TRP C 18 1.53 -26.24 18.05
N PHE C 19 2.00 -27.02 19.02
CA PHE C 19 2.40 -28.40 18.78
C PHE C 19 1.20 -29.28 18.46
N ASN C 20 0.22 -29.29 19.36
CA ASN C 20 -0.98 -30.10 19.19
C ASN C 20 -1.71 -29.75 17.89
N LEU C 21 -1.86 -28.46 17.62
CA LEU C 21 -2.49 -28.02 16.40
C LEU C 21 -1.65 -28.38 15.17
N ALA C 22 -0.34 -28.52 15.37
CA ALA C 22 0.54 -28.95 14.27
C ALA C 22 0.37 -30.45 14.03
N VAL C 23 0.04 -31.19 15.09
CA VAL C 23 -0.23 -32.62 14.98
C VAL C 23 -1.49 -32.84 14.15
N ALA C 24 -2.55 -32.08 14.47
CA ALA C 24 -3.82 -32.19 13.77
C ALA C 24 -3.68 -31.87 12.28
N GLU C 25 -3.01 -30.77 11.96
CA GLU C 25 -2.80 -30.35 10.58
C GLU C 25 -2.11 -31.44 9.78
N CYS C 26 -1.23 -32.20 10.44
CA CYS C 26 -0.53 -33.31 9.80
C CYS C 26 -1.43 -34.54 9.71
N ILE C 27 -2.09 -34.87 10.81
CA ILE C 27 -3.03 -35.99 10.84
C ILE C 27 -4.16 -35.79 9.84
N PHE C 28 -4.69 -34.57 9.78
CA PHE C 28 -5.84 -34.26 8.94
C PHE C 28 -5.61 -34.53 7.46
N ARG C 29 -4.36 -34.38 7.01
CA ARG C 29 -4.02 -34.66 5.61
C ARG C 29 -3.54 -36.11 5.44
N GLN C 30 -2.78 -36.59 6.42
CA GLN C 30 -2.22 -37.94 6.37
C GLN C 30 -3.31 -39.01 6.47
N MET C 31 -4.43 -38.65 7.09
CA MET C 31 -5.53 -39.57 7.34
C MET C 31 -6.02 -40.28 6.08
N PRO C 32 -6.14 -41.62 6.14
CA PRO C 32 -6.74 -42.41 5.06
C PRO C 32 -8.22 -42.06 4.91
N ALA C 33 -8.75 -42.17 3.70
CA ALA C 33 -10.13 -41.78 3.42
C ALA C 33 -11.16 -42.55 4.26
N THR C 34 -10.87 -43.83 4.51
CA THR C 34 -11.79 -44.69 5.24
C THR C 34 -11.63 -44.59 6.76
N GLN C 35 -10.73 -43.71 7.20
CA GLN C 35 -10.36 -43.63 8.61
C GLN C 35 -11.26 -42.69 9.42
N ARG C 36 -11.47 -43.03 10.69
CA ARG C 36 -12.22 -42.19 11.61
C ARG C 36 -11.34 -41.89 12.83
N VAL C 37 -10.98 -40.62 13.02
CA VAL C 37 -9.97 -40.25 14.01
C VAL C 37 -10.52 -39.50 15.22
N LEU C 38 -10.08 -39.90 16.41
CA LEU C 38 -10.36 -39.15 17.63
C LEU C 38 -9.05 -38.64 18.24
N PHE C 39 -9.02 -37.36 18.58
CA PHE C 39 -7.82 -36.74 19.15
C PHE C 39 -8.14 -36.09 20.50
N LEU C 40 -7.48 -36.54 21.54
CA LEU C 40 -7.67 -35.98 22.87
C LEU C 40 -6.41 -35.26 23.33
N TRP C 41 -6.54 -34.01 23.75
CA TRP C 41 -5.39 -33.16 24.03
C TRP C 41 -5.67 -32.01 24.99
N ARG C 42 -4.61 -31.41 25.51
CA ARG C 42 -4.71 -30.28 26.41
C ARG C 42 -3.77 -29.16 25.97
N ASN C 43 -4.03 -27.95 26.48
CA ASN C 43 -3.15 -26.81 26.23
C ASN C 43 -2.99 -25.98 27.48
N ALA C 44 -1.75 -25.69 27.86
CA ALA C 44 -1.48 -24.89 29.06
C ALA C 44 -1.36 -23.41 28.75
N ASP C 45 -2.26 -22.62 29.35
CA ASP C 45 -2.25 -21.17 29.19
C ASP C 45 -2.30 -20.53 27.81
N THR C 46 -3.34 -20.85 27.04
CA THR C 46 -3.46 -20.33 25.68
C THR C 46 -4.83 -19.79 25.28
N VAL C 47 -4.83 -18.70 24.52
CA VAL C 47 -6.04 -18.24 23.84
C VAL C 47 -5.99 -18.72 22.39
N VAL C 48 -7.05 -19.36 21.92
CA VAL C 48 -7.07 -19.88 20.55
C VAL C 48 -8.15 -19.20 19.72
N ILE C 49 -7.76 -18.66 18.58
CA ILE C 49 -8.66 -17.89 17.71
C ILE C 49 -8.94 -18.61 16.39
N GLY C 50 -10.02 -18.22 15.73
CA GLY C 50 -10.40 -18.83 14.45
C GLY C 50 -9.61 -18.26 13.28
N ARG C 51 -9.56 -19.00 12.18
CA ARG C 51 -8.80 -18.64 10.99
C ARG C 51 -9.12 -17.24 10.45
N ALA C 52 -10.34 -16.79 10.68
CA ALA C 52 -10.79 -15.51 10.17
C ALA C 52 -11.04 -14.50 11.28
N GLN C 53 -10.17 -14.50 12.30
CA GLN C 53 -10.35 -13.59 13.44
C GLN C 53 -9.24 -12.55 13.57
N ASN C 54 -9.55 -11.47 14.29
CA ASN C 54 -8.58 -10.42 14.58
C ASN C 54 -8.18 -10.48 16.05
N PRO C 55 -6.97 -10.99 16.33
CA PRO C 55 -6.49 -11.23 17.69
C PRO C 55 -6.54 -9.99 18.57
N TRP C 56 -5.97 -8.89 18.10
CA TRP C 56 -5.98 -7.63 18.85
C TRP C 56 -7.39 -7.22 19.24
N LYS C 57 -8.35 -7.53 18.37
CA LYS C 57 -9.75 -7.18 18.59
C LYS C 57 -10.47 -8.18 19.48
N GLU C 58 -10.25 -9.46 19.23
CA GLU C 58 -11.01 -10.50 19.91
C GLU C 58 -10.51 -10.81 21.32
N CYS C 59 -9.20 -10.70 21.54
CA CYS C 59 -8.64 -10.97 22.87
C CYS C 59 -7.70 -9.87 23.36
N ASN C 60 -7.40 -9.91 24.66
CA ASN C 60 -6.50 -8.93 25.28
C ASN C 60 -5.05 -9.27 25.00
N THR C 61 -4.61 -9.00 23.77
CA THR C 61 -3.28 -9.39 23.30
C THR C 61 -2.13 -8.76 24.09
N ARG C 62 -2.41 -7.67 24.80
CA ARG C 62 -1.39 -7.05 25.64
C ARG C 62 -1.17 -7.85 26.92
N ARG C 63 -2.24 -8.02 27.70
CA ARG C 63 -2.17 -8.67 28.99
C ARG C 63 -1.78 -10.15 28.84
N MET C 64 -1.90 -10.67 27.62
CA MET C 64 -1.39 -12.00 27.29
C MET C 64 0.13 -11.96 27.21
N GLU C 65 0.66 -10.91 26.59
CA GLU C 65 2.10 -10.76 26.43
C GLU C 65 2.79 -10.55 27.77
N GLU C 66 2.15 -9.78 28.64
CA GLU C 66 2.69 -9.52 29.97
C GLU C 66 2.78 -10.80 30.79
N ASP C 67 1.83 -11.70 30.57
CA ASP C 67 1.71 -12.91 31.37
C ASP C 67 2.19 -14.17 30.63
N ASN C 68 2.95 -13.97 29.56
CA ASN C 68 3.50 -15.07 28.76
C ASN C 68 2.47 -16.12 28.36
N VAL C 69 1.28 -15.65 27.96
CA VAL C 69 0.21 -16.55 27.53
C VAL C 69 0.12 -16.62 26.01
N ARG C 70 0.40 -17.81 25.48
CA ARG C 70 0.54 -18.01 24.04
C ARG C 70 -0.76 -17.82 23.27
N LEU C 71 -0.65 -17.29 22.06
CA LEU C 71 -1.80 -17.19 21.16
C LEU C 71 -1.60 -18.08 19.95
N ALA C 72 -2.59 -18.92 19.67
CA ALA C 72 -2.54 -19.80 18.51
C ALA C 72 -3.79 -19.63 17.66
N ARG C 73 -3.61 -19.63 16.34
CA ARG C 73 -4.74 -19.53 15.43
C ARG C 73 -5.03 -20.89 14.79
N ARG C 74 -6.08 -21.55 15.28
CA ARG C 74 -6.47 -22.84 14.74
C ARG C 74 -6.95 -22.68 13.30
N SER C 75 -6.85 -23.76 12.53
CA SER C 75 -7.19 -23.74 11.11
C SER C 75 -8.69 -23.78 10.86
N SER C 76 -9.45 -24.07 11.91
CA SER C 76 -10.90 -24.13 11.80
C SER C 76 -11.48 -22.73 11.91
N GLY C 77 -12.78 -22.66 12.16
CA GLY C 77 -13.45 -21.39 12.31
C GLY C 77 -13.74 -20.97 13.73
N GLY C 78 -14.97 -20.55 14.00
CA GLY C 78 -15.38 -20.21 15.35
C GLY C 78 -14.76 -18.94 15.88
N GLY C 79 -14.82 -18.77 17.20
CA GLY C 79 -14.31 -17.56 17.83
C GLY C 79 -13.12 -17.79 18.75
N ALA C 80 -12.82 -16.79 19.57
CA ALA C 80 -11.68 -16.85 20.48
C ALA C 80 -12.06 -17.42 21.85
N VAL C 81 -11.32 -18.43 22.29
CA VAL C 81 -11.60 -19.07 23.57
C VAL C 81 -10.35 -19.11 24.43
N PHE C 82 -10.47 -19.66 25.64
CA PHE C 82 -9.34 -19.77 26.54
C PHE C 82 -8.98 -21.22 26.86
N HIS C 83 -7.69 -21.50 26.95
CA HIS C 83 -7.21 -22.85 27.29
C HIS C 83 -6.29 -22.81 28.50
N ASP C 84 -6.48 -23.76 29.41
CA ASP C 84 -5.47 -24.06 30.44
C ASP C 84 -5.44 -25.55 30.70
N LEU C 85 -4.73 -25.98 31.75
CA LEU C 85 -4.59 -27.40 32.03
C LEU C 85 -5.85 -28.03 32.63
N GLY C 86 -6.86 -27.20 32.87
CA GLY C 86 -8.16 -27.69 33.31
C GLY C 86 -9.14 -27.77 32.16
N ASN C 87 -8.63 -27.67 30.94
CA ASN C 87 -9.47 -27.71 29.75
C ASN C 87 -9.10 -28.87 28.83
N THR C 88 -10.06 -29.76 28.59
CA THR C 88 -9.85 -30.90 27.71
C THR C 88 -10.40 -30.61 26.32
N CYS C 89 -9.58 -30.85 25.30
CA CYS C 89 -9.98 -30.62 23.92
C CYS C 89 -10.09 -31.92 23.15
N PHE C 90 -11.16 -32.07 22.37
CA PHE C 90 -11.34 -33.24 21.53
C PHE C 90 -11.28 -32.85 20.04
N THR C 91 -11.06 -33.83 19.18
CA THR C 91 -11.04 -33.58 17.75
C THR C 91 -11.45 -34.83 16.97
N PHE C 92 -12.67 -34.80 16.43
CA PHE C 92 -13.17 -35.91 15.63
C PHE C 92 -12.88 -35.69 14.16
N MET C 93 -12.31 -36.69 13.51
CA MET C 93 -12.03 -36.60 12.07
C MET C 93 -12.67 -37.76 11.30
N ALA C 94 -13.35 -37.43 10.21
CA ALA C 94 -13.97 -38.43 9.35
C ALA C 94 -13.79 -38.06 7.88
N GLY C 95 -14.51 -38.77 7.01
CA GLY C 95 -14.48 -38.48 5.58
C GLY C 95 -15.88 -38.47 5.00
N LYS C 96 -16.07 -37.70 3.94
CA LYS C 96 -17.38 -37.61 3.28
C LYS C 96 -17.72 -38.87 2.51
N PRO C 97 -19.03 -39.20 2.44
CA PRO C 97 -20.11 -38.45 3.09
C PRO C 97 -20.46 -39.00 4.46
N GLU C 98 -19.57 -39.82 5.02
CA GLU C 98 -19.80 -40.41 6.34
C GLU C 98 -19.67 -39.36 7.44
N TYR C 99 -19.00 -38.26 7.12
CA TYR C 99 -18.79 -37.19 8.10
C TYR C 99 -20.05 -36.41 8.41
N ASP C 100 -20.33 -36.25 9.71
CA ASP C 100 -21.38 -35.37 10.19
C ASP C 100 -21.03 -34.90 11.61
N LYS C 101 -21.12 -33.60 11.84
CA LYS C 101 -20.72 -33.02 13.12
C LYS C 101 -21.71 -33.34 14.25
N THR C 102 -22.91 -33.77 13.87
CA THR C 102 -23.94 -34.11 14.86
C THR C 102 -23.61 -35.45 15.52
N ILE C 103 -22.96 -36.33 14.76
CA ILE C 103 -22.54 -37.63 15.25
C ILE C 103 -21.60 -37.47 16.44
N SER C 104 -20.50 -36.76 16.21
CA SER C 104 -19.48 -36.54 17.22
C SER C 104 -20.03 -35.79 18.43
N THR C 105 -20.95 -34.87 18.17
CA THR C 105 -21.58 -34.08 19.22
C THR C 105 -22.29 -35.00 20.21
N SER C 106 -23.09 -35.93 19.68
CA SER C 106 -23.82 -36.88 20.50
C SER C 106 -22.89 -37.84 21.23
N ILE C 107 -21.77 -38.18 20.61
CA ILE C 107 -20.77 -39.06 21.22
C ILE C 107 -20.19 -38.41 22.47
N VAL C 108 -19.91 -37.11 22.39
CA VAL C 108 -19.46 -36.36 23.56
C VAL C 108 -20.61 -36.20 24.55
N LEU C 109 -21.79 -35.92 24.02
CA LEU C 109 -23.00 -35.76 24.84
C LEU C 109 -23.31 -37.05 25.62
N ASN C 110 -23.20 -38.19 24.95
CA ASN C 110 -23.37 -39.49 25.60
C ASN C 110 -22.31 -39.70 26.67
N ALA C 111 -21.07 -39.33 26.35
CA ALA C 111 -19.96 -39.42 27.29
C ALA C 111 -20.24 -38.59 28.54
N LEU C 112 -20.93 -37.47 28.35
CA LEU C 112 -21.34 -36.62 29.47
C LEU C 112 -22.33 -37.34 30.36
N ASN C 113 -23.40 -37.85 29.76
CA ASN C 113 -24.44 -38.57 30.50
C ASN C 113 -23.89 -39.82 31.18
N ALA C 114 -22.82 -40.37 30.61
CA ALA C 114 -22.19 -41.56 31.18
C ALA C 114 -21.27 -41.21 32.36
N LEU C 115 -21.21 -39.92 32.69
CA LEU C 115 -20.36 -39.46 33.78
C LEU C 115 -21.15 -38.78 34.89
N GLY C 116 -22.46 -38.67 34.71
CA GLY C 116 -23.33 -38.14 35.74
C GLY C 116 -23.78 -36.71 35.54
N VAL C 117 -23.73 -36.24 34.30
CA VAL C 117 -24.17 -34.88 33.98
C VAL C 117 -25.08 -34.86 32.76
N SER C 118 -26.10 -34.01 32.80
CA SER C 118 -27.02 -33.86 31.68
C SER C 118 -26.78 -32.56 30.94
N ALA C 119 -26.52 -32.65 29.64
CA ALA C 119 -26.28 -31.46 28.82
C ALA C 119 -27.03 -31.55 27.49
N GLU C 120 -26.93 -30.50 26.69
CA GLU C 120 -27.55 -30.44 25.37
C GLU C 120 -26.91 -29.37 24.50
N ALA C 121 -26.68 -29.69 23.23
CA ALA C 121 -26.06 -28.75 22.30
C ALA C 121 -27.05 -27.68 21.85
N SER C 122 -26.62 -26.42 21.86
CA SER C 122 -27.47 -25.31 21.47
C SER C 122 -26.76 -24.38 20.49
N GLY C 123 -27.36 -23.22 20.25
CA GLY C 123 -26.80 -22.24 19.33
C GLY C 123 -26.29 -22.88 18.06
N ARG C 124 -25.10 -22.48 17.64
CA ARG C 124 -24.53 -23.04 16.42
C ARG C 124 -23.76 -24.27 16.90
N ASN C 125 -22.96 -24.11 17.96
CA ASN C 125 -22.12 -25.21 18.42
C ASN C 125 -21.69 -25.15 19.88
N ASP C 126 -22.41 -24.37 20.69
CA ASP C 126 -22.12 -24.23 22.10
C ASP C 126 -22.75 -25.42 22.80
N LEU C 127 -22.62 -25.52 24.08
CA LEU C 127 -23.06 -26.74 24.73
C LEU C 127 -23.29 -26.56 26.24
N VAL C 128 -24.54 -26.55 26.65
CA VAL C 128 -25.06 -25.86 27.81
C VAL C 128 -25.67 -26.81 28.86
N VAL C 129 -25.37 -26.58 30.13
CA VAL C 129 -26.00 -27.31 31.22
C VAL C 129 -26.91 -26.39 32.03
N LYS C 130 -28.02 -26.94 32.51
CA LYS C 130 -28.92 -26.16 33.36
C LYS C 130 -28.36 -26.08 34.78
N THR C 131 -28.33 -24.86 35.32
CA THR C 131 -27.80 -24.63 36.66
C THR C 131 -28.81 -23.89 37.52
N VAL C 132 -28.42 -23.59 38.76
CA VAL C 132 -29.28 -22.85 39.66
C VAL C 132 -29.39 -21.40 39.19
N GLU C 133 -28.37 -20.94 38.46
CA GLU C 133 -28.33 -19.57 37.97
C GLU C 133 -28.84 -19.46 36.55
N GLY C 134 -29.35 -20.57 36.02
CA GLY C 134 -29.89 -20.58 34.67
C GLY C 134 -29.08 -21.46 33.73
N ASP C 135 -28.91 -20.99 32.49
CA ASP C 135 -28.17 -21.74 31.49
C ASP C 135 -26.69 -21.32 31.45
N ARG C 136 -25.80 -22.32 31.46
CA ARG C 136 -24.36 -22.06 31.44
C ARG C 136 -23.66 -22.93 30.40
N LYS C 137 -22.75 -22.32 29.65
CA LYS C 137 -21.98 -23.03 28.63
C LYS C 137 -20.82 -23.79 29.27
N VAL C 138 -20.55 -25.00 28.77
CA VAL C 138 -19.43 -25.79 29.29
C VAL C 138 -18.50 -26.25 28.16
N SER C 139 -18.88 -25.93 26.93
CA SER C 139 -18.07 -26.29 25.77
C SER C 139 -18.47 -25.54 24.51
N GLY C 140 -17.50 -25.31 23.63
CA GLY C 140 -17.74 -24.73 22.33
C GLY C 140 -17.05 -25.59 21.29
N SER C 141 -17.23 -25.24 20.00
CA SER C 141 -16.61 -26.02 18.94
C SER C 141 -16.58 -25.27 17.61
N ALA C 142 -15.65 -25.66 16.75
CA ALA C 142 -15.53 -25.11 15.41
C ALA C 142 -15.06 -26.22 14.48
N TYR C 143 -15.36 -26.09 13.18
CA TYR C 143 -15.06 -27.17 12.25
C TYR C 143 -14.09 -26.80 11.14
N ARG C 144 -13.58 -27.82 10.47
CA ARG C 144 -12.82 -27.66 9.24
C ARG C 144 -13.30 -28.71 8.24
N GLU C 145 -13.52 -28.28 7.01
CA GLU C 145 -14.09 -29.18 6.00
C GLU C 145 -13.42 -28.82 4.69
N THR C 146 -13.19 -29.83 3.85
CA THR C 146 -12.66 -29.62 2.51
C THR C 146 -13.54 -30.52 1.65
N LYS C 147 -13.15 -30.74 0.40
CA LYS C 147 -13.96 -31.51 -0.54
C LYS C 147 -14.42 -32.86 0.01
N ASP C 148 -13.56 -33.49 0.82
CA ASP C 148 -13.82 -34.80 1.36
C ASP C 148 -13.71 -35.16 2.85
N ARG C 149 -12.69 -34.62 3.51
CA ARG C 149 -12.42 -34.91 4.90
C ARG C 149 -13.24 -33.97 5.76
N GLY C 150 -13.36 -34.29 7.04
CA GLY C 150 -14.06 -33.45 8.00
C GLY C 150 -13.34 -33.45 9.33
N ALA C 151 -13.50 -32.37 10.09
CA ALA C 151 -12.85 -32.25 11.38
C ALA C 151 -13.66 -31.40 12.35
N HIS C 152 -14.24 -32.05 13.36
CA HIS C 152 -15.00 -31.34 14.39
C HIS C 152 -14.20 -31.33 15.70
N GLY C 153 -13.76 -30.16 16.10
CA GLY C 153 -12.99 -30.02 17.32
C GLY C 153 -13.60 -29.01 18.28
N GLY C 154 -13.59 -29.36 19.57
CA GLY C 154 -14.13 -28.48 20.60
C GLY C 154 -13.40 -28.63 21.92
N THR C 155 -13.82 -27.85 22.91
CA THR C 155 -13.20 -27.90 24.22
C THR C 155 -14.15 -28.47 25.25
N LEU C 156 -13.71 -28.50 26.51
CA LEU C 156 -14.53 -28.98 27.61
C LEU C 156 -14.09 -28.35 28.93
N LEU C 157 -14.94 -27.48 29.47
CA LEU C 157 -14.62 -26.75 30.70
C LEU C 157 -14.71 -27.62 31.95
N LEU C 158 -13.63 -28.34 32.23
CA LEU C 158 -13.56 -29.18 33.42
C LEU C 158 -13.21 -28.41 34.68
N ASN C 159 -12.04 -27.78 34.68
CA ASN C 159 -11.61 -26.98 35.83
C ASN C 159 -10.63 -25.89 35.38
N ALA C 160 -11.14 -24.90 34.67
CA ALA C 160 -10.31 -23.82 34.15
C ALA C 160 -10.40 -22.58 35.04
N ASP C 161 -9.37 -21.73 34.97
CA ASP C 161 -9.34 -20.50 35.74
C ASP C 161 -10.20 -19.44 35.05
N LEU C 162 -11.45 -19.31 35.50
CA LEU C 162 -12.41 -18.39 34.88
C LEU C 162 -12.00 -16.92 34.97
N SER C 163 -11.22 -16.57 35.99
CA SER C 163 -10.76 -15.20 36.14
C SER C 163 -9.69 -14.88 35.11
N ARG C 164 -8.80 -15.85 34.86
CA ARG C 164 -7.79 -15.71 33.82
C ARG C 164 -8.38 -16.01 32.44
N LEU C 165 -9.69 -16.30 32.44
CA LEU C 165 -10.43 -16.45 31.19
C LEU C 165 -11.01 -15.10 30.80
N ALA C 166 -11.71 -14.48 31.72
CA ALA C 166 -12.32 -13.17 31.48
C ALA C 166 -11.23 -12.12 31.27
N ASN C 167 -10.09 -12.29 31.94
CA ASN C 167 -9.00 -11.34 31.85
C ASN C 167 -8.39 -11.27 30.45
N TYR C 168 -8.29 -12.40 29.77
CA TYR C 168 -7.63 -12.46 28.47
C TYR C 168 -8.61 -12.48 27.31
N LEU C 169 -9.89 -12.37 27.62
CA LEU C 169 -10.93 -12.35 26.60
C LEU C 169 -11.67 -11.01 26.60
N ASN C 170 -11.21 -10.08 27.43
CA ASN C 170 -11.75 -8.73 27.45
C ASN C 170 -10.69 -7.74 27.01
N PRO C 171 -10.57 -7.53 25.69
CA PRO C 171 -9.51 -6.73 25.07
C PRO C 171 -9.61 -5.25 25.41
N ASP C 172 -8.49 -4.53 25.26
CA ASP C 172 -8.44 -3.10 25.53
C ASP C 172 -9.27 -2.34 24.51
N LYS C 173 -9.72 -1.15 24.88
CA LYS C 173 -10.52 -0.32 23.97
C LYS C 173 -9.65 0.30 22.89
N LYS C 174 -9.59 -0.36 21.74
CA LYS C 174 -8.91 0.18 20.57
C LYS C 174 -9.96 0.62 19.55
N LYS C 175 -9.65 1.65 18.77
CA LYS C 175 -10.55 2.06 17.70
C LYS C 175 -10.27 1.24 16.44
N LEU C 176 -10.94 0.10 16.32
CA LEU C 176 -10.68 -0.81 15.20
C LEU C 176 -11.85 -0.90 14.23
N ALA C 177 -11.52 -1.00 12.95
CA ALA C 177 -12.49 -1.31 11.92
C ALA C 177 -11.98 -2.55 11.17
N ALA C 178 -12.54 -3.72 11.48
CA ALA C 178 -11.98 -4.98 11.00
C ALA C 178 -12.99 -5.86 10.30
N LYS C 179 -12.53 -6.58 9.28
CA LYS C 179 -13.31 -7.64 8.66
C LYS C 179 -13.10 -8.92 9.46
N GLY C 180 -13.82 -9.99 9.09
CA GLY C 180 -13.65 -11.28 9.75
C GLY C 180 -14.69 -11.60 10.79
N ILE C 181 -14.56 -12.80 11.38
CA ILE C 181 -15.50 -13.28 12.39
C ILE C 181 -15.22 -12.69 13.77
N THR C 182 -16.29 -12.37 14.51
CA THR C 182 -16.17 -11.92 15.90
C THR C 182 -16.65 -13.01 16.83
N SER C 183 -16.17 -12.99 18.08
CA SER C 183 -16.62 -13.94 19.07
C SER C 183 -18.05 -13.64 19.50
N VAL C 184 -18.71 -14.60 20.13
CA VAL C 184 -20.07 -14.40 20.62
C VAL C 184 -20.11 -14.72 22.11
N ARG C 185 -19.98 -13.69 22.95
CA ARG C 185 -19.78 -13.89 24.38
C ARG C 185 -20.93 -14.60 25.11
N SER C 186 -20.57 -15.54 25.99
CA SER C 186 -21.55 -16.34 26.72
C SER C 186 -21.04 -16.64 28.13
N ARG C 187 -21.94 -16.75 29.08
CA ARG C 187 -21.57 -17.14 30.44
C ARG C 187 -21.23 -18.61 30.46
N VAL C 188 -20.15 -18.97 31.15
CA VAL C 188 -19.73 -20.36 31.22
C VAL C 188 -19.69 -20.87 32.66
N THR C 189 -19.36 -22.14 32.83
CA THR C 189 -19.16 -22.72 34.15
C THR C 189 -18.30 -23.99 34.06
N ASN C 190 -17.67 -24.35 35.17
CA ASN C 190 -16.86 -25.56 35.21
C ASN C 190 -17.68 -26.79 35.54
N LEU C 191 -17.27 -27.93 34.98
CA LEU C 191 -17.92 -29.20 35.28
C LEU C 191 -17.50 -29.72 36.66
N THR C 192 -16.58 -29.00 37.29
CA THR C 192 -16.13 -29.35 38.64
C THR C 192 -17.12 -28.83 39.67
N GLU C 193 -18.02 -27.95 39.24
CA GLU C 193 -19.06 -27.43 40.11
C GLU C 193 -20.29 -28.32 40.07
N LEU C 194 -20.26 -29.31 39.16
CA LEU C 194 -21.36 -30.26 39.01
C LEU C 194 -20.95 -31.64 39.49
N LEU C 195 -19.75 -32.06 39.09
CA LEU C 195 -19.20 -33.34 39.52
C LEU C 195 -17.84 -33.12 40.18
N PRO C 196 -17.84 -32.58 41.41
CA PRO C 196 -16.63 -32.14 42.12
C PRO C 196 -15.59 -33.24 41.92
N GLY C 197 -14.37 -32.83 41.55
CA GLY C 197 -13.29 -33.77 41.35
C GLY C 197 -13.12 -34.47 40.02
N ILE C 198 -13.96 -34.13 39.05
CA ILE C 198 -13.85 -34.71 37.72
C ILE C 198 -12.54 -34.32 37.04
N THR C 199 -11.81 -35.30 36.52
CA THR C 199 -10.49 -35.05 35.94
C THR C 199 -10.43 -35.30 34.42
N HIS C 200 -9.38 -34.79 33.80
CA HIS C 200 -9.15 -34.94 32.36
C HIS C 200 -9.05 -36.41 31.96
N GLU C 201 -8.52 -37.23 32.86
CA GLU C 201 -8.36 -38.67 32.61
C GLU C 201 -9.73 -39.33 32.53
N GLN C 202 -10.57 -39.05 33.52
CA GLN C 202 -11.92 -39.62 33.59
C GLN C 202 -12.76 -39.19 32.40
N VAL C 203 -12.52 -37.99 31.91
CA VAL C 203 -13.25 -37.45 30.75
C VAL C 203 -12.80 -38.14 29.47
N CYS C 204 -11.50 -38.38 29.34
CA CYS C 204 -10.97 -39.09 28.19
C CYS C 204 -11.54 -40.50 28.10
N GLU C 205 -11.77 -41.11 29.26
CA GLU C 205 -12.40 -42.43 29.31
C GLU C 205 -13.78 -42.39 28.67
N ALA C 206 -14.64 -41.54 29.18
CA ALA C 206 -16.01 -41.40 28.68
C ALA C 206 -16.05 -41.12 27.18
N ILE C 207 -15.26 -40.14 26.72
CA ILE C 207 -15.22 -39.78 25.31
C ILE C 207 -14.74 -40.94 24.45
N THR C 208 -13.67 -41.61 24.90
CA THR C 208 -13.15 -42.79 24.20
C THR C 208 -14.18 -43.91 24.18
N GLU C 209 -14.72 -44.24 25.34
CA GLU C 209 -15.69 -45.33 25.48
C GLU C 209 -16.97 -45.06 24.69
N ALA C 210 -17.34 -43.78 24.56
CA ALA C 210 -18.50 -43.42 23.76
C ALA C 210 -18.14 -43.45 22.27
N PHE C 211 -16.90 -43.08 21.97
CA PHE C 211 -16.38 -43.18 20.61
C PHE C 211 -16.26 -44.66 20.25
N PHE C 212 -15.76 -45.45 21.19
CA PHE C 212 -15.67 -46.90 21.02
C PHE C 212 -17.05 -47.52 20.89
N ALA C 213 -18.02 -46.99 21.64
CA ALA C 213 -19.38 -47.55 21.64
C ALA C 213 -20.10 -47.32 20.32
N HIS C 214 -20.20 -46.06 19.91
CA HIS C 214 -20.94 -45.69 18.72
C HIS C 214 -20.38 -46.34 17.45
N TYR C 215 -19.09 -46.68 17.48
CA TYR C 215 -18.46 -47.31 16.32
C TYR C 215 -18.19 -48.80 16.56
N GLY C 216 -18.39 -49.25 17.79
CA GLY C 216 -18.36 -50.67 18.12
C GLY C 216 -17.01 -51.36 17.95
N GLU C 217 -15.94 -50.59 17.85
CA GLU C 217 -14.61 -51.15 17.73
C GLU C 217 -13.74 -50.81 18.94
N ARG C 218 -12.53 -51.37 18.97
CA ARG C 218 -11.55 -51.02 20.00
C ARG C 218 -10.14 -50.95 19.41
N VAL C 219 -9.42 -49.89 19.76
CA VAL C 219 -8.03 -49.72 19.31
C VAL C 219 -7.17 -49.16 20.44
N GLU C 220 -5.88 -49.48 20.41
CA GLU C 220 -4.96 -49.00 21.42
C GLU C 220 -4.57 -47.54 21.16
N ALA C 221 -4.69 -46.71 22.20
CA ALA C 221 -4.42 -45.28 22.08
C ALA C 221 -2.94 -45.00 21.83
N GLU C 222 -2.67 -44.14 20.85
CA GLU C 222 -1.29 -43.76 20.53
C GLU C 222 -0.90 -42.52 21.32
N ILE C 223 0.17 -42.63 22.11
CA ILE C 223 0.63 -41.52 22.93
C ILE C 223 1.74 -40.72 22.23
N ILE C 224 1.63 -39.40 22.26
CA ILE C 224 2.59 -38.53 21.59
C ILE C 224 3.49 -37.81 22.61
N SER C 225 4.80 -37.87 22.37
CA SER C 225 5.78 -37.27 23.26
C SER C 225 6.13 -35.85 22.85
N PRO C 226 6.27 -34.95 23.83
CA PRO C 226 6.65 -33.56 23.57
C PRO C 226 8.14 -33.42 23.23
N ASN C 227 8.97 -34.30 23.77
CA ASN C 227 10.41 -34.23 23.58
C ASN C 227 10.87 -35.02 22.36
N LYS C 228 9.96 -35.26 21.42
CA LYS C 228 10.27 -36.05 20.24
C LYS C 228 9.34 -35.69 19.07
N THR C 229 9.93 -35.17 17.99
CA THR C 229 9.18 -34.78 16.82
C THR C 229 8.45 -35.98 16.21
N PRO C 230 7.10 -35.96 16.27
CA PRO C 230 6.25 -37.06 15.78
C PRO C 230 6.55 -37.37 14.32
N ASP C 231 6.59 -38.66 13.99
CA ASP C 231 6.85 -39.08 12.62
C ASP C 231 5.60 -38.81 11.78
N LEU C 232 5.55 -37.63 11.17
CA LEU C 232 4.39 -37.20 10.40
C LEU C 232 4.82 -36.45 9.14
N PRO C 233 3.96 -36.43 8.11
CA PRO C 233 4.29 -35.74 6.86
C PRO C 233 4.48 -34.23 7.04
N ASN C 234 5.70 -33.75 6.78
CA ASN C 234 6.02 -32.32 6.86
C ASN C 234 5.65 -31.65 8.19
N PHE C 235 5.98 -32.29 9.31
CA PHE C 235 5.66 -31.72 10.62
C PHE C 235 6.63 -30.59 11.00
N ALA C 236 7.89 -30.73 10.63
CA ALA C 236 8.90 -29.72 10.92
C ALA C 236 8.51 -28.38 10.33
N GLU C 237 7.97 -28.42 9.11
CA GLU C 237 7.51 -27.22 8.43
C GLU C 237 6.21 -26.70 9.03
N THR C 238 5.30 -27.62 9.33
CA THR C 238 3.99 -27.29 9.88
C THR C 238 4.08 -26.64 11.27
N PHE C 239 4.82 -27.28 12.17
CA PHE C 239 4.96 -26.77 13.53
C PHE C 239 5.61 -25.39 13.57
N ALA C 240 6.43 -25.10 12.57
CA ALA C 240 7.12 -23.83 12.47
C ALA C 240 6.16 -22.69 12.11
N ARG C 241 5.39 -22.87 11.03
CA ARG C 241 4.46 -21.84 10.58
C ARG C 241 3.34 -21.62 11.60
N GLN C 242 2.83 -22.71 12.15
CA GLN C 242 1.79 -22.65 13.18
C GLN C 242 2.26 -21.87 14.40
N SER C 243 3.58 -21.80 14.57
CA SER C 243 4.18 -21.07 15.68
C SER C 243 4.59 -19.65 15.28
N SER C 244 4.53 -19.36 13.98
CA SER C 244 4.99 -18.08 13.46
C SER C 244 4.04 -16.93 13.82
N TRP C 245 4.60 -15.72 13.92
CA TRP C 245 3.79 -14.52 14.10
C TRP C 245 3.03 -14.27 12.80
N GLU C 246 3.65 -14.61 11.68
CA GLU C 246 3.06 -14.42 10.36
C GLU C 246 1.75 -15.18 10.18
N TRP C 247 1.56 -16.24 10.97
CA TRP C 247 0.33 -17.02 10.91
C TRP C 247 -0.65 -16.63 12.01
N ASN C 248 -0.22 -16.76 13.26
CA ASN C 248 -1.07 -16.48 14.41
C ASN C 248 -1.62 -15.05 14.44
N PHE C 249 -0.80 -14.10 14.00
CA PHE C 249 -1.18 -12.69 14.03
C PHE C 249 -1.34 -12.09 12.64
N GLY C 250 -0.42 -12.44 11.74
CA GLY C 250 -0.42 -11.88 10.39
C GLY C 250 -1.62 -12.25 9.56
N GLN C 251 -2.10 -13.49 9.71
CA GLN C 251 -3.21 -13.99 8.91
C GLN C 251 -4.59 -13.48 9.34
N ALA C 252 -4.60 -12.45 10.17
CA ALA C 252 -5.84 -11.77 10.52
C ALA C 252 -6.32 -10.98 9.32
N PRO C 253 -7.65 -10.92 9.12
CA PRO C 253 -8.24 -10.23 7.97
C PRO C 253 -7.87 -8.75 7.92
N ALA C 254 -8.10 -8.10 6.77
CA ALA C 254 -7.77 -6.69 6.61
C ALA C 254 -8.49 -5.85 7.66
N PHE C 255 -7.80 -4.84 8.18
CA PHE C 255 -8.43 -3.93 9.14
C PHE C 255 -7.82 -2.54 9.16
N SER C 256 -8.39 -1.65 9.97
CA SER C 256 -7.87 -0.30 10.12
C SER C 256 -7.86 0.13 11.58
N HIS C 257 -6.83 0.87 11.99
CA HIS C 257 -6.68 1.26 13.39
C HIS C 257 -6.45 2.77 13.49
N LEU C 258 -7.25 3.43 14.33
CA LEU C 258 -7.07 4.86 14.56
C LEU C 258 -6.43 5.10 15.94
N LEU C 259 -5.28 5.76 15.93
CA LEU C 259 -4.52 6.04 17.14
C LEU C 259 -4.64 7.52 17.51
N ASP C 260 -4.57 7.82 18.80
CA ASP C 260 -4.60 9.21 19.25
C ASP C 260 -3.93 9.39 20.61
N GLU C 261 -3.28 10.54 20.78
CA GLU C 261 -2.65 10.89 22.05
C GLU C 261 -2.38 12.40 22.10
N ARG C 262 -2.44 12.97 23.29
CA ARG C 262 -2.15 14.38 23.48
C ARG C 262 -0.78 14.59 24.11
N PHE C 263 0.22 14.83 23.28
CA PHE C 263 1.56 15.14 23.78
C PHE C 263 1.66 16.60 24.15
N THR C 264 2.58 16.93 25.04
CA THR C 264 2.77 18.31 25.49
C THR C 264 3.28 19.20 24.36
N TRP C 265 3.79 18.58 23.30
CA TRP C 265 4.26 19.32 22.14
C TRP C 265 3.22 19.31 21.02
N GLY C 266 2.02 18.83 21.33
CA GLY C 266 0.94 18.80 20.37
C GLY C 266 0.23 17.45 20.32
N GLY C 267 -0.99 17.44 19.78
CA GLY C 267 -1.74 16.22 19.62
C GLY C 267 -1.34 15.45 18.37
N VAL C 268 -1.35 14.13 18.47
CA VAL C 268 -1.01 13.28 17.33
C VAL C 268 -2.10 12.24 17.12
N GLU C 269 -2.58 12.14 15.88
CA GLU C 269 -3.63 11.18 15.54
C GLU C 269 -3.22 10.40 14.29
N LEU C 270 -3.29 9.07 14.36
CA LEU C 270 -2.80 8.23 13.28
C LEU C 270 -3.85 7.26 12.75
N HIS C 271 -4.03 7.26 11.43
CA HIS C 271 -4.93 6.32 10.77
C HIS C 271 -4.10 5.27 10.03
N PHE C 272 -4.34 3.99 10.33
CA PHE C 272 -3.52 2.86 9.83
C PHE C 272 -4.32 1.85 9.01
N ASP C 273 -3.87 1.52 7.81
CA ASP C 273 -4.45 0.45 6.99
C ASP C 273 -3.58 -0.80 7.04
N VAL C 274 -4.10 -1.85 7.67
CA VAL C 274 -3.34 -3.08 7.88
C VAL C 274 -3.83 -4.21 6.98
N GLU C 275 -2.90 -5.04 6.52
CA GLU C 275 -3.21 -6.14 5.61
C GLU C 275 -2.08 -7.17 5.71
N LYS C 276 -2.44 -8.42 6.00
CA LYS C 276 -1.46 -9.49 6.22
C LYS C 276 -0.45 -9.12 7.31
N GLY C 277 -0.89 -8.37 8.30
CA GLY C 277 -0.03 -7.99 9.40
C GLY C 277 0.84 -6.78 9.10
N HIS C 278 0.77 -6.28 7.87
CA HIS C 278 1.60 -5.14 7.47
C HIS C 278 0.79 -3.86 7.32
N ILE C 279 1.40 -2.73 7.68
CA ILE C 279 0.77 -1.42 7.49
C ILE C 279 0.92 -0.99 6.03
N THR C 280 -0.18 -0.97 5.30
CA THR C 280 -0.16 -0.63 3.88
C THR C 280 -0.20 0.88 3.65
N ARG C 281 -0.75 1.60 4.62
CA ARG C 281 -0.83 3.05 4.52
C ARG C 281 -1.04 3.69 5.91
N ALA C 282 -0.28 4.74 6.19
CA ALA C 282 -0.41 5.45 7.46
C ALA C 282 -0.64 6.92 7.21
N GLN C 283 -1.59 7.51 7.94
CA GLN C 283 -1.86 8.94 7.84
C GLN C 283 -1.71 9.61 9.20
N VAL C 284 -1.01 10.73 9.24
CA VAL C 284 -0.82 11.46 10.49
C VAL C 284 -1.63 12.76 10.50
N PHE C 285 -2.41 12.95 11.55
CA PHE C 285 -3.11 14.22 11.76
C PHE C 285 -2.57 14.83 13.05
N THR C 286 -1.92 15.99 12.94
CA THR C 286 -1.31 16.61 14.11
C THR C 286 -1.37 18.13 14.12
N ASP C 287 -1.51 18.69 15.32
CA ASP C 287 -1.44 20.14 15.51
C ASP C 287 -0.12 20.51 16.17
N SER C 288 0.96 19.83 15.77
CA SER C 288 2.29 20.12 16.26
C SER C 288 2.88 21.33 15.54
N LEU C 289 3.74 22.06 16.23
CA LEU C 289 4.38 23.24 15.64
C LEU C 289 5.57 22.81 14.78
N ASN C 290 5.92 21.54 14.86
CA ASN C 290 6.93 20.95 13.98
C ASN C 290 6.41 19.65 13.38
N PRO C 291 5.49 19.76 12.41
CA PRO C 291 4.79 18.61 11.84
C PRO C 291 5.55 17.94 10.71
N ALA C 292 6.69 18.52 10.32
CA ALA C 292 7.50 17.96 9.24
C ALA C 292 7.97 16.51 9.45
N PRO C 293 8.52 16.19 10.64
CA PRO C 293 8.95 14.80 10.83
C PRO C 293 7.78 13.82 10.92
N LEU C 294 6.66 14.25 11.50
CA LEU C 294 5.49 13.39 11.64
C LEU C 294 4.90 13.01 10.28
N GLU C 295 4.86 13.97 9.36
CA GLU C 295 4.37 13.72 8.01
C GLU C 295 5.32 12.78 7.27
N ALA C 296 6.60 12.87 7.59
CA ALA C 296 7.60 12.00 6.99
C ALA C 296 7.46 10.56 7.50
N LEU C 297 7.16 10.41 8.78
CA LEU C 297 6.96 9.10 9.39
C LEU C 297 5.81 8.35 8.73
N ALA C 298 4.75 9.08 8.41
CA ALA C 298 3.57 8.50 7.78
C ALA C 298 3.95 7.79 6.49
N GLY C 299 4.91 8.34 5.77
CA GLY C 299 5.42 7.72 4.57
C GLY C 299 6.23 6.47 4.87
N ARG C 300 7.20 6.61 5.78
CA ARG C 300 8.13 5.53 6.07
C ARG C 300 7.49 4.26 6.63
N LEU C 301 6.25 4.38 7.11
CA LEU C 301 5.55 3.23 7.67
C LEU C 301 4.98 2.32 6.58
N GLN C 302 5.18 2.70 5.32
CA GLN C 302 4.79 1.86 4.20
C GLN C 302 5.55 0.54 4.27
N GLY C 303 4.85 -0.53 4.60
CA GLY C 303 5.45 -1.85 4.63
C GLY C 303 5.92 -2.31 6.01
N CYS C 304 5.87 -1.41 6.98
CA CYS C 304 6.24 -1.71 8.36
C CYS C 304 5.30 -2.72 8.99
N LEU C 305 5.83 -3.56 9.88
CA LEU C 305 5.00 -4.54 10.59
C LEU C 305 4.05 -3.87 11.57
N TYR C 306 2.87 -4.43 11.74
CA TYR C 306 1.95 -3.96 12.77
C TYR C 306 2.37 -4.55 14.12
N ARG C 307 3.63 -4.27 14.49
CA ARG C 307 4.20 -4.80 15.72
C ARG C 307 5.02 -3.72 16.41
N ALA C 308 5.11 -3.80 17.73
CA ALA C 308 5.76 -2.78 18.54
C ALA C 308 7.23 -2.58 18.17
N ASP C 309 7.97 -3.68 18.05
CA ASP C 309 9.41 -3.60 17.81
C ASP C 309 9.74 -2.96 16.46
N MET C 310 8.93 -3.23 15.45
CA MET C 310 9.17 -2.68 14.12
C MET C 310 8.72 -1.23 14.03
N LEU C 311 7.67 -0.89 14.76
CA LEU C 311 7.20 0.49 14.82
C LEU C 311 8.23 1.36 15.52
N GLN C 312 9.02 0.75 16.39
CA GLN C 312 10.08 1.48 17.08
C GLN C 312 11.33 1.59 16.22
N GLN C 313 11.54 0.58 15.38
CA GLN C 313 12.67 0.58 14.46
C GLN C 313 12.54 1.74 13.47
N GLU C 314 11.32 2.00 13.02
CA GLU C 314 11.05 3.05 12.05
C GLU C 314 11.27 4.45 12.60
N CYS C 315 11.10 4.59 13.92
CA CYS C 315 11.27 5.87 14.60
C CYS C 315 12.72 6.14 14.96
N GLU C 316 13.48 5.07 15.21
CA GLU C 316 14.90 5.20 15.49
C GLU C 316 15.61 5.63 14.20
N ALA C 317 14.96 5.36 13.07
CA ALA C 317 15.46 5.79 11.77
C ALA C 317 14.98 7.19 11.43
N LEU C 318 14.24 7.81 12.34
CA LEU C 318 13.72 9.15 12.12
C LEU C 318 14.51 10.19 12.92
N LEU C 319 14.97 9.79 14.10
CA LEU C 319 15.81 10.63 14.93
C LEU C 319 17.07 11.03 14.17
N VAL C 320 17.49 10.13 13.27
CA VAL C 320 18.66 10.35 12.44
C VAL C 320 18.47 11.54 11.49
N ASP C 321 17.33 11.60 10.83
CA ASP C 321 17.07 12.62 9.82
C ASP C 321 16.47 13.90 10.43
N PHE C 322 15.97 13.80 11.65
CA PHE C 322 15.40 14.95 12.36
C PHE C 322 15.95 15.03 13.78
N PRO C 323 17.26 15.25 13.92
CA PRO C 323 17.93 15.14 15.22
C PRO C 323 17.55 16.23 16.22
N GLU C 324 16.75 17.20 15.79
CA GLU C 324 16.28 18.25 16.67
C GLU C 324 15.11 17.88 17.56
N GLN C 325 14.15 17.15 17.01
CA GLN C 325 13.01 16.64 17.77
C GLN C 325 13.24 15.23 18.30
N GLU C 326 14.40 14.99 18.91
CA GLU C 326 14.68 13.68 19.50
C GLU C 326 13.74 13.41 20.69
N LYS C 327 13.54 14.43 21.52
CA LYS C 327 12.67 14.31 22.68
C LYS C 327 11.24 13.95 22.29
N GLU C 328 10.67 14.74 21.39
CA GLU C 328 9.30 14.52 20.92
C GLU C 328 9.14 13.15 20.28
N LEU C 329 10.06 12.81 19.37
CA LEU C 329 9.96 11.57 18.61
C LEU C 329 10.13 10.32 19.46
N ARG C 330 10.83 10.43 20.58
CA ARG C 330 11.00 9.30 21.47
C ARG C 330 9.74 9.08 22.32
N GLU C 331 9.02 10.16 22.62
CA GLU C 331 7.74 10.06 23.31
C GLU C 331 6.70 9.47 22.38
N LEU C 332 6.89 9.73 21.09
CA LEU C 332 5.99 9.24 20.05
C LEU C 332 6.14 7.73 19.86
N SER C 333 7.38 7.30 19.61
CA SER C 333 7.70 5.89 19.45
C SER C 333 7.28 5.07 20.67
N ALA C 334 7.39 5.66 21.86
CA ALA C 334 6.98 5.00 23.08
C ALA C 334 5.48 4.72 23.07
N TRP C 335 4.70 5.77 22.82
CA TRP C 335 3.25 5.65 22.79
C TRP C 335 2.79 4.76 21.64
N MET C 336 3.41 4.92 20.48
CA MET C 336 2.98 4.21 19.28
C MET C 336 3.11 2.70 19.45
N ALA C 337 4.23 2.25 20.02
CA ALA C 337 4.44 0.83 20.22
C ALA C 337 3.59 0.31 21.38
N GLY C 338 2.99 1.23 22.13
CA GLY C 338 2.11 0.86 23.21
C GLY C 338 0.66 0.86 22.77
N ALA C 339 0.38 1.51 21.65
CA ALA C 339 -0.97 1.56 21.10
C ALA C 339 -1.29 0.26 20.39
N VAL C 340 -0.24 -0.44 19.95
CA VAL C 340 -0.37 -1.83 19.53
C VAL C 340 -0.22 -2.68 20.79
N ARG C 341 0.06 -3.98 20.62
CA ARG C 341 -0.02 -4.96 21.71
C ARG C 341 -1.46 -5.20 22.14
N SER D 5 -45.29 -13.66 -25.55
CA SER D 5 -44.32 -14.52 -26.25
C SER D 5 -43.15 -14.86 -25.34
N THR D 6 -42.25 -15.71 -25.84
CA THR D 6 -41.12 -16.19 -25.04
C THR D 6 -39.80 -15.58 -25.52
N LEU D 7 -39.83 -14.93 -26.67
CA LEU D 7 -38.62 -14.37 -27.25
C LEU D 7 -38.64 -12.85 -27.29
N ARG D 8 -37.45 -12.25 -27.27
CA ARG D 8 -37.30 -10.80 -27.39
C ARG D 8 -36.11 -10.47 -28.27
N LEU D 9 -36.36 -9.73 -29.35
CA LEU D 9 -35.30 -9.36 -30.29
C LEU D 9 -34.96 -7.88 -30.17
N LEU D 10 -33.66 -7.58 -30.15
CA LEU D 10 -33.19 -6.21 -30.00
C LEU D 10 -32.11 -5.87 -31.03
N ILE D 11 -32.24 -4.70 -31.64
CA ILE D 11 -31.24 -4.20 -32.58
C ILE D 11 -30.71 -2.85 -32.10
N SER D 12 -29.40 -2.73 -32.00
CA SER D 12 -28.78 -1.48 -31.55
C SER D 12 -28.40 -0.64 -32.76
N ASP D 13 -28.89 0.59 -32.81
CA ASP D 13 -28.49 1.55 -33.83
C ASP D 13 -27.42 2.52 -33.34
N SER D 14 -26.66 2.09 -32.33
CA SER D 14 -25.61 2.91 -31.75
C SER D 14 -24.27 2.18 -31.90
N TYR D 15 -23.20 2.96 -32.06
CA TYR D 15 -21.88 2.39 -32.26
C TYR D 15 -20.98 2.72 -31.09
N ASP D 16 -21.61 3.13 -29.99
CA ASP D 16 -20.93 3.39 -28.73
C ASP D 16 -20.86 2.09 -27.95
N PRO D 17 -19.64 1.54 -27.79
CA PRO D 17 -19.43 0.25 -27.12
C PRO D 17 -19.86 0.29 -25.65
N TRP D 18 -19.65 1.43 -25.01
CA TRP D 18 -20.10 1.61 -23.63
C TRP D 18 -21.63 1.55 -23.57
N PHE D 19 -22.26 2.14 -24.58
CA PHE D 19 -23.72 2.21 -24.67
C PHE D 19 -24.32 0.82 -24.83
N ASN D 20 -23.83 0.08 -25.82
CA ASN D 20 -24.35 -1.24 -26.12
C ASN D 20 -24.15 -2.22 -24.96
N LEU D 21 -22.94 -2.23 -24.40
CA LEU D 21 -22.63 -3.08 -23.26
C LEU D 21 -23.48 -2.72 -22.05
N ALA D 22 -23.75 -1.44 -21.87
CA ALA D 22 -24.61 -0.98 -20.77
C ALA D 22 -26.04 -1.50 -20.97
N VAL D 23 -26.48 -1.54 -22.22
CA VAL D 23 -27.79 -2.08 -22.56
C VAL D 23 -27.87 -3.56 -22.19
N ALA D 24 -26.83 -4.31 -22.55
CA ALA D 24 -26.78 -5.73 -22.24
C ALA D 24 -26.67 -5.97 -20.73
N GLU D 25 -26.03 -5.04 -20.03
CA GLU D 25 -25.91 -5.14 -18.58
C GLU D 25 -27.25 -4.89 -17.91
N CYS D 26 -28.13 -4.15 -18.60
CA CYS D 26 -29.47 -3.88 -18.08
C CYS D 26 -30.45 -4.99 -18.47
N ILE D 27 -30.34 -5.45 -19.70
CA ILE D 27 -31.21 -6.52 -20.20
C ILE D 27 -30.99 -7.82 -19.41
N PHE D 28 -29.74 -8.11 -19.11
CA PHE D 28 -29.38 -9.36 -18.44
C PHE D 28 -29.95 -9.48 -17.02
N ARG D 29 -30.14 -8.34 -16.36
CA ARG D 29 -30.71 -8.35 -15.01
C ARG D 29 -32.23 -8.20 -15.05
N GLN D 30 -32.72 -7.41 -16.00
CA GLN D 30 -34.15 -7.15 -16.15
C GLN D 30 -34.87 -8.37 -16.72
N MET D 31 -34.11 -9.22 -17.41
CA MET D 31 -34.67 -10.37 -18.12
C MET D 31 -35.51 -11.29 -17.24
N PRO D 32 -36.74 -11.60 -17.68
CA PRO D 32 -37.56 -12.63 -17.04
C PRO D 32 -36.87 -13.99 -17.20
N ALA D 33 -36.92 -14.83 -16.18
CA ALA D 33 -36.21 -16.10 -16.18
C ALA D 33 -36.65 -17.04 -17.31
N THR D 34 -37.86 -16.82 -17.81
CA THR D 34 -38.43 -17.67 -18.86
C THR D 34 -38.12 -17.16 -20.27
N GLN D 35 -37.53 -15.96 -20.35
CA GLN D 35 -37.33 -15.30 -21.63
C GLN D 35 -36.03 -15.73 -22.33
N ARG D 36 -36.04 -15.68 -23.66
CA ARG D 36 -34.86 -15.93 -24.47
C ARG D 36 -34.58 -14.70 -25.32
N VAL D 37 -33.42 -14.07 -25.09
CA VAL D 37 -33.13 -12.78 -25.71
C VAL D 37 -32.00 -12.86 -26.75
N LEU D 38 -32.20 -12.19 -27.88
CA LEU D 38 -31.16 -12.06 -28.90
C LEU D 38 -30.83 -10.59 -29.13
N PHE D 39 -29.55 -10.26 -29.04
CA PHE D 39 -29.09 -8.88 -29.22
C PHE D 39 -28.17 -8.78 -30.43
N LEU D 40 -28.56 -7.92 -31.38
CA LEU D 40 -27.73 -7.66 -32.54
C LEU D 40 -27.23 -6.21 -32.50
N TRP D 41 -25.91 -6.04 -32.59
CA TRP D 41 -25.29 -4.73 -32.37
C TRP D 41 -23.91 -4.59 -33.01
N ARG D 42 -23.53 -3.34 -33.27
CA ARG D 42 -22.21 -3.03 -33.81
C ARG D 42 -21.49 -2.02 -32.94
N ASN D 43 -20.16 -1.97 -33.07
CA ASN D 43 -19.37 -0.96 -32.40
C ASN D 43 -18.35 -0.36 -33.36
N ALA D 44 -18.24 0.96 -33.37
CA ALA D 44 -17.30 1.64 -34.25
C ALA D 44 -15.99 1.95 -33.53
N ASP D 45 -14.91 1.36 -34.03
CA ASP D 45 -13.57 1.56 -33.48
C ASP D 45 -13.25 1.28 -32.00
N THR D 46 -13.51 0.04 -31.59
CA THR D 46 -13.29 -0.34 -30.20
C THR D 46 -12.46 -1.60 -29.94
N VAL D 47 -11.65 -1.56 -28.89
CA VAL D 47 -11.02 -2.77 -28.37
C VAL D 47 -11.81 -3.22 -27.14
N VAL D 48 -12.32 -4.44 -27.17
CA VAL D 48 -13.10 -4.96 -26.04
C VAL D 48 -12.32 -6.06 -25.33
N ILE D 49 -12.11 -5.87 -24.04
CA ILE D 49 -11.32 -6.81 -23.25
C ILE D 49 -12.16 -7.52 -22.20
N GLY D 50 -11.73 -8.71 -21.81
CA GLY D 50 -12.44 -9.50 -20.81
C GLY D 50 -12.44 -8.85 -19.45
N ARG D 51 -13.31 -9.33 -18.56
CA ARG D 51 -13.46 -8.78 -17.23
C ARG D 51 -12.18 -8.91 -16.42
N ALA D 52 -11.47 -10.02 -16.63
CA ALA D 52 -10.24 -10.31 -15.89
C ALA D 52 -8.95 -10.03 -16.66
N GLN D 53 -8.97 -9.03 -17.53
CA GLN D 53 -7.80 -8.71 -18.35
C GLN D 53 -7.04 -7.41 -18.05
N ASN D 54 -5.83 -7.33 -18.60
CA ASN D 54 -4.96 -6.17 -18.40
C ASN D 54 -4.84 -5.36 -19.69
N PRO D 55 -5.45 -4.17 -19.72
CA PRO D 55 -5.54 -3.35 -20.93
C PRO D 55 -4.17 -2.95 -21.48
N TRP D 56 -3.27 -2.49 -20.61
CA TRP D 56 -1.94 -2.05 -21.04
C TRP D 56 -1.09 -3.20 -21.57
N LYS D 57 -1.47 -4.43 -21.22
CA LYS D 57 -0.73 -5.62 -21.63
C LYS D 57 -1.35 -6.27 -22.86
N GLU D 58 -2.68 -6.31 -22.91
CA GLU D 58 -3.39 -7.02 -23.97
C GLU D 58 -3.49 -6.23 -25.28
N CYS D 59 -3.55 -4.92 -25.19
CA CYS D 59 -3.69 -4.09 -26.38
C CYS D 59 -2.84 -2.82 -26.33
N ASN D 60 -2.59 -2.23 -27.49
CA ASN D 60 -1.81 -1.01 -27.60
C ASN D 60 -2.61 0.20 -27.12
N THR D 61 -2.50 0.52 -25.84
CA THR D 61 -3.29 1.58 -25.23
C THR D 61 -2.81 2.99 -25.59
N ARG D 62 -1.57 3.11 -26.05
CA ARG D 62 -1.04 4.39 -26.49
C ARG D 62 -1.54 4.78 -27.88
N ARG D 63 -1.38 3.86 -28.83
CA ARG D 63 -1.78 4.11 -30.21
C ARG D 63 -3.30 4.22 -30.33
N MET D 64 -4.00 3.61 -29.39
CA MET D 64 -5.45 3.74 -29.30
C MET D 64 -5.81 5.16 -28.83
N GLU D 65 -4.99 5.72 -27.96
CA GLU D 65 -5.23 7.05 -27.42
C GLU D 65 -4.99 8.11 -28.49
N GLU D 66 -3.94 7.93 -29.28
CA GLU D 66 -3.63 8.85 -30.36
C GLU D 66 -4.74 8.88 -31.40
N ASP D 67 -5.24 7.69 -31.75
CA ASP D 67 -6.23 7.55 -32.81
C ASP D 67 -7.66 7.53 -32.29
N ASN D 68 -7.85 7.98 -31.06
CA ASN D 68 -9.17 8.06 -30.43
C ASN D 68 -10.02 6.79 -30.54
N VAL D 69 -9.37 5.64 -30.36
CA VAL D 69 -10.08 4.36 -30.39
C VAL D 69 -10.46 3.90 -28.99
N ARG D 70 -11.76 3.86 -28.73
CA ARG D 70 -12.29 3.63 -27.40
C ARG D 70 -12.02 2.21 -26.88
N LEU D 71 -11.75 2.11 -25.58
CA LEU D 71 -11.60 0.81 -24.93
C LEU D 71 -12.79 0.56 -23.99
N ALA D 72 -13.38 -0.62 -24.10
CA ALA D 72 -14.53 -0.99 -23.26
C ALA D 72 -14.35 -2.39 -22.70
N ARG D 73 -14.40 -2.51 -21.38
CA ARG D 73 -14.26 -3.80 -20.72
C ARG D 73 -15.61 -4.47 -20.54
N ARG D 74 -15.78 -5.62 -21.19
CA ARG D 74 -17.02 -6.38 -21.09
C ARG D 74 -17.10 -7.16 -19.78
N SER D 75 -18.32 -7.43 -19.33
CA SER D 75 -18.54 -8.13 -18.07
C SER D 75 -18.30 -9.63 -18.19
N SER D 76 -18.16 -10.13 -19.42
CA SER D 76 -17.94 -11.55 -19.65
C SER D 76 -16.45 -11.85 -19.60
N GLY D 77 -16.04 -12.99 -20.16
CA GLY D 77 -14.64 -13.38 -20.16
C GLY D 77 -13.91 -13.25 -21.48
N GLY D 78 -13.11 -14.26 -21.82
CA GLY D 78 -12.42 -14.28 -23.09
C GLY D 78 -11.19 -13.38 -23.15
N GLY D 79 -10.84 -12.93 -24.35
CA GLY D 79 -9.66 -12.12 -24.55
C GLY D 79 -9.92 -10.75 -25.14
N ALA D 80 -8.88 -10.15 -25.71
CA ALA D 80 -8.97 -8.80 -26.28
C ALA D 80 -9.20 -8.85 -27.78
N VAL D 81 -10.20 -8.11 -28.25
CA VAL D 81 -10.57 -8.12 -29.66
C VAL D 81 -10.77 -6.71 -30.21
N PHE D 82 -10.93 -6.62 -31.53
CA PHE D 82 -11.12 -5.34 -32.20
C PHE D 82 -12.49 -5.24 -32.87
N HIS D 83 -13.15 -4.10 -32.70
CA HIS D 83 -14.45 -3.86 -33.29
C HIS D 83 -14.44 -2.62 -34.18
N ASP D 84 -14.96 -2.76 -35.40
CA ASP D 84 -15.34 -1.59 -36.19
C ASP D 84 -16.72 -1.82 -36.80
N LEU D 85 -17.14 -0.92 -37.69
CA LEU D 85 -18.47 -1.02 -38.31
C LEU D 85 -18.58 -2.21 -39.25
N GLY D 86 -17.46 -2.89 -39.47
CA GLY D 86 -17.45 -4.12 -40.25
C GLY D 86 -17.46 -5.35 -39.34
N ASN D 87 -17.76 -5.12 -38.07
CA ASN D 87 -17.84 -6.21 -37.11
C ASN D 87 -19.23 -6.28 -36.47
N THR D 88 -19.90 -7.42 -36.65
CA THR D 88 -21.23 -7.63 -36.11
C THR D 88 -21.20 -8.50 -34.86
N CYS D 89 -21.79 -8.00 -33.77
CA CYS D 89 -21.81 -8.73 -32.51
C CYS D 89 -23.20 -9.28 -32.22
N PHE D 90 -23.25 -10.50 -31.69
CA PHE D 90 -24.50 -11.10 -31.26
C PHE D 90 -24.45 -11.39 -29.76
N THR D 91 -25.62 -11.64 -29.16
CA THR D 91 -25.69 -11.96 -27.74
C THR D 91 -26.94 -12.79 -27.43
N PHE D 92 -26.73 -14.03 -27.00
CA PHE D 92 -27.84 -14.92 -26.66
C PHE D 92 -28.02 -15.03 -25.15
N MET D 93 -29.14 -14.52 -24.65
CA MET D 93 -29.43 -14.58 -23.23
C MET D 93 -30.52 -15.65 -23.10
N ALA D 94 -30.28 -16.64 -22.24
CA ALA D 94 -31.23 -17.71 -22.02
C ALA D 94 -31.37 -17.83 -20.50
N GLY D 95 -32.05 -18.88 -20.06
CA GLY D 95 -32.24 -19.13 -18.64
C GLY D 95 -31.95 -20.57 -18.26
N LYS D 96 -31.31 -20.76 -17.11
CA LYS D 96 -30.96 -22.10 -16.64
C LYS D 96 -32.19 -22.90 -16.24
N PRO D 97 -32.15 -24.22 -16.44
CA PRO D 97 -31.04 -24.95 -17.06
C PRO D 97 -31.22 -25.11 -18.55
N GLU D 98 -32.20 -24.41 -19.12
CA GLU D 98 -32.43 -24.43 -20.56
C GLU D 98 -31.22 -23.84 -21.29
N TYR D 99 -30.59 -22.87 -20.65
CA TYR D 99 -29.43 -22.20 -21.24
C TYR D 99 -28.32 -23.17 -21.60
N ASP D 100 -27.70 -22.92 -22.76
CA ASP D 100 -26.51 -23.64 -23.18
C ASP D 100 -25.81 -22.89 -24.31
N LYS D 101 -24.48 -22.90 -24.29
CA LYS D 101 -23.68 -22.19 -25.28
C LYS D 101 -23.79 -22.86 -26.65
N THR D 102 -23.60 -24.19 -26.65
CA THR D 102 -23.64 -24.97 -27.88
C THR D 102 -24.88 -24.62 -28.71
N ILE D 103 -26.00 -24.39 -28.03
CA ILE D 103 -27.23 -24.04 -28.73
C ILE D 103 -26.95 -22.86 -29.64
N SER D 104 -26.64 -21.73 -29.01
CA SER D 104 -26.40 -20.46 -29.70
C SER D 104 -25.27 -20.54 -30.73
N THR D 105 -24.27 -21.36 -30.44
CA THR D 105 -23.17 -21.59 -31.37
C THR D 105 -23.69 -22.18 -32.67
N SER D 106 -24.55 -23.18 -32.54
CA SER D 106 -25.14 -23.85 -33.70
C SER D 106 -26.16 -22.98 -34.44
N ILE D 107 -26.88 -22.15 -33.70
CA ILE D 107 -27.84 -21.22 -34.30
C ILE D 107 -27.14 -20.26 -35.25
N VAL D 108 -25.96 -19.80 -34.84
CA VAL D 108 -25.14 -18.94 -35.68
C VAL D 108 -24.57 -19.73 -36.87
N LEU D 109 -24.10 -20.94 -36.59
CA LEU D 109 -23.54 -21.81 -37.63
C LEU D 109 -24.56 -22.13 -38.73
N ASN D 110 -25.78 -22.46 -38.32
CA ASN D 110 -26.87 -22.70 -39.27
C ASN D 110 -27.10 -21.48 -40.15
N ALA D 111 -27.13 -20.31 -39.52
CA ALA D 111 -27.32 -19.04 -40.22
C ALA D 111 -26.21 -18.81 -41.24
N LEU D 112 -24.99 -19.21 -40.87
CA LEU D 112 -23.85 -19.12 -41.78
C LEU D 112 -24.05 -19.99 -43.00
N ASN D 113 -24.50 -21.23 -42.76
CA ASN D 113 -24.76 -22.17 -43.85
C ASN D 113 -25.92 -21.69 -44.74
N ALA D 114 -26.87 -20.98 -44.12
CA ALA D 114 -28.01 -20.44 -44.86
C ALA D 114 -27.58 -19.28 -45.74
N LEU D 115 -26.36 -18.79 -45.53
CA LEU D 115 -25.82 -17.69 -46.32
C LEU D 115 -24.77 -18.17 -47.32
N GLY D 116 -24.47 -19.46 -47.27
CA GLY D 116 -23.58 -20.07 -48.25
C GLY D 116 -22.13 -20.19 -47.85
N VAL D 117 -21.86 -20.22 -46.55
CA VAL D 117 -20.49 -20.39 -46.07
C VAL D 117 -20.35 -21.58 -45.14
N SER D 118 -19.29 -22.36 -45.31
CA SER D 118 -19.03 -23.51 -44.48
C SER D 118 -18.09 -23.16 -43.33
N ALA D 119 -18.60 -23.29 -42.09
CA ALA D 119 -17.81 -22.99 -40.91
C ALA D 119 -18.03 -24.04 -39.82
N GLU D 120 -17.18 -24.01 -38.80
CA GLU D 120 -17.28 -24.95 -37.69
C GLU D 120 -16.58 -24.40 -36.44
N ALA D 121 -17.17 -24.65 -35.27
CA ALA D 121 -16.61 -24.16 -34.01
C ALA D 121 -15.49 -25.06 -33.49
N SER D 122 -14.40 -24.45 -33.04
CA SER D 122 -13.30 -25.18 -32.45
C SER D 122 -12.83 -24.50 -31.17
N GLY D 123 -11.73 -24.99 -30.60
CA GLY D 123 -11.19 -24.43 -29.38
C GLY D 123 -12.20 -24.40 -28.26
N ARG D 124 -12.32 -23.26 -27.60
CA ARG D 124 -13.29 -23.09 -26.52
C ARG D 124 -14.44 -22.29 -27.11
N ASN D 125 -14.12 -21.21 -27.83
CA ASN D 125 -15.16 -20.42 -28.50
C ASN D 125 -14.99 -20.12 -30.00
N ASP D 126 -13.81 -20.41 -30.55
CA ASP D 126 -13.48 -20.05 -31.94
C ASP D 126 -14.47 -20.51 -33.01
N LEU D 127 -14.36 -19.90 -34.19
CA LEU D 127 -15.16 -20.27 -35.36
C LEU D 127 -14.30 -20.18 -36.61
N VAL D 128 -13.92 -21.35 -37.14
CA VAL D 128 -12.92 -21.43 -38.21
C VAL D 128 -13.49 -21.82 -39.58
N VAL D 129 -13.05 -21.10 -40.62
CA VAL D 129 -13.34 -21.50 -41.99
C VAL D 129 -12.06 -21.96 -42.69
N LYS D 130 -12.14 -23.02 -43.48
CA LYS D 130 -10.95 -23.52 -44.16
C LYS D 130 -10.74 -22.79 -45.45
N THR D 131 -9.84 -21.83 -45.44
CA THR D 131 -9.50 -21.02 -46.61
C THR D 131 -8.30 -21.59 -47.34
N VAL D 132 -7.99 -21.00 -48.50
CA VAL D 132 -6.86 -21.44 -49.30
C VAL D 132 -5.57 -21.46 -48.49
N GLU D 133 -5.38 -20.42 -47.69
CA GLU D 133 -4.18 -20.31 -46.86
C GLU D 133 -4.28 -21.21 -45.63
N GLY D 134 -5.34 -22.01 -45.57
CA GLY D 134 -5.54 -22.91 -44.46
C GLY D 134 -6.76 -22.54 -43.63
N ASP D 135 -6.69 -22.79 -42.32
CA ASP D 135 -7.78 -22.48 -41.42
C ASP D 135 -7.62 -21.10 -40.80
N ARG D 136 -8.67 -20.30 -40.87
CA ARG D 136 -8.66 -18.96 -40.30
C ARG D 136 -9.82 -18.75 -39.34
N LYS D 137 -9.82 -17.63 -38.64
CA LYS D 137 -10.88 -17.33 -37.68
C LYS D 137 -11.79 -16.23 -38.21
N VAL D 138 -13.09 -16.35 -37.92
CA VAL D 138 -14.07 -15.37 -38.36
C VAL D 138 -14.97 -14.90 -37.22
N SER D 139 -14.76 -15.46 -36.03
CA SER D 139 -15.58 -15.12 -34.87
C SER D 139 -14.97 -15.61 -33.55
N GLY D 140 -15.29 -14.89 -32.47
CA GLY D 140 -14.87 -15.28 -31.15
C GLY D 140 -15.94 -14.92 -30.13
N SER D 141 -16.08 -15.73 -29.08
CA SER D 141 -17.14 -15.51 -28.10
C SER D 141 -16.66 -15.62 -26.65
N ALA D 142 -17.50 -15.15 -25.73
CA ALA D 142 -17.23 -15.23 -24.30
C ALA D 142 -18.54 -15.31 -23.54
N TYR D 143 -18.56 -16.08 -22.47
CA TYR D 143 -19.81 -16.37 -21.78
C TYR D 143 -19.95 -15.66 -20.43
N ARG D 144 -21.17 -15.65 -19.91
CA ARG D 144 -21.45 -15.10 -18.59
C ARG D 144 -22.65 -15.82 -17.97
N GLU D 145 -22.45 -16.41 -16.79
CA GLU D 145 -23.51 -17.14 -16.12
C GLU D 145 -23.72 -16.65 -14.69
N THR D 146 -24.91 -16.88 -14.16
CA THR D 146 -25.20 -16.62 -12.75
C THR D 146 -25.95 -17.85 -12.26
N LYS D 147 -26.67 -17.72 -11.16
CA LYS D 147 -27.30 -18.87 -10.52
C LYS D 147 -28.32 -19.41 -11.50
N ASP D 148 -29.04 -18.52 -12.17
CA ASP D 148 -30.15 -18.91 -13.03
C ASP D 148 -30.10 -18.42 -14.47
N ARG D 149 -29.23 -17.47 -14.75
CA ARG D 149 -29.18 -16.85 -16.07
C ARG D 149 -27.93 -17.22 -16.86
N GLY D 150 -27.94 -16.93 -18.15
CA GLY D 150 -26.82 -17.22 -19.02
C GLY D 150 -26.74 -16.26 -20.20
N ALA D 151 -25.53 -15.95 -20.63
CA ALA D 151 -25.34 -15.01 -21.73
C ALA D 151 -24.17 -15.41 -22.64
N HIS D 152 -24.48 -15.73 -23.89
CA HIS D 152 -23.47 -16.06 -24.88
C HIS D 152 -23.38 -14.93 -25.91
N GLY D 153 -22.27 -14.21 -25.91
CA GLY D 153 -22.04 -13.15 -26.87
C GLY D 153 -20.79 -13.40 -27.69
N GLY D 154 -20.85 -13.06 -28.98
CA GLY D 154 -19.72 -13.25 -29.87
C GLY D 154 -19.68 -12.23 -30.99
N THR D 155 -18.59 -12.24 -31.75
CA THR D 155 -18.42 -11.30 -32.85
C THR D 155 -18.52 -12.02 -34.19
N LEU D 156 -18.33 -11.26 -35.27
CA LEU D 156 -18.34 -11.81 -36.63
C LEU D 156 -17.56 -10.89 -37.56
N LEU D 157 -16.47 -11.39 -38.13
CA LEU D 157 -15.62 -10.60 -38.99
C LEU D 157 -16.15 -10.54 -40.43
N LEU D 158 -17.07 -9.60 -40.66
CA LEU D 158 -17.67 -9.41 -41.98
C LEU D 158 -16.72 -8.62 -42.88
N ASN D 159 -16.47 -7.37 -42.49
CA ASN D 159 -15.56 -6.50 -43.25
C ASN D 159 -14.84 -5.51 -42.32
N ALA D 160 -13.94 -6.04 -41.50
CA ALA D 160 -13.19 -5.21 -40.56
C ALA D 160 -11.84 -4.81 -41.13
N ASP D 161 -11.25 -3.76 -40.57
CA ASP D 161 -9.94 -3.28 -41.01
C ASP D 161 -8.84 -4.09 -40.31
N LEU D 162 -8.42 -5.18 -40.94
CA LEU D 162 -7.45 -6.10 -40.35
C LEU D 162 -6.10 -5.47 -40.01
N SER D 163 -5.84 -4.29 -40.56
CA SER D 163 -4.61 -3.58 -40.25
C SER D 163 -4.77 -2.80 -38.95
N ARG D 164 -5.90 -2.11 -38.82
CA ARG D 164 -6.19 -1.36 -37.60
C ARG D 164 -6.53 -2.32 -36.45
N LEU D 165 -6.63 -3.60 -36.77
CA LEU D 165 -6.80 -4.63 -35.76
C LEU D 165 -5.43 -4.99 -35.19
N ALA D 166 -4.55 -5.49 -36.06
CA ALA D 166 -3.20 -5.87 -35.65
C ALA D 166 -2.39 -4.69 -35.14
N ASN D 167 -2.79 -3.48 -35.53
CA ASN D 167 -2.11 -2.28 -35.08
C ASN D 167 -2.43 -1.93 -33.63
N TYR D 168 -3.63 -2.33 -33.18
CA TYR D 168 -4.08 -2.00 -31.83
C TYR D 168 -4.02 -3.18 -30.88
N LEU D 169 -3.82 -4.37 -31.43
CA LEU D 169 -3.74 -5.58 -30.63
C LEU D 169 -2.29 -6.04 -30.48
N ASN D 170 -1.35 -5.21 -30.93
CA ASN D 170 0.07 -5.47 -30.75
C ASN D 170 0.68 -4.39 -29.86
N PRO D 171 0.65 -4.60 -28.54
CA PRO D 171 1.05 -3.60 -27.55
C PRO D 171 2.53 -3.28 -27.58
N ASP D 172 2.92 -2.19 -26.94
CA ASP D 172 4.33 -1.80 -26.85
C ASP D 172 5.02 -2.68 -25.81
N LYS D 173 6.28 -3.01 -26.06
CA LYS D 173 7.06 -3.85 -25.13
C LYS D 173 6.99 -3.11 -23.81
N LYS D 174 6.42 -3.76 -22.80
CA LYS D 174 6.39 -3.22 -21.43
C LYS D 174 6.85 -4.38 -20.57
N LYS D 175 7.58 -4.06 -19.51
CA LYS D 175 7.98 -5.10 -18.56
C LYS D 175 6.88 -5.29 -17.51
N LEU D 176 5.90 -6.15 -17.83
CA LEU D 176 4.75 -6.32 -16.96
C LEU D 176 4.70 -7.69 -16.30
N ALA D 177 4.39 -7.70 -15.01
CA ALA D 177 4.09 -8.92 -14.28
C ALA D 177 2.63 -8.87 -13.84
N ALA D 178 1.75 -9.53 -14.59
CA ALA D 178 0.32 -9.37 -14.38
C ALA D 178 -0.42 -10.67 -14.14
N LYS D 179 -1.35 -10.66 -13.19
CA LYS D 179 -2.32 -11.73 -13.06
C LYS D 179 -3.40 -11.50 -14.13
N GLY D 180 -4.37 -12.41 -14.20
CA GLY D 180 -5.46 -12.24 -15.14
C GLY D 180 -5.27 -13.02 -16.43
N ILE D 181 -6.27 -12.92 -17.30
CA ILE D 181 -6.28 -13.68 -18.55
C ILE D 181 -5.53 -12.97 -19.68
N THR D 182 -4.82 -13.76 -20.49
CA THR D 182 -4.13 -13.23 -21.66
C THR D 182 -4.87 -13.64 -22.93
N SER D 183 -4.76 -12.84 -23.98
CA SER D 183 -5.42 -13.12 -25.26
C SER D 183 -4.72 -14.26 -26.00
N VAL D 184 -5.51 -15.12 -26.64
CA VAL D 184 -4.97 -16.18 -27.48
C VAL D 184 -5.04 -15.75 -28.94
N ARG D 185 -3.93 -15.26 -29.47
CA ARG D 185 -3.88 -14.71 -30.82
C ARG D 185 -4.11 -15.78 -31.87
N SER D 186 -4.73 -15.39 -32.99
CA SER D 186 -5.04 -16.32 -34.07
C SER D 186 -5.09 -15.59 -35.41
N ARG D 187 -4.80 -16.31 -36.48
CA ARG D 187 -4.91 -15.75 -37.82
C ARG D 187 -6.38 -15.62 -38.19
N VAL D 188 -6.78 -14.43 -38.64
CA VAL D 188 -8.19 -14.17 -38.91
C VAL D 188 -8.43 -13.82 -40.38
N THR D 189 -9.70 -13.76 -40.77
CA THR D 189 -10.07 -13.34 -42.13
C THR D 189 -11.46 -12.72 -42.12
N ASN D 190 -11.77 -11.96 -43.16
CA ASN D 190 -13.11 -11.41 -43.31
C ASN D 190 -14.00 -12.36 -44.11
N LEU D 191 -15.30 -12.37 -43.77
CA LEU D 191 -16.26 -13.18 -44.49
C LEU D 191 -16.52 -12.61 -45.88
N THR D 192 -16.13 -11.34 -46.06
CA THR D 192 -16.28 -10.67 -47.34
C THR D 192 -15.31 -11.25 -48.38
N GLU D 193 -14.28 -11.93 -47.90
CA GLU D 193 -13.33 -12.59 -48.79
C GLU D 193 -13.85 -13.94 -49.26
N LEU D 194 -14.99 -14.35 -48.72
CA LEU D 194 -15.61 -15.62 -49.09
C LEU D 194 -16.93 -15.40 -49.81
N LEU D 195 -17.72 -14.44 -49.32
CA LEU D 195 -18.98 -14.09 -49.95
C LEU D 195 -19.02 -12.57 -50.19
N PRO D 196 -18.25 -12.09 -51.18
CA PRO D 196 -18.02 -10.66 -51.43
C PRO D 196 -19.29 -9.80 -51.46
N GLY D 197 -19.31 -8.76 -50.63
CA GLY D 197 -20.44 -7.85 -50.58
C GLY D 197 -21.40 -8.15 -49.43
N ILE D 198 -21.09 -9.16 -48.63
CA ILE D 198 -21.93 -9.52 -47.49
C ILE D 198 -22.01 -8.39 -46.48
N THR D 199 -23.22 -7.92 -46.18
CA THR D 199 -23.41 -6.78 -45.29
C THR D 199 -23.90 -7.19 -43.89
N HIS D 200 -23.82 -6.24 -42.96
CA HIS D 200 -24.27 -6.46 -41.59
C HIS D 200 -25.77 -6.75 -41.53
N GLU D 201 -26.51 -6.20 -42.49
CA GLU D 201 -27.95 -6.38 -42.55
C GLU D 201 -28.29 -7.82 -42.93
N GLN D 202 -27.62 -8.32 -43.95
CA GLN D 202 -27.85 -9.68 -44.46
C GLN D 202 -27.54 -10.73 -43.41
N VAL D 203 -26.54 -10.46 -42.57
CA VAL D 203 -26.16 -11.39 -41.52
C VAL D 203 -27.17 -11.37 -40.37
N CYS D 204 -27.70 -10.19 -40.07
CA CYS D 204 -28.74 -10.05 -39.05
C CYS D 204 -29.97 -10.86 -39.42
N GLU D 205 -30.29 -10.89 -40.71
CA GLU D 205 -31.41 -11.68 -41.20
C GLU D 205 -31.17 -13.16 -40.92
N ALA D 206 -29.96 -13.61 -41.21
CA ALA D 206 -29.59 -15.02 -41.03
C ALA D 206 -29.75 -15.49 -39.59
N ILE D 207 -29.05 -14.82 -38.68
CA ILE D 207 -29.06 -15.18 -37.26
C ILE D 207 -30.46 -15.05 -36.65
N THR D 208 -31.19 -14.02 -37.05
CA THR D 208 -32.56 -13.82 -36.59
C THR D 208 -33.46 -14.96 -37.05
N GLU D 209 -33.43 -15.24 -38.36
CA GLU D 209 -34.25 -16.30 -38.94
C GLU D 209 -33.81 -17.67 -38.44
N ALA D 210 -32.56 -17.77 -38.00
CA ALA D 210 -32.06 -19.00 -37.39
C ALA D 210 -32.51 -19.08 -35.94
N PHE D 211 -32.61 -17.92 -35.30
CA PHE D 211 -33.12 -17.83 -33.95
C PHE D 211 -34.62 -18.12 -33.92
N PHE D 212 -35.31 -17.67 -34.96
CA PHE D 212 -36.75 -17.88 -35.08
C PHE D 212 -37.09 -19.31 -35.48
N ALA D 213 -36.16 -19.98 -36.16
CA ALA D 213 -36.39 -21.34 -36.64
C ALA D 213 -36.25 -22.37 -35.53
N HIS D 214 -35.12 -22.34 -34.83
CA HIS D 214 -34.82 -23.30 -33.77
C HIS D 214 -35.82 -23.21 -32.62
N TYR D 215 -36.43 -22.03 -32.46
CA TYR D 215 -37.36 -21.80 -31.37
C TYR D 215 -38.81 -21.79 -31.85
N GLY D 216 -38.99 -21.77 -33.17
CA GLY D 216 -40.31 -21.87 -33.76
C GLY D 216 -41.28 -20.74 -33.43
N GLU D 217 -40.73 -19.57 -33.12
CA GLU D 217 -41.56 -18.41 -32.84
C GLU D 217 -41.26 -17.22 -33.75
N ARG D 218 -41.99 -16.13 -33.56
CA ARG D 218 -41.87 -14.94 -34.39
C ARG D 218 -42.19 -13.69 -33.57
N VAL D 219 -41.19 -12.83 -33.38
CA VAL D 219 -41.37 -11.59 -32.66
C VAL D 219 -40.84 -10.40 -33.46
N GLU D 220 -41.40 -9.22 -33.19
CA GLU D 220 -40.96 -7.98 -33.84
C GLU D 220 -39.55 -7.59 -33.39
N ALA D 221 -38.88 -6.80 -34.22
CA ALA D 221 -37.54 -6.32 -33.90
C ALA D 221 -37.60 -4.96 -33.19
N GLU D 222 -37.08 -4.90 -31.97
CA GLU D 222 -37.10 -3.67 -31.20
C GLU D 222 -35.85 -2.84 -31.46
N ILE D 223 -36.04 -1.64 -32.01
CA ILE D 223 -34.94 -0.78 -32.37
C ILE D 223 -34.58 0.20 -31.25
N ILE D 224 -33.28 0.30 -30.96
CA ILE D 224 -32.79 1.18 -29.91
C ILE D 224 -32.17 2.44 -30.48
N SER D 225 -32.51 3.58 -29.90
CA SER D 225 -32.01 4.87 -30.38
C SER D 225 -30.87 5.38 -29.52
N PRO D 226 -29.77 5.81 -30.16
CA PRO D 226 -28.60 6.36 -29.47
C PRO D 226 -28.88 7.77 -28.93
N ASN D 227 -29.90 8.42 -29.49
CA ASN D 227 -30.25 9.78 -29.09
C ASN D 227 -31.30 9.82 -27.98
N LYS D 228 -31.57 8.65 -27.41
CA LYS D 228 -32.56 8.52 -26.34
C LYS D 228 -32.11 7.50 -25.30
N THR D 229 -32.05 7.93 -24.04
CA THR D 229 -31.72 7.04 -22.94
C THR D 229 -32.78 5.95 -22.79
N PRO D 230 -32.40 4.70 -23.07
CA PRO D 230 -33.32 3.54 -23.08
C PRO D 230 -34.07 3.37 -21.77
N ASP D 231 -35.31 2.89 -21.86
CA ASP D 231 -36.15 2.68 -20.68
C ASP D 231 -35.82 1.34 -20.02
N LEU D 232 -34.84 1.36 -19.11
CA LEU D 232 -34.36 0.15 -18.45
C LEU D 232 -34.05 0.45 -16.98
N PRO D 233 -34.01 -0.60 -16.13
CA PRO D 233 -33.66 -0.40 -14.72
C PRO D 233 -32.23 0.07 -14.50
N ASN D 234 -32.08 1.28 -13.93
CA ASN D 234 -30.77 1.84 -13.61
C ASN D 234 -29.78 1.90 -14.77
N PHE D 235 -30.21 2.39 -15.92
CA PHE D 235 -29.32 2.49 -17.07
C PHE D 235 -28.37 3.67 -16.96
N ALA D 236 -28.88 4.81 -16.48
CA ALA D 236 -28.08 6.01 -16.31
C ALA D 236 -26.86 5.72 -15.43
N GLU D 237 -27.09 4.97 -14.35
CA GLU D 237 -26.03 4.54 -13.46
C GLU D 237 -25.09 3.57 -14.18
N THR D 238 -25.67 2.58 -14.83
CA THR D 238 -24.91 1.55 -15.55
C THR D 238 -24.03 2.14 -16.64
N PHE D 239 -24.62 2.90 -17.55
CA PHE D 239 -23.89 3.50 -18.67
C PHE D 239 -22.73 4.37 -18.20
N ALA D 240 -22.89 4.98 -17.02
CA ALA D 240 -21.85 5.83 -16.45
C ALA D 240 -20.61 5.04 -16.06
N ARG D 241 -20.78 4.05 -15.17
CA ARG D 241 -19.67 3.24 -14.68
C ARG D 241 -18.98 2.47 -15.81
N GLN D 242 -19.78 1.92 -16.72
CA GLN D 242 -19.27 1.19 -17.87
C GLN D 242 -18.39 2.08 -18.75
N SER D 243 -18.59 3.39 -18.64
CA SER D 243 -17.82 4.35 -19.41
C SER D 243 -16.60 4.88 -18.65
N SER D 244 -16.63 4.74 -17.34
CA SER D 244 -15.58 5.29 -16.47
C SER D 244 -14.21 4.66 -16.71
N TRP D 245 -13.16 5.37 -16.31
CA TRP D 245 -11.81 4.81 -16.36
C TRP D 245 -11.66 3.80 -15.23
N GLU D 246 -12.41 4.02 -14.15
CA GLU D 246 -12.39 3.15 -12.98
C GLU D 246 -12.82 1.72 -13.29
N TRP D 247 -13.58 1.54 -14.36
CA TRP D 247 -14.04 0.21 -14.76
C TRP D 247 -13.25 -0.37 -15.92
N ASN D 248 -13.22 0.35 -17.04
CA ASN D 248 -12.55 -0.11 -18.25
C ASN D 248 -11.08 -0.46 -18.03
N PHE D 249 -10.36 0.39 -17.31
CA PHE D 249 -8.94 0.16 -17.03
C PHE D 249 -8.71 -0.18 -15.56
N GLY D 250 -9.44 0.51 -14.68
CA GLY D 250 -9.27 0.36 -13.24
C GLY D 250 -9.48 -1.04 -12.70
N GLN D 251 -10.53 -1.71 -13.18
CA GLN D 251 -10.84 -3.06 -12.72
C GLN D 251 -9.95 -3.99 -13.55
N ALA D 252 -8.64 -3.84 -13.41
CA ALA D 252 -7.68 -4.72 -14.08
C ALA D 252 -7.09 -5.49 -12.90
N PRO D 253 -6.85 -6.79 -13.09
CA PRO D 253 -6.24 -7.63 -12.04
C PRO D 253 -4.90 -7.07 -11.59
N ALA D 254 -4.51 -7.35 -10.35
CA ALA D 254 -3.29 -6.81 -9.77
C ALA D 254 -2.07 -7.10 -10.65
N PHE D 255 -1.24 -6.08 -10.86
CA PHE D 255 -0.04 -6.24 -11.68
C PHE D 255 1.09 -5.30 -11.30
N SER D 256 2.29 -5.60 -11.78
CA SER D 256 3.44 -4.74 -11.52
C SER D 256 4.14 -4.32 -12.80
N HIS D 257 4.76 -3.14 -12.78
CA HIS D 257 5.41 -2.60 -13.97
C HIS D 257 6.83 -2.17 -13.64
N LEU D 258 7.78 -2.56 -14.48
CA LEU D 258 9.17 -2.13 -14.32
C LEU D 258 9.56 -1.08 -15.37
N LEU D 259 9.95 0.10 -14.90
CA LEU D 259 10.30 1.21 -15.77
C LEU D 259 11.80 1.43 -15.77
N ASP D 260 12.35 1.92 -16.88
CA ASP D 260 13.77 2.25 -16.94
C ASP D 260 14.07 3.28 -18.04
N GLU D 261 15.01 4.18 -17.76
CA GLU D 261 15.46 5.17 -18.73
C GLU D 261 16.83 5.72 -18.33
N ARG D 262 17.62 6.12 -19.32
CA ARG D 262 18.99 6.57 -19.08
C ARG D 262 19.14 8.06 -19.37
N PHE D 263 18.74 8.88 -18.40
CA PHE D 263 18.88 10.33 -18.55
C PHE D 263 20.35 10.74 -18.51
N THR D 264 20.61 12.00 -18.86
CA THR D 264 21.98 12.53 -18.89
C THR D 264 22.49 12.85 -17.49
N TRP D 265 21.61 12.83 -16.50
CA TRP D 265 21.98 13.12 -15.12
C TRP D 265 21.93 11.87 -14.26
N GLY D 266 21.84 10.71 -14.92
CA GLY D 266 21.81 9.44 -14.22
C GLY D 266 20.72 8.53 -14.78
N GLY D 267 20.74 7.26 -14.35
CA GLY D 267 19.71 6.33 -14.76
C GLY D 267 18.64 6.17 -13.70
N VAL D 268 17.39 6.08 -14.12
CA VAL D 268 16.27 5.90 -13.19
C VAL D 268 15.49 4.62 -13.51
N GLU D 269 15.29 3.79 -12.49
CA GLU D 269 14.58 2.53 -12.66
C GLU D 269 13.49 2.41 -11.59
N LEU D 270 12.25 2.26 -12.03
CA LEU D 270 11.11 2.27 -11.11
C LEU D 270 10.34 0.94 -11.08
N HIS D 271 10.04 0.47 -9.88
CA HIS D 271 9.07 -0.61 -9.73
C HIS D 271 7.72 -0.01 -9.36
N PHE D 272 6.65 -0.62 -9.85
CA PHE D 272 5.31 -0.10 -9.66
C PHE D 272 4.33 -1.20 -9.30
N ASP D 273 3.94 -1.28 -8.03
CA ASP D 273 2.89 -2.21 -7.64
C ASP D 273 1.50 -1.58 -7.79
N VAL D 274 0.73 -2.09 -8.73
CA VAL D 274 -0.56 -1.51 -9.08
C VAL D 274 -1.72 -2.42 -8.66
N GLU D 275 -2.79 -1.82 -8.16
CA GLU D 275 -3.95 -2.55 -7.67
C GLU D 275 -5.16 -1.65 -7.77
N LYS D 276 -6.19 -2.11 -8.48
CA LYS D 276 -7.38 -1.30 -8.77
C LYS D 276 -7.01 0.02 -9.44
N GLY D 277 -6.03 -0.04 -10.33
CA GLY D 277 -5.64 1.12 -11.11
C GLY D 277 -4.78 2.13 -10.37
N HIS D 278 -4.56 1.90 -9.09
CA HIS D 278 -3.74 2.81 -8.31
C HIS D 278 -2.37 2.21 -8.04
N ILE D 279 -1.38 3.06 -7.80
CA ILE D 279 -0.04 2.59 -7.42
C ILE D 279 0.03 2.40 -5.91
N THR D 280 0.26 1.16 -5.48
CA THR D 280 0.26 0.82 -4.06
C THR D 280 1.65 0.95 -3.45
N ARG D 281 2.67 0.93 -4.31
CA ARG D 281 4.06 1.05 -3.86
C ARG D 281 4.97 1.37 -5.03
N ALA D 282 5.85 2.37 -4.85
CA ALA D 282 6.80 2.74 -5.90
C ALA D 282 8.22 2.70 -5.37
N GLN D 283 9.08 1.92 -6.02
CA GLN D 283 10.49 1.83 -5.63
C GLN D 283 11.36 2.47 -6.71
N VAL D 284 12.28 3.35 -6.31
CA VAL D 284 13.18 4.01 -7.26
C VAL D 284 14.61 3.49 -7.12
N PHE D 285 15.15 2.98 -8.22
CA PHE D 285 16.55 2.58 -8.25
C PHE D 285 17.31 3.52 -9.19
N THR D 286 18.23 4.30 -8.63
CA THR D 286 18.94 5.29 -9.43
C THR D 286 20.43 5.33 -9.11
N ASP D 287 21.21 5.76 -10.10
CA ASP D 287 22.65 5.93 -9.93
C ASP D 287 23.03 7.40 -10.11
N SER D 288 22.07 8.29 -9.85
CA SER D 288 22.30 9.72 -9.94
C SER D 288 23.18 10.22 -8.80
N LEU D 289 23.44 11.52 -8.78
CA LEU D 289 24.26 12.12 -7.74
C LEU D 289 23.41 12.99 -6.81
N ASN D 290 22.21 13.32 -7.26
CA ASN D 290 21.23 14.02 -6.44
C ASN D 290 19.94 13.19 -6.36
N PRO D 291 19.97 12.11 -5.56
CA PRO D 291 18.89 11.12 -5.55
C PRO D 291 17.83 11.38 -4.48
N ALA D 292 18.02 12.41 -3.66
CA ALA D 292 17.05 12.76 -2.63
C ALA D 292 15.63 13.07 -3.15
N PRO D 293 15.51 13.87 -4.23
CA PRO D 293 14.16 14.08 -4.76
C PRO D 293 13.56 12.81 -5.34
N LEU D 294 14.39 11.98 -5.96
CA LEU D 294 13.94 10.72 -6.55
C LEU D 294 13.43 9.76 -5.48
N GLU D 295 14.22 9.59 -4.43
CA GLU D 295 13.85 8.71 -3.31
C GLU D 295 12.61 9.23 -2.60
N ALA D 296 12.32 10.52 -2.77
CA ALA D 296 11.14 11.14 -2.17
C ALA D 296 9.89 10.92 -3.02
N LEU D 297 10.05 10.95 -4.35
CA LEU D 297 8.95 10.72 -5.27
C LEU D 297 8.35 9.34 -5.05
N ALA D 298 9.23 8.37 -4.81
CA ALA D 298 8.83 7.00 -4.54
C ALA D 298 7.83 6.94 -3.39
N GLY D 299 8.03 7.79 -2.39
CA GLY D 299 7.14 7.86 -1.26
C GLY D 299 5.84 8.56 -1.58
N ARG D 300 5.90 9.55 -2.48
CA ARG D 300 4.73 10.37 -2.79
C ARG D 300 3.75 9.68 -3.74
N LEU D 301 4.18 8.60 -4.36
CA LEU D 301 3.33 7.89 -5.32
C LEU D 301 2.36 6.91 -4.62
N GLN D 302 2.37 6.93 -3.29
CA GLN D 302 1.43 6.12 -2.51
C GLN D 302 0.00 6.54 -2.83
N GLY D 303 -0.71 5.70 -3.57
CA GLY D 303 -2.10 5.94 -3.88
C GLY D 303 -2.35 6.71 -5.16
N CYS D 304 -1.27 7.08 -5.85
CA CYS D 304 -1.37 7.78 -7.13
C CYS D 304 -2.02 6.91 -8.21
N LEU D 305 -2.69 7.53 -9.18
CA LEU D 305 -3.33 6.79 -10.26
C LEU D 305 -2.30 6.30 -11.27
N TYR D 306 -2.54 5.11 -11.82
CA TYR D 306 -1.68 4.58 -12.87
C TYR D 306 -2.02 5.26 -14.20
N ARG D 307 -1.99 6.58 -14.20
CA ARG D 307 -2.34 7.37 -15.38
C ARG D 307 -1.35 8.52 -15.53
N ALA D 308 -1.16 8.98 -16.76
CA ALA D 308 -0.17 10.01 -17.06
C ALA D 308 -0.44 11.32 -16.31
N ASP D 309 -1.66 11.85 -16.48
CA ASP D 309 -2.03 13.14 -15.91
C ASP D 309 -1.83 13.22 -14.39
N MET D 310 -2.04 12.10 -13.70
CA MET D 310 -1.87 12.05 -12.26
C MET D 310 -0.41 11.89 -11.88
N LEU D 311 0.31 11.08 -12.68
CA LEU D 311 1.74 10.88 -12.47
C LEU D 311 2.51 12.17 -12.71
N GLN D 312 1.97 13.03 -13.56
CA GLN D 312 2.60 14.32 -13.84
C GLN D 312 2.28 15.34 -12.74
N GLN D 313 1.11 15.20 -12.13
CA GLN D 313 0.70 16.06 -11.02
C GLN D 313 1.69 15.94 -9.86
N GLU D 314 2.02 14.70 -9.50
CA GLU D 314 2.93 14.42 -8.40
C GLU D 314 4.31 15.04 -8.61
N CYS D 315 4.73 15.10 -9.86
CA CYS D 315 6.05 15.61 -10.23
C CYS D 315 6.13 17.14 -10.16
N GLU D 316 5.06 17.81 -10.60
CA GLU D 316 4.99 19.26 -10.50
C GLU D 316 4.80 19.66 -9.04
N ALA D 317 4.36 18.71 -8.23
CA ALA D 317 4.28 18.91 -6.80
C ALA D 317 5.63 18.63 -6.15
N LEU D 318 6.56 18.10 -6.94
CA LEU D 318 7.89 17.77 -6.46
C LEU D 318 8.87 18.89 -6.78
N LEU D 319 8.58 19.64 -7.84
CA LEU D 319 9.38 20.80 -8.23
C LEU D 319 9.34 21.84 -7.13
N VAL D 320 8.26 21.85 -6.36
CA VAL D 320 8.05 22.81 -5.29
C VAL D 320 9.05 22.62 -4.15
N ASP D 321 9.29 21.37 -3.77
CA ASP D 321 10.16 21.07 -2.64
C ASP D 321 11.61 20.85 -3.07
N PHE D 322 11.84 20.73 -4.37
CA PHE D 322 13.18 20.57 -4.92
C PHE D 322 13.39 21.46 -6.13
N PRO D 323 13.42 22.79 -5.91
CA PRO D 323 13.44 23.76 -7.00
C PRO D 323 14.75 23.74 -7.80
N GLU D 324 15.80 23.16 -7.24
CA GLU D 324 17.10 23.14 -7.88
C GLU D 324 17.17 22.16 -9.05
N GLN D 325 16.53 21.01 -8.90
CA GLN D 325 16.52 20.00 -9.96
C GLN D 325 15.24 20.04 -10.79
N GLU D 326 14.85 21.24 -11.23
CA GLU D 326 13.66 21.37 -12.06
C GLU D 326 13.89 20.80 -13.45
N LYS D 327 15.08 21.05 -14.00
CA LYS D 327 15.43 20.55 -15.32
C LYS D 327 15.37 19.03 -15.37
N GLU D 328 16.02 18.38 -14.41
CA GLU D 328 16.05 16.92 -14.34
C GLU D 328 14.66 16.33 -14.12
N LEU D 329 13.91 16.94 -13.21
CA LEU D 329 12.61 16.41 -12.81
C LEU D 329 11.54 16.54 -13.90
N ARG D 330 11.65 17.57 -14.74
CA ARG D 330 10.71 17.73 -15.84
C ARG D 330 10.98 16.69 -16.92
N GLU D 331 12.23 16.24 -17.03
CA GLU D 331 12.58 15.16 -17.94
C GLU D 331 12.00 13.85 -17.42
N LEU D 332 12.05 13.66 -16.11
CA LEU D 332 11.53 12.45 -15.48
C LEU D 332 10.01 12.36 -15.65
N SER D 333 9.33 13.45 -15.32
CA SER D 333 7.88 13.54 -15.47
C SER D 333 7.45 13.25 -16.91
N ALA D 334 8.23 13.77 -17.86
CA ALA D 334 7.94 13.57 -19.27
C ALA D 334 8.03 12.09 -19.64
N TRP D 335 9.10 11.44 -19.20
CA TRP D 335 9.30 10.02 -19.50
C TRP D 335 8.29 9.14 -18.78
N MET D 336 8.06 9.41 -17.50
CA MET D 336 7.20 8.58 -16.67
C MET D 336 5.77 8.56 -17.21
N ALA D 337 5.33 9.70 -17.73
CA ALA D 337 3.99 9.82 -18.27
C ALA D 337 3.88 9.13 -19.63
N GLY D 338 5.01 8.90 -20.26
CA GLY D 338 5.03 8.25 -21.57
C GLY D 338 5.16 6.74 -21.48
N ALA D 339 5.65 6.27 -20.34
CA ALA D 339 5.89 4.83 -20.15
C ALA D 339 4.69 4.11 -19.56
N VAL D 340 3.58 4.82 -19.41
CA VAL D 340 2.38 4.24 -18.83
C VAL D 340 1.15 4.48 -19.71
N ARG D 341 1.36 4.89 -20.96
CA ARG D 341 0.26 5.17 -21.87
C ARG D 341 -0.33 3.91 -22.52
O2S 37P E . 27.71 4.73 10.96
S 37P E . 28.91 4.80 11.71
O1S 37P E . 29.23 6.00 12.40
O5' 37P E . 30.04 4.61 10.70
C5' 37P E . 31.39 4.56 11.11
C4' 37P E . 32.35 4.71 9.95
C3' 37P E . 32.42 3.55 8.96
O3' 37P E . 31.43 3.60 7.95
C2' 37P E . 33.84 3.67 8.42
O2' 37P E . 33.94 4.75 7.51
C1' 37P E . 34.58 4.05 9.70
N9A 37P E . 34.94 2.85 10.50
C4A 37P E . 35.21 2.83 11.80
N3A 37P E . 35.26 3.75 12.78
C2A 37P E . 35.56 3.41 14.04
N1A 37P E . 35.85 2.17 14.42
C6A 37P E . 35.85 1.14 13.54
N6A 37P E . 36.14 -0.13 13.94
C5A 37P E . 35.51 1.43 12.14
N7A 37P E . 35.40 0.72 11.00
C8A 37P E . 35.06 1.60 10.03
O4' 37P E . 33.70 4.85 10.46
N45 37P E . 28.86 3.54 12.76
C44 37P E . 29.51 3.52 13.92
O46 37P E . 30.29 4.39 14.29
C43 37P E . 29.20 2.33 14.79
C42 37P E . 30.27 2.04 15.84
C16 37P E . 29.90 0.75 16.56
C15 37P E . 30.88 0.39 17.68
C13 37P E . 30.36 -0.79 18.46
C12 37P E . 30.80 -2.17 18.13
O16 37P E . 31.61 -2.35 17.18
C17 37P E . 30.33 -3.26 18.86
C8 37P E . 29.44 -3.07 19.90
C9 37P E . 28.99 -1.69 20.24
C14 37P E . 29.46 -0.60 19.51
O7 37P E . 28.96 -4.13 20.62
C6 37P E . 28.08 -3.92 21.65
C11 37P E . 27.65 -2.54 21.98
N10 37P E . 28.12 -1.49 21.26
C1 37P E . 27.57 -4.97 22.40
C2 37P E . 26.68 -4.72 23.44
O15 37P E . 26.19 -5.76 24.17
C3 37P E . 26.28 -3.43 23.74
C4 37P E . 26.76 -2.34 23.01
O2S 37P F . 0.80 30.39 -3.11
S 37P F . 0.67 31.75 -3.47
O1S 37P F . 1.84 32.52 -3.74
O5' 37P F . -0.01 32.44 -2.30
C5' 37P F . -0.31 33.83 -2.35
C4' 37P F . -0.60 34.40 -0.98
C3' 37P F . -1.94 34.03 -0.35
O3' 37P F . -1.92 32.80 0.33
C2' 37P F . -2.22 35.23 0.54
O2' 37P F . -1.45 35.17 1.74
C1' 37P F . -1.71 36.36 -0.33
N9A 37P F . -2.73 36.76 -1.33
C4A 37P F . -2.49 37.36 -2.50
N3A 37P F . -1.38 37.78 -3.14
C2A 37P F . -1.46 38.36 -4.35
N1A 37P F . -2.61 38.57 -5.01
C6A 37P F . -3.80 38.20 -4.48
N6A 37P F . -4.95 38.44 -5.15
C5A 37P F . -3.79 37.55 -3.15
N7A 37P F . -4.72 37.06 -2.32
C8A 37P F . -4.06 36.59 -1.23
O4' 37P F . -0.60 35.86 -1.05
N45 37P F . -0.31 31.75 -4.79
C44 37P F . -0.29 32.73 -5.70
O46 37P F . 0.24 33.81 -5.52
C43 37P F . -0.97 32.39 -7.00
C42 37P F . -1.35 33.63 -7.80
C16 37P F . -2.33 33.28 -8.92
C15 37P F . -2.70 34.48 -9.77
C13 37P F . -3.50 33.98 -10.95
C12 37P F . -4.97 33.97 -10.89
O16 37P F . -5.54 34.38 -9.85
C17 37P F . -5.72 33.50 -11.97
C8 37P F . -5.07 33.03 -13.11
C9 37P F . -3.59 33.04 -13.18
C14 37P F . -2.85 33.51 -12.10
O7 37P F . -5.80 32.56 -14.18
C6 37P F . -5.13 32.12 -15.30
C11 37P F . -3.65 32.14 -15.34
N10 37P F . -2.95 32.60 -14.28
C1 37P F . -5.83 31.63 -16.41
C2 37P F . -5.13 31.18 -17.52
O15 37P F . -5.81 30.71 -18.61
C3 37P F . -3.74 31.21 -17.56
C4 37P F . -3.00 31.68 -16.48
O2S 37P G . -17.32 -17.27 19.45
S 37P G . -17.58 -18.40 20.29
O1S 37P G . -18.88 -18.96 20.27
O5' 37P G . -17.29 -17.98 21.73
C5' 37P G . -18.28 -18.19 22.74
C4' 37P G . -17.73 -17.96 24.13
C3' 37P G . -16.75 -16.79 24.28
O3' 37P G . -17.42 -15.66 24.84
C2' 37P G . -15.76 -17.33 25.31
O2' 37P G . -16.24 -17.24 26.64
C1' 37P G . -15.66 -18.77 24.83
N9A 37P G . -14.94 -19.66 25.77
C4A 37P G . -14.84 -20.98 25.63
N3A 37P G . -15.32 -21.88 24.74
C2A 37P G . -15.05 -23.18 24.88
N1A 37P G . -14.30 -23.71 25.85
C6A 37P G . -13.75 -22.92 26.81
N6A 37P G . -12.99 -23.48 27.79
C5A 37P G . -14.01 -21.47 26.74
N7A 37P G . -13.66 -20.37 27.45
C8A 37P G . -14.22 -19.30 26.84
O4' 37P G . -17.00 -19.14 24.56
N45 37P G . -16.51 -19.58 19.87
C44 37P G . -16.50 -20.73 20.54
O46 37P G . -16.82 -20.82 21.70
C43 37P G . -16.06 -21.96 19.78
C42 37P G . -14.54 -21.94 19.58
C16 37P G . -13.97 -23.35 19.40
C15 37P G . -12.70 -23.53 20.25
C13 37P G . -11.74 -24.47 19.56
C12 37P G . -10.38 -24.68 20.12
O16 37P G . -10.03 -24.08 21.16
C17 37P G . -9.49 -25.55 19.49
C8 37P G . -9.88 -26.22 18.34
C9 37P G . -11.25 -26.02 17.78
C14 37P G . -12.12 -25.15 18.42
O7 37P G . -9.01 -27.08 17.72
C6 37P G . -9.40 -27.73 16.58
C11 37P G . -10.76 -27.51 16.04
N10 37P G . -11.62 -26.67 16.65
C1 37P G . -8.54 -28.60 15.92
C2 37P G . -8.96 -29.26 14.77
O15 37P G . -8.11 -30.11 14.13
C3 37P G . -10.24 -29.05 14.27
C4 37P G . -11.14 -28.19 14.88
O2S 37P H . -8.54 -14.44 -26.51
S 37P H . -9.25 -14.68 -27.71
O1S 37P H . -9.41 -16.03 -28.12
O5' 37P H . -8.46 -13.98 -28.81
C5' 37P H . -8.97 -13.89 -30.12
C4' 37P H . -7.95 -13.34 -31.08
C3' 37P H . -7.49 -11.90 -30.84
O3' 37P H . -6.47 -11.79 -29.86
C2' 37P H . -7.07 -11.45 -32.23
O2' 37P H . -5.81 -12.04 -32.58
C1' 37P H . -8.14 -12.12 -33.08
N9A 37P H . -9.32 -11.21 -33.18
C4A 37P H . -10.57 -11.55 -33.53
N3A 37P H . -11.18 -12.70 -33.87
C2A 37P H . -12.49 -12.72 -34.17
N1A 37P H . -13.27 -11.63 -34.16
C6A 37P H . -12.79 -10.42 -33.83
N6A 37P H . -13.60 -9.32 -33.82
C5A 37P H . -11.36 -10.32 -33.48
N7A 37P H . -10.52 -9.33 -33.12
C8A 37P H . -9.30 -9.89 -32.94
O4' 37P H . -8.51 -13.30 -32.42
N45 37P H . -10.73 -13.96 -27.58
C44 37P H . -11.75 -14.29 -28.38
O46 37P H . -11.75 -15.29 -29.09
C43 37P H . -12.94 -13.36 -28.42
C42 37P H . -13.28 -12.83 -27.03
C16 37P H . -14.76 -12.50 -26.89
C15 37P H . -15.20 -11.38 -27.82
C13 37P H . -16.42 -10.68 -27.24
C12 37P H . -16.77 -9.30 -27.69
O16 37P H . -16.06 -8.72 -28.54
C17 37P H . -17.87 -8.64 -27.16
C8 37P H . -18.66 -9.27 -26.22
C9 37P H . -18.32 -10.65 -25.76
C14 37P H . -17.21 -11.30 -26.29
O7 37P H . -19.75 -8.62 -25.70
C6 37P H . -20.52 -9.26 -24.77
C11 37P H . -20.17 -10.63 -24.33
N10 37P H . -19.09 -11.26 -24.84
C1 37P H . -21.63 -8.64 -24.22
C2 37P H . -22.40 -9.30 -23.27
O15 37P H . -23.49 -8.70 -22.74
C3 37P H . -22.07 -10.60 -22.86
C4 37P H . -20.97 -11.26 -23.38
#